data_8J9C
#
_entry.id   8J9C
#
_cell.length_a   104.842
_cell.length_b   94.512
_cell.length_c   144.495
_cell.angle_alpha   90.000
_cell.angle_beta   104.170
_cell.angle_gamma   90.000
#
_symmetry.space_group_name_H-M   'P 1 21 1'
#
loop_
_entity.id
_entity.type
_entity.pdbx_description
1 polymer 'Putative glycyl aminopeptidase'
2 non-polymer GLYCEROL
3 non-polymer 'ZINC ION'
4 non-polymer 'SODIUM ION'
5 water water
#
_entity_poly.entity_id   1
_entity_poly.type   'polypeptide(L)'
_entity_poly.pdbx_seq_one_letter_code
;GSSHHHHHHSSGLVPRGSH(MSE)(MSE)NVPTVLSLSLLAALSLPAAAATAAPQDVPFEGTLKIDVDATDLQHRIFKVK
TT(MSE)PATPGP(MSE)TLLYPQWIPGNHSPTGPIDKLAGLVIKVDGKVVPWTRDQFDVYAFKVDVPQGASELVAEFKF
LSPQASSQGRV(MSE)(MSE)TPE(MSE)LNLQWNTTALYPAGYFARNIKAQASVTLPAGWSYATA(MSE)ETERRVGDT
VTFKPIDFDDLVDSP(MSE)FAGKYYKRVELSAGKQPVYLNVFADEAKSLDAKPEQIKAHAALVQQ(MSE)DKLYGARHF
DHYEFLLALTKKLGGIGLEHHRSSENSGAPNYFTEWDKSWTGRDLLAHEFNHSWNGKYRRGADLATPNFNVP(MSE)GDS
LLWLYEGQTQFWGEV(MSE)SARSGLWTQEQARD(MSE)LAGVAAQYERGRPG(MSE)AWRTVQDTTNDPT(MSE)S
(MSE)RRPKAYRNYQ(MSE)SEDYYSGGQ(MSE)(MSE)WLEVDSKLRALTNNKRSIDDFGKAFFG(MSE)KNGDWDVNP
YTFDDIVSTLNGVAAFDWASFLRSR(MSE)DGHGSLIGGIEANGWKLVYNDEPNLATKTDESDDKDASLTYSLG(MSE)S
LKASGDISDVLWDGPAFNAGLITGNTIVAVNGRAFSSDVIKDAITAAKGTTVPIELLVKRLDRYDTVRIDYHGGLLYPHL
ERIAGKPDRLSELYKAR
;
_entity_poly.pdbx_strand_id   A,B,C,D
#
# COMPACT_ATOMS: atom_id res chain seq x y z
N ALA A 42 -11.92 33.28 -37.77
CA ALA A 42 -12.02 34.07 -38.99
C ALA A 42 -10.69 34.74 -39.34
N THR A 43 -9.67 33.91 -39.58
CA THR A 43 -8.34 34.39 -39.95
C THR A 43 -8.17 34.31 -41.47
N ALA A 44 -7.64 35.38 -42.05
CA ALA A 44 -7.44 35.42 -43.49
C ALA A 44 -6.49 34.30 -43.93
N ALA A 45 -6.73 33.79 -45.13
CA ALA A 45 -5.95 32.66 -45.62
C ALA A 45 -4.50 33.07 -45.85
N PRO A 46 -3.54 32.19 -45.56
CA PRO A 46 -2.14 32.51 -45.86
C PRO A 46 -1.91 32.56 -47.36
N GLN A 47 -1.07 33.51 -47.77
CA GLN A 47 -0.80 33.75 -49.18
C GLN A 47 0.68 33.56 -49.48
N ASP A 48 0.98 33.03 -50.66
CA ASP A 48 2.35 32.85 -51.12
C ASP A 48 2.92 34.19 -51.60
N VAL A 49 3.13 35.08 -50.64
CA VAL A 49 3.66 36.42 -50.88
C VAL A 49 4.92 36.60 -50.04
N PRO A 50 5.84 37.48 -50.44
CA PRO A 50 7.07 37.65 -49.66
C PRO A 50 6.78 38.23 -48.28
N PHE A 51 7.56 37.80 -47.30
CA PHE A 51 7.51 38.38 -45.96
C PHE A 51 8.74 39.27 -45.78
N GLU A 52 8.51 40.55 -45.46
CA GLU A 52 9.59 41.50 -45.29
C GLU A 52 10.20 41.38 -43.90
N GLY A 53 11.51 41.16 -43.84
CA GLY A 53 12.22 41.12 -42.57
C GLY A 53 12.41 39.72 -42.03
N THR A 54 12.75 39.67 -40.74
CA THR A 54 13.07 38.43 -40.05
C THR A 54 12.27 38.33 -38.76
N LEU A 55 11.71 37.15 -38.50
CA LEU A 55 11.03 36.85 -37.25
C LEU A 55 12.05 36.32 -36.24
N LYS A 56 12.34 37.10 -35.21
CA LYS A 56 13.32 36.72 -34.19
C LYS A 56 12.63 36.07 -33.01
N ILE A 57 13.08 34.88 -32.63
CA ILE A 57 12.51 34.13 -31.52
C ILE A 57 13.63 33.84 -30.53
N ASP A 58 13.54 34.45 -29.35
CA ASP A 58 14.52 34.28 -28.29
C ASP A 58 13.85 33.55 -27.12
N VAL A 59 14.42 32.42 -26.71
CA VAL A 59 13.83 31.55 -25.70
C VAL A 59 14.79 31.41 -24.53
N ASP A 60 14.27 31.61 -23.32
CA ASP A 60 14.99 31.32 -22.09
C ASP A 60 14.48 29.99 -21.57
N ALA A 61 15.35 28.98 -21.55
CA ALA A 61 14.98 27.63 -21.12
C ALA A 61 15.70 27.23 -19.83
N THR A 62 15.76 28.16 -18.87
CA THR A 62 16.50 27.89 -17.63
C THR A 62 15.60 27.54 -16.45
N ASP A 63 14.31 27.85 -16.49
CA ASP A 63 13.43 27.59 -15.36
C ASP A 63 12.98 26.13 -15.38
N LEU A 64 13.92 25.26 -15.01
CA LEU A 64 13.63 23.83 -14.97
C LEU A 64 12.67 23.46 -13.85
N GLN A 65 12.70 24.21 -12.74
CA GLN A 65 11.87 23.85 -11.59
C GLN A 65 10.38 23.99 -11.91
N HIS A 66 9.98 25.14 -12.46
CA HIS A 66 8.60 25.34 -12.85
C HIS A 66 8.29 24.78 -14.22
N ARG A 67 9.32 24.35 -14.97
CA ARG A 67 9.17 23.82 -16.32
C ARG A 67 8.58 24.87 -17.27
N ILE A 68 9.13 26.08 -17.22
CA ILE A 68 8.65 27.22 -17.97
C ILE A 68 9.69 27.60 -19.01
N PHE A 69 9.24 27.80 -20.25
CA PHE A 69 10.02 28.43 -21.31
C PHE A 69 9.59 29.90 -21.42
N LYS A 70 10.54 30.82 -21.24
CA LYS A 70 10.27 32.24 -21.44
C LYS A 70 10.59 32.62 -22.88
N VAL A 71 9.68 33.37 -23.51
CA VAL A 71 9.76 33.62 -24.94
C VAL A 71 9.67 35.12 -25.20
N LYS A 72 10.51 35.60 -26.12
CA LYS A 72 10.39 36.94 -26.69
C LYS A 72 10.47 36.80 -28.20
N THR A 73 9.41 37.23 -28.88
CA THR A 73 9.35 37.19 -30.33
C THR A 73 9.33 38.62 -30.87
N THR A 74 10.20 38.91 -31.82
CA THR A 74 10.35 40.23 -32.39
C THR A 74 10.17 40.14 -33.90
N PRO A 76 9.00 42.56 -37.78
CA PRO A 76 8.63 43.83 -38.41
C PRO A 76 7.13 44.08 -38.28
N ALA A 77 6.77 45.34 -38.04
CA ALA A 77 5.39 45.75 -37.85
C ALA A 77 5.09 46.98 -38.68
N THR A 78 4.10 46.88 -39.54
CA THR A 78 3.50 47.91 -40.38
C THR A 78 2.18 48.38 -39.77
N PRO A 79 1.91 49.69 -39.75
CA PRO A 79 0.68 50.19 -39.10
C PRO A 79 -0.59 49.54 -39.62
N GLY A 80 -1.60 49.51 -38.75
CA GLY A 80 -2.88 48.92 -39.05
C GLY A 80 -3.17 47.65 -38.27
N PRO A 81 -4.29 46.99 -38.59
CA PRO A 81 -4.63 45.73 -37.91
C PRO A 81 -3.62 44.65 -38.24
N THR A 83 -2.63 40.32 -37.07
CA THR A 83 -3.00 39.10 -36.37
C THR A 83 -1.79 38.19 -36.24
N LEU A 84 -1.50 37.77 -35.01
CA LEU A 84 -0.42 36.84 -34.73
C LEU A 84 -0.99 35.46 -34.44
N LEU A 85 -0.31 34.42 -34.94
CA LEU A 85 -0.79 33.05 -34.83
C LEU A 85 0.16 32.24 -33.95
N TYR A 86 -0.42 31.45 -33.05
CA TYR A 86 0.27 30.38 -32.34
C TYR A 86 0.08 29.08 -33.11
N PRO A 87 1.15 28.37 -33.45
CA PRO A 87 1.00 27.16 -34.29
C PRO A 87 0.01 26.17 -33.71
N GLN A 88 -0.91 25.73 -34.56
CA GLN A 88 -2.02 24.87 -34.16
C GLN A 88 -1.87 23.45 -34.69
N TRP A 89 -1.79 23.28 -36.01
CA TRP A 89 -1.56 21.97 -36.62
C TRP A 89 -0.06 21.76 -36.77
N ILE A 90 0.46 20.73 -36.11
CA ILE A 90 1.90 20.51 -35.98
C ILE A 90 2.31 19.37 -36.90
N PRO A 91 3.21 19.59 -37.86
CA PRO A 91 3.62 18.52 -38.77
C PRO A 91 4.20 17.34 -38.01
N GLY A 92 3.80 16.13 -38.39
CA GLY A 92 4.18 14.91 -37.73
C GLY A 92 3.16 14.40 -36.73
N ASN A 93 2.35 15.30 -36.17
CA ASN A 93 1.25 14.90 -35.30
C ASN A 93 -0.07 14.73 -36.06
N HIS A 94 -0.19 15.36 -37.24
CA HIS A 94 -1.36 15.22 -38.10
C HIS A 94 -2.65 15.63 -37.39
N SER A 95 -2.56 16.57 -36.45
CA SER A 95 -3.70 16.95 -35.63
C SER A 95 -3.41 18.31 -35.02
N PRO A 96 -4.45 19.01 -34.52
CA PRO A 96 -4.21 20.34 -33.93
C PRO A 96 -3.72 20.25 -32.48
N THR A 97 -2.45 19.86 -32.33
CA THR A 97 -1.86 19.63 -31.02
C THR A 97 -1.22 20.88 -30.39
N GLY A 98 -1.22 22.01 -31.09
CA GLY A 98 -0.67 23.22 -30.53
C GLY A 98 -1.26 23.53 -29.17
N PRO A 99 -0.41 23.60 -28.12
CA PRO A 99 -0.91 23.73 -26.73
C PRO A 99 -1.26 25.18 -26.37
N ILE A 100 -2.36 25.66 -26.96
CA ILE A 100 -2.71 27.07 -26.84
C ILE A 100 -3.00 27.46 -25.39
N ASP A 101 -3.52 26.53 -24.59
CA ASP A 101 -3.86 26.88 -23.22
C ASP A 101 -2.65 26.94 -22.29
N LYS A 102 -1.46 26.59 -22.77
CA LYS A 102 -0.23 26.72 -22.01
C LYS A 102 0.54 27.99 -22.35
N LEU A 103 0.00 28.84 -23.23
CA LEU A 103 0.58 30.14 -23.53
C LEU A 103 0.03 31.15 -22.52
N ALA A 104 0.91 31.69 -21.69
CA ALA A 104 0.50 32.59 -20.61
C ALA A 104 1.41 33.81 -20.56
N GLY A 105 0.96 34.82 -19.84
CA GLY A 105 1.74 36.03 -19.64
C GLY A 105 1.99 36.83 -20.90
N LEU A 106 1.11 36.72 -21.89
CA LEU A 106 1.32 37.38 -23.18
C LEU A 106 1.21 38.90 -23.02
N VAL A 107 2.29 39.60 -23.35
CA VAL A 107 2.31 41.06 -23.40
C VAL A 107 2.94 41.46 -24.73
N ILE A 108 2.25 42.30 -25.50
CA ILE A 108 2.68 42.72 -26.82
C ILE A 108 2.96 44.21 -26.78
N LYS A 109 4.15 44.60 -27.25
CA LYS A 109 4.56 46.00 -27.27
C LYS A 109 4.94 46.41 -28.68
N VAL A 110 4.50 47.60 -29.07
CA VAL A 110 4.89 48.23 -30.33
C VAL A 110 5.73 49.45 -29.97
N ASP A 111 7.01 49.42 -30.37
CA ASP A 111 7.95 50.50 -30.07
C ASP A 111 7.97 50.82 -28.57
N GLY A 112 7.93 49.76 -27.75
CA GLY A 112 8.02 49.92 -26.31
C GLY A 112 6.72 50.18 -25.59
N LYS A 113 5.63 50.41 -26.31
CA LYS A 113 4.33 50.73 -25.71
C LYS A 113 3.41 49.51 -25.83
N VAL A 114 2.83 49.11 -24.70
CA VAL A 114 1.91 47.97 -24.69
C VAL A 114 0.70 48.26 -25.57
N VAL A 115 0.34 47.30 -26.40
CA VAL A 115 -0.90 47.37 -27.17
C VAL A 115 -1.80 46.23 -26.72
N PRO A 116 -3.11 46.48 -26.52
CA PRO A 116 -4.00 45.41 -26.09
C PRO A 116 -4.23 44.41 -27.20
N TRP A 117 -4.32 43.14 -26.82
CA TRP A 117 -4.63 42.08 -27.77
C TRP A 117 -6.02 41.50 -27.49
N THR A 118 -6.67 41.07 -28.57
CA THR A 118 -7.99 40.46 -28.52
C THR A 118 -7.92 39.13 -29.25
N ARG A 119 -8.26 38.04 -28.57
CA ARG A 119 -8.27 36.72 -29.18
C ARG A 119 -9.51 36.55 -30.04
N ASP A 120 -9.33 35.89 -31.20
CA ASP A 120 -10.46 35.55 -32.06
C ASP A 120 -11.24 34.41 -31.42
N GLN A 121 -12.49 34.68 -31.05
CA GLN A 121 -13.28 33.65 -30.38
C GLN A 121 -13.64 32.50 -31.30
N PHE A 122 -13.50 32.67 -32.61
CA PHE A 122 -13.69 31.59 -33.57
C PHE A 122 -12.37 31.05 -34.10
N ASP A 123 -11.25 31.53 -33.54
CA ASP A 123 -9.92 30.99 -33.83
C ASP A 123 -9.01 31.31 -32.65
N VAL A 124 -9.03 30.46 -31.63
CA VAL A 124 -8.42 30.78 -30.33
C VAL A 124 -6.90 30.79 -30.43
N TYR A 125 -6.34 30.43 -31.57
CA TYR A 125 -4.90 30.52 -31.80
C TYR A 125 -4.48 31.86 -32.41
N ALA A 126 -5.41 32.77 -32.65
CA ALA A 126 -5.15 34.02 -33.34
C ALA A 126 -5.33 35.20 -32.40
N PHE A 127 -4.31 36.06 -32.33
CA PHE A 127 -4.31 37.25 -31.48
C PHE A 127 -4.31 38.50 -32.34
N LYS A 128 -5.25 39.41 -32.10
CA LYS A 128 -5.43 40.61 -32.91
C LYS A 128 -4.92 41.83 -32.13
N VAL A 129 -4.12 42.66 -32.81
CA VAL A 129 -3.67 43.93 -32.26
C VAL A 129 -3.82 45.01 -33.34
N ASP A 130 -3.78 46.26 -32.89
CA ASP A 130 -3.78 47.43 -33.76
C ASP A 130 -2.41 48.10 -33.64
N VAL A 131 -1.70 48.21 -34.75
CA VAL A 131 -0.36 48.77 -34.76
C VAL A 131 -0.47 50.27 -35.05
N PRO A 132 0.03 51.14 -34.17
CA PRO A 132 -0.13 52.58 -34.38
C PRO A 132 0.68 53.10 -35.56
N GLN A 133 0.29 54.29 -36.03
CA GLN A 133 0.98 54.95 -37.12
C GLN A 133 2.44 55.22 -36.78
N GLY A 134 3.31 55.11 -37.78
CA GLY A 134 4.72 55.34 -37.64
C GLY A 134 5.50 54.20 -37.01
N ALA A 135 4.84 53.09 -36.71
CA ALA A 135 5.52 51.98 -36.05
C ALA A 135 6.36 51.19 -37.04
N SER A 136 7.34 50.47 -36.49
CA SER A 136 8.27 49.66 -37.26
C SER A 136 8.33 48.22 -36.79
N GLU A 137 8.26 47.99 -35.49
CA GLU A 137 8.59 46.68 -34.91
C GLU A 137 7.60 46.31 -33.81
N LEU A 138 7.23 45.03 -33.78
CA LEU A 138 6.36 44.47 -32.76
C LEU A 138 7.14 43.44 -31.92
N VAL A 139 6.95 43.51 -30.61
CA VAL A 139 7.59 42.57 -29.68
C VAL A 139 6.49 41.91 -28.86
N ALA A 140 6.46 40.58 -28.89
CA ALA A 140 5.53 39.79 -28.08
C ALA A 140 6.34 38.96 -27.09
N GLU A 141 5.98 39.07 -25.82
CA GLU A 141 6.62 38.29 -24.76
C GLU A 141 5.58 37.42 -24.08
N PHE A 142 5.95 36.16 -23.81
CA PHE A 142 5.05 35.25 -23.15
C PHE A 142 5.85 34.09 -22.59
N LYS A 143 5.16 33.19 -21.91
CA LYS A 143 5.76 31.99 -21.32
C LYS A 143 5.00 30.77 -21.81
N PHE A 144 5.73 29.71 -22.12
CA PHE A 144 5.14 28.42 -22.41
C PHE A 144 5.28 27.56 -21.15
N LEU A 145 4.15 27.23 -20.52
CA LEU A 145 4.14 26.46 -19.28
C LEU A 145 4.07 24.98 -19.66
N SER A 146 5.24 24.38 -19.87
CA SER A 146 5.30 22.99 -20.30
C SER A 146 4.79 22.07 -19.20
N PRO A 147 4.40 20.84 -19.55
CA PRO A 147 3.71 19.98 -18.58
C PRO A 147 4.51 19.76 -17.30
N GLN A 148 3.87 20.00 -16.16
CA GLN A 148 4.44 19.71 -14.87
C GLN A 148 4.13 18.29 -14.41
N ALA A 149 3.29 17.58 -15.15
CA ALA A 149 3.02 16.17 -14.93
C ALA A 149 2.46 15.61 -16.24
N SER A 150 2.51 14.28 -16.37
CA SER A 150 2.09 13.65 -17.61
C SER A 150 0.64 13.95 -17.94
N SER A 151 -0.18 14.27 -16.93
CA SER A 151 -1.58 14.58 -17.16
C SER A 151 -1.78 15.84 -18.00
N GLN A 152 -0.78 16.71 -18.07
CA GLN A 152 -0.87 17.94 -18.86
C GLN A 152 -0.26 17.78 -20.25
N GLY A 153 0.28 16.61 -20.56
CA GLY A 153 1.04 16.40 -21.77
C GLY A 153 2.40 15.83 -21.46
N ARG A 154 3.17 15.58 -22.51
CA ARG A 154 4.46 14.94 -22.32
C ARG A 154 5.47 15.93 -21.72
N VAL A 155 6.20 15.46 -20.71
CA VAL A 155 7.14 16.30 -19.99
C VAL A 155 8.30 16.68 -20.89
N THR A 158 13.45 18.36 -17.41
CA THR A 158 13.90 17.56 -16.28
C THR A 158 15.13 18.21 -15.68
N PRO A 159 15.57 17.76 -14.50
CA PRO A 159 16.82 18.30 -13.94
C PRO A 159 18.05 17.97 -14.75
N GLU A 160 17.98 17.01 -15.69
CA GLU A 160 19.15 16.62 -16.47
C GLU A 160 19.03 16.92 -17.95
N LEU A 162 16.32 18.68 -21.44
CA LEU A 162 15.12 19.37 -21.88
C LEU A 162 14.92 19.13 -23.38
N ASN A 163 13.69 19.37 -23.82
CA ASN A 163 13.28 19.19 -25.21
C ASN A 163 12.56 20.46 -25.62
N LEU A 164 13.14 21.20 -26.56
CA LEU A 164 12.59 22.46 -27.04
C LEU A 164 11.99 22.23 -28.42
N GLN A 165 10.67 22.39 -28.52
CA GLN A 165 9.96 22.34 -29.80
C GLN A 165 9.52 23.76 -30.13
N TRP A 166 10.08 24.32 -31.20
CA TRP A 166 9.97 25.75 -31.45
C TRP A 166 8.54 26.19 -31.73
N ASN A 167 7.64 25.27 -32.12
CA ASN A 167 6.25 25.65 -32.32
C ASN A 167 5.59 26.06 -31.02
N THR A 168 6.06 25.52 -29.88
CA THR A 168 5.50 25.90 -28.58
C THR A 168 5.98 27.27 -28.12
N THR A 169 7.03 27.80 -28.72
CA THR A 169 7.64 29.07 -28.33
C THR A 169 7.67 30.05 -29.50
N ALA A 170 6.57 30.15 -30.24
CA ALA A 170 6.57 30.99 -31.43
C ALA A 170 5.20 31.62 -31.64
N LEU A 171 5.22 32.88 -32.06
CA LEU A 171 4.07 33.57 -32.65
C LEU A 171 4.52 34.14 -33.98
N TYR A 172 3.68 34.00 -35.00
CA TYR A 172 4.07 34.43 -36.34
C TYR A 172 2.91 35.12 -37.04
N PRO A 173 3.21 36.00 -38.00
CA PRO A 173 2.13 36.78 -38.63
C PRO A 173 1.24 35.91 -39.50
N ALA A 174 -0.06 36.14 -39.40
CA ALA A 174 -1.03 35.52 -40.28
C ALA A 174 -0.89 36.09 -41.69
N GLY A 175 -1.42 35.35 -42.66
CA GLY A 175 -1.47 35.80 -44.04
C GLY A 175 -0.31 35.41 -44.91
N TYR A 176 0.66 34.63 -44.39
CA TYR A 176 1.84 34.26 -45.15
C TYR A 176 2.03 32.75 -45.12
N PHE A 177 2.45 32.19 -46.25
CA PHE A 177 3.00 30.84 -46.25
C PHE A 177 4.15 30.79 -45.26
N ALA A 178 4.17 29.75 -44.42
CA ALA A 178 5.19 29.66 -43.39
C ALA A 178 6.59 29.63 -43.97
N ARG A 179 6.76 29.03 -45.15
CA ARG A 179 8.08 28.93 -45.77
C ARG A 179 8.60 30.27 -46.24
N ASN A 180 7.76 31.30 -46.34
CA ASN A 180 8.20 32.63 -46.80
C ASN A 180 8.71 33.50 -45.66
N ILE A 181 8.56 33.08 -44.42
CA ILE A 181 8.95 33.88 -43.26
C ILE A 181 10.35 33.46 -42.84
N LYS A 182 11.32 34.35 -43.05
CA LYS A 182 12.66 34.12 -42.53
C LYS A 182 12.67 34.31 -41.02
N ALA A 183 13.27 33.37 -40.30
CA ALA A 183 13.32 33.41 -38.85
C ALA A 183 14.76 33.30 -38.38
N GLN A 184 15.01 33.78 -37.16
CA GLN A 184 16.30 33.60 -36.51
C GLN A 184 16.05 33.34 -35.03
N ALA A 185 16.54 32.21 -34.55
CA ALA A 185 16.25 31.75 -33.19
C ALA A 185 17.49 31.82 -32.31
N SER A 186 17.25 31.98 -31.01
CA SER A 186 18.29 31.88 -30.00
C SER A 186 17.69 31.28 -28.75
N VAL A 187 18.53 30.65 -27.94
CA VAL A 187 18.07 30.00 -26.71
C VAL A 187 19.16 30.13 -25.66
N THR A 188 18.74 30.42 -24.43
CA THR A 188 19.61 30.41 -23.27
C THR A 188 19.42 29.10 -22.53
N LEU A 189 20.49 28.32 -22.39
CA LEU A 189 20.47 26.99 -21.81
C LEU A 189 20.77 27.03 -20.32
N PRO A 190 20.39 25.99 -19.57
CA PRO A 190 20.95 25.83 -18.22
C PRO A 190 22.47 25.77 -18.30
N ALA A 191 23.11 26.28 -17.24
CA ALA A 191 24.55 26.49 -17.26
C ALA A 191 25.31 25.21 -17.61
N GLY A 192 26.15 25.29 -18.63
CA GLY A 192 27.03 24.21 -19.01
C GLY A 192 26.39 23.08 -19.80
N TRP A 193 25.10 23.16 -20.08
CA TRP A 193 24.43 22.05 -20.77
C TRP A 193 24.86 21.98 -22.23
N SER A 194 24.97 20.75 -22.74
CA SER A 194 25.17 20.53 -24.16
C SER A 194 23.82 20.53 -24.89
N TYR A 195 23.88 20.65 -26.22
CA TYR A 195 22.66 20.67 -27.02
C TYR A 195 22.93 20.04 -28.38
N ALA A 196 21.84 19.67 -29.04
CA ALA A 196 21.92 19.08 -30.38
C ALA A 196 20.65 19.43 -31.15
N THR A 197 20.83 19.80 -32.41
CA THR A 197 19.74 20.15 -33.31
C THR A 197 20.30 20.15 -34.73
N ALA A 198 19.41 19.92 -35.70
CA ALA A 198 19.82 20.01 -37.10
C ALA A 198 20.09 21.45 -37.50
N GLU A 200 21.69 24.99 -37.79
CA GLU A 200 23.09 25.36 -37.68
C GLU A 200 23.28 26.52 -36.70
N THR A 201 24.32 26.41 -35.88
CA THR A 201 24.64 27.42 -34.87
C THR A 201 25.50 28.52 -35.47
N GLU A 202 25.17 29.77 -35.15
CA GLU A 202 26.02 30.89 -35.51
C GLU A 202 27.11 31.12 -34.48
N ARG A 203 26.75 31.12 -33.20
CA ARG A 203 27.72 31.28 -32.12
C ARG A 203 27.05 30.87 -30.81
N ARG A 204 27.87 30.42 -29.86
CA ARG A 204 27.47 30.22 -28.47
C ARG A 204 28.30 31.15 -27.60
N VAL A 205 27.63 32.06 -26.90
CA VAL A 205 28.28 32.99 -25.99
C VAL A 205 27.81 32.65 -24.59
N GLY A 206 28.71 32.08 -23.78
CA GLY A 206 28.32 31.58 -22.48
C GLY A 206 27.34 30.43 -22.62
N ASP A 207 26.09 30.64 -22.21
CA ASP A 207 25.04 29.65 -22.33
C ASP A 207 23.94 30.07 -23.30
N THR A 208 24.17 31.13 -24.08
CA THR A 208 23.20 31.60 -25.07
C THR A 208 23.66 31.17 -26.47
N VAL A 209 22.86 30.32 -27.10
CA VAL A 209 23.15 29.82 -28.44
C VAL A 209 22.36 30.67 -29.44
N THR A 210 23.05 31.27 -30.39
CA THR A 210 22.43 32.00 -31.49
C THR A 210 22.52 31.16 -32.75
N PHE A 211 21.39 30.87 -33.37
CA PHE A 211 21.34 30.07 -34.58
C PHE A 211 21.32 30.96 -35.82
N LYS A 212 21.79 30.40 -36.93
CA LYS A 212 21.75 31.10 -38.20
C LYS A 212 20.31 31.22 -38.70
N PRO A 213 20.03 32.22 -39.55
CA PRO A 213 18.67 32.37 -40.09
C PRO A 213 18.21 31.12 -40.81
N ILE A 214 16.89 30.91 -40.78
CA ILE A 214 16.27 29.73 -41.38
C ILE A 214 14.82 30.07 -41.64
N ASP A 215 14.22 29.39 -42.62
CA ASP A 215 12.80 29.58 -42.88
C ASP A 215 11.99 29.12 -41.67
N PHE A 216 10.90 29.82 -41.38
CA PHE A 216 10.15 29.57 -40.17
C PHE A 216 9.60 28.15 -40.12
N ASP A 217 9.19 27.60 -41.27
CA ASP A 217 8.68 26.23 -41.25
C ASP A 217 9.79 25.24 -40.93
N ASP A 218 11.02 25.51 -41.38
CA ASP A 218 12.14 24.66 -41.02
C ASP A 218 12.60 24.89 -39.59
N LEU A 219 12.37 26.09 -39.04
CA LEU A 219 12.65 26.31 -37.62
C LEU A 219 11.78 25.39 -36.77
N VAL A 220 10.48 25.35 -37.06
CA VAL A 220 9.57 24.45 -36.35
C VAL A 220 10.02 23.00 -36.55
N ASP A 221 10.58 22.69 -37.72
CA ASP A 221 11.04 21.34 -38.03
C ASP A 221 12.44 21.05 -37.49
N SER A 222 13.01 21.94 -36.67
CA SER A 222 14.38 21.79 -36.17
C SER A 222 14.39 21.80 -34.63
N PRO A 223 13.83 20.77 -34.00
CA PRO A 223 13.81 20.74 -32.53
C PRO A 223 15.20 20.61 -31.95
N PHE A 225 17.35 19.06 -28.46
CA PHE A 225 17.56 18.42 -27.16
C PHE A 225 18.73 19.10 -26.47
N ALA A 226 18.66 19.19 -25.15
CA ALA A 226 19.75 19.72 -24.35
C ALA A 226 19.83 18.95 -23.05
N GLY A 227 21.04 18.83 -22.50
CA GLY A 227 21.20 18.08 -21.27
C GLY A 227 22.65 18.11 -20.81
N LYS A 228 22.85 17.59 -19.59
CA LYS A 228 24.18 17.58 -18.99
C LYS A 228 24.96 16.30 -19.29
N TYR A 229 24.27 15.22 -19.66
CA TYR A 229 24.90 13.93 -19.95
C TYR A 229 24.68 13.64 -21.43
N TYR A 230 25.70 13.90 -22.24
CA TYR A 230 25.56 13.96 -23.70
C TYR A 230 26.69 13.20 -24.37
N LYS A 231 26.34 12.45 -25.42
CA LYS A 231 27.34 11.80 -26.26
C LYS A 231 26.93 11.96 -27.72
N ARG A 232 27.89 12.39 -28.54
CA ARG A 232 27.70 12.55 -29.98
C ARG A 232 28.47 11.45 -30.70
N VAL A 233 27.78 10.69 -31.53
CA VAL A 233 28.37 9.57 -32.26
C VAL A 233 28.12 9.77 -33.75
N GLU A 234 29.18 9.68 -34.54
CA GLU A 234 29.06 9.78 -35.99
C GLU A 234 28.61 8.43 -36.55
N LEU A 235 27.51 8.44 -37.31
CA LEU A 235 27.01 7.22 -37.94
C LEU A 235 27.42 7.10 -39.40
N SER A 236 27.60 8.22 -40.09
CA SER A 236 28.03 8.21 -41.48
C SER A 236 28.80 9.49 -41.76
N ALA A 237 29.99 9.36 -42.33
CA ALA A 237 30.76 10.51 -42.77
C ALA A 237 30.35 10.87 -44.20
N GLY A 238 31.09 11.76 -44.83
CA GLY A 238 30.80 12.15 -46.20
C GLY A 238 30.15 13.51 -46.29
N LYS A 239 29.56 13.77 -47.46
CA LYS A 239 28.99 15.08 -47.73
C LYS A 239 27.63 15.29 -47.09
N GLN A 240 26.90 14.21 -46.78
CA GLN A 240 25.60 14.29 -46.11
C GLN A 240 25.67 13.45 -44.84
N PRO A 241 26.39 13.92 -43.82
CA PRO A 241 26.69 13.07 -42.66
C PRO A 241 25.49 12.88 -41.76
N VAL A 242 25.55 11.79 -40.97
CA VAL A 242 24.50 11.41 -40.04
C VAL A 242 25.15 11.19 -38.68
N TYR A 243 24.57 11.82 -37.64
CA TYR A 243 25.11 11.74 -36.28
C TYR A 243 24.01 11.29 -35.33
N LEU A 244 24.44 10.62 -34.26
CA LEU A 244 23.55 10.18 -33.18
C LEU A 244 23.87 10.98 -31.93
N ASN A 245 22.89 11.72 -31.42
CA ASN A 245 23.05 12.56 -30.23
C ASN A 245 22.25 11.95 -29.09
N VAL A 246 22.95 11.49 -28.06
CA VAL A 246 22.35 10.77 -26.94
C VAL A 246 22.43 11.64 -25.69
N PHE A 247 21.27 11.87 -25.07
CA PHE A 247 21.15 12.51 -23.76
C PHE A 247 20.53 11.51 -22.80
N ALA A 248 21.00 11.52 -21.55
CA ALA A 248 20.58 10.51 -20.59
C ALA A 248 20.34 11.13 -19.22
N ASP A 249 19.47 10.47 -18.44
CA ASP A 249 19.29 10.85 -17.04
C ASP A 249 20.58 10.70 -16.26
N GLU A 250 21.35 9.65 -16.58
CA GLU A 250 22.61 9.36 -15.90
C GLU A 250 23.65 9.02 -16.95
N ALA A 251 24.91 9.42 -16.66
CA ALA A 251 25.97 9.28 -17.66
C ALA A 251 26.22 7.83 -18.05
N LYS A 252 25.95 6.88 -17.14
CA LYS A 252 26.26 5.48 -17.43
C LYS A 252 25.46 4.95 -18.61
N SER A 253 24.29 5.53 -18.89
CA SER A 253 23.47 5.05 -20.00
C SER A 253 24.08 5.35 -21.37
N LEU A 254 25.11 6.20 -21.43
CA LEU A 254 25.71 6.59 -22.70
C LEU A 254 26.77 5.62 -23.21
N ASP A 255 27.06 4.54 -22.48
CA ASP A 255 28.15 3.63 -22.82
C ASP A 255 27.69 2.65 -23.90
N ALA A 256 27.58 3.17 -25.12
CA ALA A 256 27.24 2.34 -26.27
C ALA A 256 28.46 1.54 -26.71
N LYS A 257 28.26 0.25 -26.95
CA LYS A 257 29.33 -0.64 -27.36
C LYS A 257 29.54 -0.57 -28.88
N PRO A 258 30.72 -0.96 -29.37
CA PRO A 258 30.99 -0.81 -30.82
C PRO A 258 29.98 -1.52 -31.71
N GLU A 259 29.58 -2.75 -31.37
CA GLU A 259 28.63 -3.47 -32.20
C GLU A 259 27.25 -2.80 -32.18
N GLN A 260 26.89 -2.16 -31.07
CA GLN A 260 25.60 -1.46 -31.00
C GLN A 260 25.60 -0.21 -31.86
N ILE A 261 26.69 0.55 -31.84
CA ILE A 261 26.82 1.71 -32.73
C ILE A 261 26.84 1.24 -34.18
N LYS A 262 27.50 0.11 -34.45
CA LYS A 262 27.58 -0.42 -35.80
C LYS A 262 26.20 -0.71 -36.37
N ALA A 263 25.28 -1.25 -35.56
CA ALA A 263 23.93 -1.51 -36.03
C ALA A 263 23.24 -0.22 -36.45
N HIS A 264 23.48 0.88 -35.72
CA HIS A 264 22.92 2.16 -36.12
C HIS A 264 23.58 2.68 -37.40
N ALA A 265 24.89 2.49 -37.53
CA ALA A 265 25.57 2.84 -38.78
C ALA A 265 25.06 2.00 -39.94
N ALA A 266 24.79 0.71 -39.68
CA ALA A 266 24.25 -0.15 -40.72
C ALA A 266 22.86 0.30 -41.15
N LEU A 267 22.08 0.85 -40.22
CA LEU A 267 20.77 1.41 -40.58
C LEU A 267 20.92 2.47 -41.66
N VAL A 268 21.90 3.36 -41.53
CA VAL A 268 22.12 4.39 -42.53
C VAL A 268 22.52 3.76 -43.86
N GLN A 269 23.37 2.74 -43.81
CA GLN A 269 23.82 2.08 -45.03
C GLN A 269 22.66 1.38 -45.74
N GLN A 270 21.81 0.69 -44.97
CA GLN A 270 20.69 -0.02 -45.58
C GLN A 270 19.66 0.93 -46.18
N ASP A 272 20.51 3.67 -47.59
CA ASP A 272 21.14 4.04 -48.85
C ASP A 272 20.86 2.99 -49.92
N LYS A 273 20.95 1.71 -49.57
CA LYS A 273 20.69 0.65 -50.54
C LYS A 273 19.26 0.72 -51.05
N LEU A 274 18.32 1.08 -50.19
CA LEU A 274 16.91 1.12 -50.59
C LEU A 274 16.60 2.32 -51.46
N TYR A 275 16.96 3.52 -51.00
CA TYR A 275 16.54 4.75 -51.68
C TYR A 275 17.57 5.29 -52.66
N GLY A 276 18.86 5.10 -52.41
CA GLY A 276 19.86 5.66 -53.29
C GLY A 276 20.01 7.17 -53.23
N ALA A 277 19.41 7.81 -52.24
CA ALA A 277 19.51 9.26 -52.08
C ALA A 277 19.18 9.61 -50.64
N ARG A 278 19.70 10.75 -50.19
CA ARG A 278 19.44 11.26 -48.85
C ARG A 278 18.82 12.64 -48.96
N HIS A 279 17.68 12.83 -48.29
CA HIS A 279 16.94 14.09 -48.38
C HIS A 279 17.24 14.99 -47.19
N PHE A 280 18.51 15.39 -47.13
CA PHE A 280 19.04 16.31 -46.14
C PHE A 280 20.47 16.63 -46.53
N ASP A 281 20.96 17.79 -46.09
CA ASP A 281 22.39 18.05 -46.18
C ASP A 281 23.14 17.43 -45.02
N HIS A 282 22.45 17.16 -43.91
CA HIS A 282 22.97 16.39 -42.78
C HIS A 282 21.78 15.97 -41.92
N TYR A 283 21.98 14.94 -41.10
CA TYR A 283 20.92 14.41 -40.27
C TYR A 283 21.40 14.21 -38.84
N GLU A 284 20.56 14.61 -37.88
CA GLU A 284 20.91 14.56 -36.46
C GLU A 284 19.83 13.77 -35.70
N PHE A 285 20.14 12.50 -35.38
CA PHE A 285 19.29 11.77 -34.44
C PHE A 285 19.34 12.42 -33.08
N LEU A 286 18.18 12.64 -32.47
CA LEU A 286 18.08 13.09 -31.09
C LEU A 286 17.44 11.97 -30.28
N LEU A 287 18.20 11.44 -29.32
CA LEU A 287 17.79 10.27 -28.55
C LEU A 287 17.91 10.58 -27.06
N ALA A 288 16.81 10.50 -26.34
CA ALA A 288 16.77 10.71 -24.89
C ALA A 288 16.61 9.36 -24.21
N LEU A 289 17.60 8.98 -23.39
CA LEU A 289 17.54 7.75 -22.59
C LEU A 289 17.12 8.18 -21.19
N THR A 290 15.83 7.98 -20.87
CA THR A 290 15.25 8.71 -19.77
C THR A 290 14.06 7.94 -19.20
N LYS A 291 13.77 8.24 -17.93
CA LYS A 291 12.51 7.89 -17.31
C LYS A 291 11.73 9.13 -16.89
N LYS A 292 12.25 10.32 -17.19
CA LYS A 292 11.67 11.59 -16.76
C LYS A 292 11.07 12.38 -17.91
N LEU A 293 11.76 12.47 -19.04
CA LEU A 293 11.20 13.13 -20.21
C LEU A 293 10.04 12.32 -20.78
N GLY A 294 9.02 13.02 -21.24
CA GLY A 294 7.90 12.33 -21.87
C GLY A 294 8.34 11.61 -23.14
N GLY A 295 7.80 10.42 -23.35
CA GLY A 295 8.14 9.65 -24.53
C GLY A 295 7.82 10.40 -25.80
N ILE A 296 8.62 10.17 -26.84
CA ILE A 296 8.43 10.87 -28.10
C ILE A 296 9.01 10.05 -29.23
N GLY A 297 8.32 10.10 -30.37
CA GLY A 297 8.86 9.65 -31.64
C GLY A 297 8.34 10.56 -32.72
N LEU A 298 9.08 11.64 -32.99
CA LEU A 298 8.62 12.68 -33.90
C LEU A 298 9.67 12.92 -34.97
N GLU A 299 9.26 12.81 -36.23
CA GLU A 299 10.13 12.88 -37.38
C GLU A 299 10.32 14.31 -37.86
N HIS A 300 11.46 14.56 -38.51
CA HIS A 300 11.73 15.84 -39.16
C HIS A 300 12.61 15.58 -40.39
N HIS A 301 12.81 16.64 -41.18
CA HIS A 301 13.61 16.51 -42.41
C HIS A 301 15.03 16.07 -42.10
N ARG A 302 15.68 16.76 -41.17
CA ARG A 302 17.11 16.58 -40.91
C ARG A 302 17.38 16.12 -39.49
N SER A 303 16.36 15.62 -38.79
CA SER A 303 16.50 15.20 -37.40
C SER A 303 15.27 14.39 -37.03
N SER A 304 15.31 13.81 -35.83
CA SER A 304 14.14 13.17 -35.24
C SER A 304 14.27 13.21 -33.73
N GLU A 305 13.14 13.34 -33.05
CA GLU A 305 13.06 13.33 -31.60
C GLU A 305 12.70 11.92 -31.14
N ASN A 306 13.60 11.29 -30.39
CA ASN A 306 13.42 9.91 -29.96
C ASN A 306 13.67 9.80 -28.47
N SER A 307 12.89 8.96 -27.81
CA SER A 307 13.09 8.63 -26.41
C SER A 307 13.23 7.13 -26.26
N GLY A 308 14.09 6.71 -25.35
CA GLY A 308 14.24 5.30 -25.03
C GLY A 308 14.49 5.13 -23.55
N ALA A 309 14.46 3.87 -23.11
CA ALA A 309 14.72 3.57 -21.72
C ALA A 309 16.20 3.77 -21.40
N PRO A 310 16.53 4.05 -20.13
CA PRO A 310 17.95 4.18 -19.76
C PRO A 310 18.82 2.97 -20.11
N ASN A 311 18.24 1.78 -20.30
CA ASN A 311 19.01 0.60 -20.64
C ASN A 311 19.01 0.31 -22.14
N TYR A 312 18.79 1.34 -22.96
CA TYR A 312 18.81 1.19 -24.42
C TYR A 312 20.08 0.50 -24.89
N PHE A 313 21.23 0.89 -24.33
CA PHE A 313 22.50 0.25 -24.64
C PHE A 313 22.95 -0.74 -23.57
N THR A 314 22.80 -0.39 -22.28
CA THR A 314 23.41 -1.18 -21.22
C THR A 314 22.75 -2.55 -21.06
N GLU A 315 21.48 -2.68 -21.45
CA GLU A 315 20.79 -3.97 -21.44
C GLU A 315 20.18 -4.22 -22.82
N TRP A 316 21.07 -4.35 -23.81
CA TRP A 316 20.67 -4.44 -25.22
C TRP A 316 19.67 -5.57 -25.47
N ASP A 317 19.87 -6.72 -24.81
CA ASP A 317 19.00 -7.86 -25.05
C ASP A 317 17.63 -7.72 -24.41
N LYS A 318 17.48 -6.86 -23.41
CA LYS A 318 16.19 -6.70 -22.74
C LYS A 318 15.36 -5.55 -23.32
N SER A 319 15.98 -4.59 -23.98
CA SER A 319 15.30 -3.39 -24.45
C SER A 319 15.05 -3.40 -25.95
N TRP A 320 14.92 -4.58 -26.55
CA TRP A 320 14.94 -4.66 -28.00
C TRP A 320 13.61 -4.25 -28.65
N THR A 321 12.49 -4.43 -27.95
CA THR A 321 11.19 -4.24 -28.60
C THR A 321 10.99 -2.80 -29.09
N GLY A 322 11.65 -1.84 -28.45
CA GLY A 322 11.53 -0.45 -28.86
C GLY A 322 12.59 0.04 -29.81
N ARG A 323 13.51 -0.81 -30.24
CA ARG A 323 14.66 -0.37 -31.02
C ARG A 323 14.34 -0.13 -32.50
N ASP A 324 13.11 -0.37 -32.93
CA ASP A 324 12.73 0.04 -34.28
C ASP A 324 12.45 1.53 -34.37
N LEU A 325 12.47 2.25 -33.25
CA LEU A 325 12.05 3.66 -33.26
C LEU A 325 12.93 4.50 -34.18
N LEU A 326 14.24 4.39 -34.06
CA LEU A 326 15.13 5.22 -34.85
C LEU A 326 15.06 4.86 -36.32
N ALA A 327 14.94 3.57 -36.65
CA ALA A 327 14.73 3.18 -38.03
C ALA A 327 13.43 3.75 -38.56
N HIS A 328 12.39 3.72 -37.73
CA HIS A 328 11.10 4.28 -38.09
C HIS A 328 11.21 5.78 -38.37
N GLU A 329 11.73 6.54 -37.40
CA GLU A 329 11.78 7.98 -37.57
C GLU A 329 12.73 8.39 -38.71
N PHE A 330 13.83 7.65 -38.89
CA PHE A 330 14.75 7.96 -39.97
C PHE A 330 14.09 7.79 -41.33
N ASN A 331 13.30 6.72 -41.50
CA ASN A 331 12.61 6.50 -42.77
C ASN A 331 11.70 7.66 -43.13
N HIS A 332 11.14 8.33 -42.13
CA HIS A 332 10.25 9.46 -42.39
C HIS A 332 10.94 10.61 -43.09
N SER A 333 12.26 10.73 -42.95
CA SER A 333 12.98 11.76 -43.70
C SER A 333 12.71 11.61 -45.20
N TRP A 334 12.60 10.37 -45.67
CA TRP A 334 12.13 10.10 -47.03
C TRP A 334 10.61 10.13 -47.09
N ASN A 335 9.96 9.27 -46.30
CA ASN A 335 8.52 9.02 -46.42
C ASN A 335 7.77 9.79 -45.34
N GLY A 336 7.29 10.98 -45.69
CA GLY A 336 6.55 11.78 -44.74
C GLY A 336 7.03 13.21 -44.72
N LYS A 337 8.34 13.39 -44.56
CA LYS A 337 8.89 14.74 -44.58
C LYS A 337 9.15 15.19 -46.01
N TYR A 338 9.98 14.46 -46.75
CA TYR A 338 10.27 14.86 -48.13
C TYR A 338 9.07 14.69 -49.03
N ARG A 339 8.47 13.50 -49.03
CA ARG A 339 7.26 13.23 -49.80
C ARG A 339 6.08 13.17 -48.85
N ARG A 340 5.04 13.93 -49.15
CA ARG A 340 3.90 14.13 -48.26
C ARG A 340 2.64 14.24 -49.10
N GLY A 341 1.53 13.77 -48.55
CA GLY A 341 0.26 13.94 -49.22
C GLY A 341 -0.05 15.41 -49.43
N ALA A 342 -0.59 15.74 -50.62
CA ALA A 342 -0.87 17.13 -50.95
C ALA A 342 -1.83 17.75 -49.95
N ASP A 343 -2.83 16.97 -49.49
CA ASP A 343 -3.75 17.50 -48.49
C ASP A 343 -3.10 17.63 -47.11
N LEU A 344 -1.93 17.04 -46.90
CA LEU A 344 -1.24 17.17 -45.63
C LEU A 344 -0.23 18.32 -45.62
N ALA A 345 0.28 18.69 -46.79
CA ALA A 345 1.31 19.73 -46.91
C ALA A 345 0.63 21.11 -46.95
N THR A 346 0.26 21.59 -45.77
CA THR A 346 -0.49 22.83 -45.64
C THR A 346 0.42 24.06 -45.71
N PRO A 347 -0.13 25.23 -46.06
CA PRO A 347 0.72 26.42 -46.24
C PRO A 347 1.22 27.06 -44.95
N ASN A 348 0.49 26.91 -43.84
CA ASN A 348 1.01 27.35 -42.55
C ASN A 348 0.48 26.39 -41.48
N PHE A 349 0.73 26.72 -40.22
CA PHE A 349 0.39 25.84 -39.10
C PHE A 349 -1.00 26.08 -38.54
N ASN A 350 -1.84 26.84 -39.24
CA ASN A 350 -3.12 27.25 -38.68
C ASN A 350 -4.26 27.07 -39.67
N VAL A 351 -4.11 26.10 -40.57
CA VAL A 351 -5.20 25.63 -41.44
C VAL A 351 -5.25 24.12 -41.27
N PRO A 352 -6.42 23.49 -41.42
CA PRO A 352 -6.53 22.06 -41.08
C PRO A 352 -5.76 21.16 -42.05
N GLY A 354 -5.15 17.49 -43.97
CA GLY A 354 -5.86 16.35 -44.52
C GLY A 354 -5.01 15.10 -44.41
N ASP A 355 -5.47 14.14 -43.62
CA ASP A 355 -4.69 12.97 -43.24
C ASP A 355 -4.97 11.74 -44.11
N SER A 356 -5.64 11.93 -45.26
CA SER A 356 -6.18 10.79 -46.00
C SER A 356 -5.12 9.79 -46.42
N LEU A 357 -3.88 10.22 -46.62
CA LEU A 357 -2.84 9.34 -47.14
C LEU A 357 -1.86 8.91 -46.07
N LEU A 358 -2.30 8.88 -44.80
CA LEU A 358 -1.40 8.47 -43.73
C LEU A 358 -1.02 7.00 -43.81
N TRP A 359 -1.79 6.18 -44.53
CA TRP A 359 -1.42 4.78 -44.64
C TRP A 359 -0.20 4.56 -45.52
N LEU A 360 0.26 5.59 -46.24
CA LEU A 360 1.59 5.56 -46.84
C LEU A 360 2.62 6.24 -45.93
N TYR A 361 2.34 7.48 -45.51
CA TYR A 361 3.20 8.23 -44.61
C TYR A 361 3.64 7.38 -43.41
N GLU A 362 2.68 6.96 -42.59
CA GLU A 362 3.01 6.16 -41.41
C GLU A 362 2.97 4.66 -41.68
N GLY A 363 2.08 4.20 -42.57
CA GLY A 363 1.94 2.77 -42.78
C GLY A 363 3.18 2.13 -43.37
N GLN A 364 3.71 2.70 -44.44
CA GLN A 364 4.91 2.11 -45.04
C GLN A 364 6.14 2.40 -44.20
N THR A 365 6.14 3.50 -43.44
CA THR A 365 7.24 3.74 -42.51
C THR A 365 7.23 2.71 -41.38
N GLN A 366 6.05 2.36 -40.87
CA GLN A 366 5.97 1.28 -39.89
C GLN A 366 6.53 -0.01 -40.48
N PHE A 367 6.21 -0.29 -41.75
CA PHE A 367 6.73 -1.45 -42.45
C PHE A 367 8.26 -1.40 -42.54
N TRP A 368 8.80 -0.29 -43.03
CA TRP A 368 10.25 -0.20 -43.20
C TRP A 368 10.98 -0.16 -41.86
N GLY A 369 10.36 0.43 -40.83
CA GLY A 369 11.01 0.47 -39.53
C GLY A 369 11.36 -0.92 -39.02
N GLU A 370 10.44 -1.87 -39.16
CA GLU A 370 10.70 -3.24 -38.71
C GLU A 370 11.61 -3.98 -39.69
N VAL A 371 11.42 -3.79 -41.00
CA VAL A 371 12.29 -4.45 -41.97
C VAL A 371 13.72 -3.96 -41.79
N SER A 373 15.06 -2.67 -39.16
CA SER A 373 15.61 -3.16 -37.90
C SER A 373 16.28 -4.51 -38.10
N ALA A 374 15.66 -5.40 -38.88
CA ALA A 374 16.26 -6.69 -39.17
C ALA A 374 17.46 -6.55 -40.09
N ARG A 375 17.33 -5.74 -41.15
CA ARG A 375 18.42 -5.57 -42.10
C ARG A 375 19.66 -4.97 -41.46
N SER A 376 19.46 -4.08 -40.49
CA SER A 376 20.58 -3.38 -39.85
C SER A 376 21.16 -4.14 -38.67
N GLY A 377 20.44 -5.11 -38.12
CA GLY A 377 20.89 -5.79 -36.93
C GLY A 377 20.42 -5.18 -35.63
N LEU A 378 19.61 -4.12 -35.68
CA LEU A 378 18.98 -3.61 -34.46
C LEU A 378 18.07 -4.67 -33.85
N TRP A 379 17.45 -5.49 -34.68
CA TRP A 379 16.69 -6.65 -34.26
C TRP A 379 17.34 -7.89 -34.88
N THR A 380 17.22 -9.02 -34.19
CA THR A 380 17.54 -10.28 -34.84
C THR A 380 16.42 -10.66 -35.81
N GLN A 381 16.73 -11.61 -36.70
CA GLN A 381 15.71 -12.05 -37.66
C GLN A 381 14.55 -12.73 -36.95
N GLU A 382 14.83 -13.47 -35.88
CA GLU A 382 13.77 -14.10 -35.11
C GLU A 382 12.90 -13.06 -34.40
N GLN A 383 13.53 -12.00 -33.90
CA GLN A 383 12.77 -10.93 -33.26
C GLN A 383 11.85 -10.23 -34.25
N ALA A 384 12.36 -9.91 -35.44
CA ALA A 384 11.53 -9.24 -36.44
C ALA A 384 10.36 -10.13 -36.85
N ARG A 385 10.58 -11.44 -36.95
CA ARG A 385 9.51 -12.34 -37.38
C ARG A 385 8.43 -12.45 -36.31
N ASP A 386 8.82 -12.53 -35.04
CA ASP A 386 7.82 -12.61 -33.98
C ASP A 386 7.06 -11.29 -33.85
N LEU A 388 6.38 -9.41 -36.39
CA LEU A 388 5.46 -9.47 -37.52
C LEU A 388 4.28 -10.40 -37.22
N ALA A 389 4.52 -11.51 -36.53
CA ALA A 389 3.44 -12.40 -36.16
C ALA A 389 2.42 -11.71 -35.27
N GLY A 390 2.89 -10.85 -34.35
CA GLY A 390 1.97 -10.12 -33.50
C GLY A 390 1.10 -9.14 -34.27
N VAL A 391 1.68 -8.49 -35.28
CA VAL A 391 0.90 -7.57 -36.11
C VAL A 391 -0.15 -8.34 -36.90
N ALA A 392 0.26 -9.46 -37.50
CA ALA A 392 -0.66 -10.25 -38.31
C ALA A 392 -1.83 -10.76 -37.47
N ALA A 393 -1.54 -11.24 -36.25
CA ALA A 393 -2.60 -11.71 -35.38
C ALA A 393 -3.52 -10.58 -34.96
N GLN A 394 -2.96 -9.38 -34.75
CA GLN A 394 -3.77 -8.24 -34.37
C GLN A 394 -4.87 -7.99 -35.39
N TYR A 395 -4.58 -8.18 -36.67
CA TYR A 395 -5.60 -7.93 -37.68
C TYR A 395 -6.36 -9.18 -38.08
N GLU A 396 -5.82 -10.38 -37.83
CA GLU A 396 -6.60 -11.57 -38.08
C GLU A 396 -7.63 -11.81 -36.97
N ARG A 397 -7.25 -11.57 -35.71
CA ARG A 397 -8.14 -11.84 -34.59
C ARG A 397 -8.27 -10.67 -33.60
N GLY A 398 -7.35 -9.73 -33.59
CA GLY A 398 -7.38 -8.68 -32.58
C GLY A 398 -8.06 -7.40 -32.98
N ARG A 399 -8.72 -7.35 -34.14
CA ARG A 399 -9.40 -6.15 -34.61
C ARG A 399 -10.80 -6.50 -35.10
N PRO A 400 -11.71 -6.86 -34.19
CA PRO A 400 -13.11 -7.07 -34.61
C PRO A 400 -13.79 -5.81 -35.12
N GLY A 401 -13.24 -4.64 -34.83
CA GLY A 401 -13.77 -3.40 -35.38
C GLY A 401 -13.66 -3.26 -36.89
N ALA A 403 -15.05 -5.05 -38.91
CA ALA A 403 -16.35 -5.42 -39.45
C ALA A 403 -17.17 -4.19 -39.83
N TRP A 404 -16.95 -3.05 -39.17
CA TRP A 404 -17.71 -1.85 -39.44
C TRP A 404 -16.85 -0.66 -39.85
N ARG A 405 -15.56 -0.66 -39.51
CA ARG A 405 -14.68 0.46 -39.79
C ARG A 405 -13.54 0.01 -40.70
N THR A 406 -13.10 0.92 -41.55
CA THR A 406 -12.00 0.68 -42.48
C THR A 406 -10.73 1.32 -41.94
N VAL A 407 -9.59 0.83 -42.43
CA VAL A 407 -8.32 1.45 -42.07
C VAL A 407 -8.28 2.89 -42.57
N GLN A 408 -8.88 3.16 -43.74
CA GLN A 408 -8.90 4.52 -44.26
C GLN A 408 -9.53 5.50 -43.28
N ASP A 409 -10.62 5.09 -42.61
CA ASP A 409 -11.25 5.99 -41.66
C ASP A 409 -10.37 6.26 -40.45
N THR A 410 -9.45 5.37 -40.12
CA THR A 410 -8.58 5.61 -38.97
C THR A 410 -7.58 6.73 -39.21
N THR A 411 -7.41 7.21 -40.45
CA THR A 411 -6.57 8.37 -40.63
C THR A 411 -7.17 9.63 -40.01
N ASN A 412 -8.44 9.58 -39.62
CA ASN A 412 -9.08 10.66 -38.87
C ASN A 412 -8.91 10.53 -37.36
N ASP A 413 -8.28 9.46 -36.89
CA ASP A 413 -8.10 9.27 -35.45
C ASP A 413 -7.25 10.34 -34.77
N PRO A 414 -6.18 10.87 -35.38
CA PRO A 414 -5.43 11.96 -34.70
C PRO A 414 -6.31 13.13 -34.29
N THR A 415 -7.20 13.58 -35.18
CA THR A 415 -8.09 14.68 -34.85
C THR A 415 -9.28 14.22 -34.01
N SER A 417 -9.41 11.59 -31.74
CA SER A 417 -9.09 11.06 -30.43
C SER A 417 -7.90 11.71 -29.75
N ARG A 419 -5.14 10.49 -29.25
CA ARG A 419 -4.59 9.41 -28.42
C ARG A 419 -5.13 9.42 -26.99
N ARG A 420 -6.29 10.03 -26.78
CA ARG A 420 -6.96 9.96 -25.49
C ARG A 420 -7.45 8.54 -25.24
N PRO A 421 -7.67 8.18 -23.97
CA PRO A 421 -8.08 6.80 -23.67
C PRO A 421 -9.39 6.44 -24.34
N LYS A 422 -9.43 5.24 -24.94
CA LYS A 422 -10.67 4.71 -25.48
C LYS A 422 -10.90 3.31 -24.95
N ALA A 423 -12.19 2.94 -24.88
CA ALA A 423 -12.57 1.70 -24.20
C ALA A 423 -12.10 0.47 -24.96
N TYR A 424 -12.25 0.46 -26.29
CA TYR A 424 -11.93 -0.71 -27.11
C TYR A 424 -11.10 -0.28 -28.31
N ARG A 425 -9.78 -0.24 -28.14
CA ARG A 425 -8.92 -0.04 -29.32
C ARG A 425 -9.14 -1.14 -30.34
N ASN A 426 -9.56 -2.32 -29.91
CA ASN A 426 -9.76 -3.42 -30.85
C ASN A 426 -11.08 -3.31 -31.62
N TYR A 427 -12.05 -2.56 -31.10
CA TYR A 427 -13.34 -2.39 -31.78
C TYR A 427 -13.55 -0.99 -32.33
N GLN A 428 -13.25 0.05 -31.53
CA GLN A 428 -13.23 1.39 -32.09
C GLN A 428 -12.12 1.56 -33.11
N SER A 430 -7.81 2.21 -33.78
CA SER A 430 -6.98 3.30 -33.30
C SER A 430 -5.76 3.41 -34.20
N GLU A 431 -5.81 4.36 -35.14
CA GLU A 431 -4.65 4.71 -35.97
C GLU A 431 -4.06 3.49 -36.65
N ASP A 432 -4.94 2.62 -37.15
CA ASP A 432 -4.48 1.39 -37.79
C ASP A 432 -3.83 1.64 -39.14
N TYR A 433 -3.80 2.88 -39.63
CA TYR A 433 -2.99 3.17 -40.80
C TYR A 433 -1.53 2.87 -40.54
N TYR A 434 -1.11 2.76 -39.27
CA TYR A 434 0.22 2.30 -38.92
C TYR A 434 0.40 0.83 -39.25
N SER A 435 -0.10 -0.05 -38.37
CA SER A 435 0.17 -1.48 -38.46
C SER A 435 -0.69 -2.15 -39.53
N GLY A 436 -1.95 -1.73 -39.66
CA GLY A 436 -2.76 -2.21 -40.77
C GLY A 436 -2.19 -1.79 -42.11
N GLY A 437 -1.69 -0.56 -42.19
CA GLY A 437 -0.99 -0.13 -43.39
C GLY A 437 0.27 -0.94 -43.63
N GLN A 438 0.99 -1.28 -42.57
CA GLN A 438 2.17 -2.13 -42.69
C GLN A 438 1.83 -3.47 -43.34
N TRP A 441 1.28 -3.03 -47.09
CA TRP A 441 2.53 -2.84 -47.83
C TRP A 441 3.32 -4.13 -47.92
N LEU A 442 3.24 -4.99 -46.90
CA LEU A 442 3.80 -6.33 -47.02
C LEU A 442 3.12 -7.12 -48.14
N GLU A 443 1.79 -7.00 -48.25
CA GLU A 443 1.10 -7.66 -49.35
C GLU A 443 1.46 -7.04 -50.69
N VAL A 444 1.66 -5.71 -50.73
CA VAL A 444 2.12 -5.06 -51.95
C VAL A 444 3.47 -5.63 -52.39
N ASP A 445 4.39 -5.81 -51.45
CA ASP A 445 5.67 -6.43 -51.77
C ASP A 445 5.48 -7.81 -52.36
N SER A 446 4.62 -8.63 -51.73
CA SER A 446 4.39 -9.98 -52.23
C SER A 446 3.76 -9.97 -53.61
N LYS A 447 2.87 -9.00 -53.86
CA LYS A 447 2.22 -8.91 -55.17
C LYS A 447 3.21 -8.47 -56.25
N LEU A 448 4.08 -7.52 -55.93
CA LEU A 448 5.12 -7.11 -56.88
C LEU A 448 6.02 -8.29 -57.24
N ARG A 449 6.37 -9.10 -56.24
CA ARG A 449 7.17 -10.30 -56.50
C ARG A 449 6.41 -11.30 -57.36
N ALA A 450 5.13 -11.52 -57.05
CA ALA A 450 4.34 -12.48 -57.82
C ALA A 450 4.17 -12.01 -59.26
N LEU A 451 3.99 -10.71 -59.47
CA LEU A 451 3.79 -10.19 -60.81
C LEU A 451 5.05 -10.25 -61.66
N THR A 452 6.22 -10.29 -61.03
CA THR A 452 7.49 -10.16 -61.75
C THR A 452 8.40 -11.36 -61.55
N ASN A 453 7.88 -12.48 -61.04
CA ASN A 453 8.69 -13.67 -60.78
C ASN A 453 9.87 -13.31 -59.87
N ASN A 454 9.58 -12.54 -58.83
CA ASN A 454 10.53 -12.10 -57.80
C ASN A 454 11.64 -11.20 -58.32
N LYS A 455 11.51 -10.65 -59.52
CA LYS A 455 12.52 -9.73 -60.04
C LYS A 455 12.33 -8.31 -59.53
N ARG A 456 11.14 -7.96 -59.06
CA ARG A 456 10.86 -6.67 -58.44
C ARG A 456 10.24 -6.90 -57.07
N SER A 457 10.42 -5.93 -56.18
CA SER A 457 9.85 -6.01 -54.85
C SER A 457 9.49 -4.59 -54.42
N ILE A 458 9.07 -4.45 -53.15
CA ILE A 458 8.73 -3.12 -52.66
C ILE A 458 9.94 -2.21 -52.58
N ASP A 459 11.15 -2.78 -52.55
CA ASP A 459 12.36 -1.95 -52.63
C ASP A 459 12.36 -1.11 -53.90
N ASP A 460 11.86 -1.66 -55.01
CA ASP A 460 11.83 -0.89 -56.25
C ASP A 460 10.83 0.25 -56.17
N PHE A 461 9.73 0.08 -55.44
CA PHE A 461 8.82 1.21 -55.24
C PHE A 461 9.49 2.30 -54.40
N GLY A 462 10.19 1.90 -53.33
CA GLY A 462 10.83 2.88 -52.47
C GLY A 462 11.82 3.76 -53.22
N LYS A 463 12.69 3.13 -54.02
CA LYS A 463 13.66 3.91 -54.79
C LYS A 463 12.97 4.79 -55.81
N ALA A 464 11.94 4.27 -56.48
CA ALA A 464 11.27 5.04 -57.52
C ALA A 464 10.47 6.20 -56.94
N PHE A 465 9.82 5.98 -55.80
CA PHE A 465 8.94 6.99 -55.23
C PHE A 465 9.67 8.01 -54.37
N PHE A 466 10.76 7.61 -53.71
CA PHE A 466 11.48 8.49 -52.80
C PHE A 466 12.93 8.75 -53.17
N GLY A 467 13.48 8.05 -54.16
CA GLY A 467 14.90 8.12 -54.44
C GLY A 467 15.34 9.21 -55.41
N LYS A 469 16.07 13.19 -56.63
CA LYS A 469 16.50 14.49 -56.11
C LYS A 469 17.26 14.36 -54.78
N ASN A 470 18.43 13.73 -54.88
CA ASN A 470 19.31 13.63 -53.72
C ASN A 470 19.68 15.02 -53.21
N GLY A 471 19.63 15.19 -51.90
CA GLY A 471 19.93 16.46 -51.28
C GLY A 471 18.75 17.37 -51.08
N ASP A 472 17.65 17.14 -51.80
CA ASP A 472 16.46 17.97 -51.66
C ASP A 472 15.74 17.64 -50.35
N TRP A 473 15.55 18.64 -49.49
CA TRP A 473 14.75 18.48 -48.28
C TRP A 473 13.64 19.52 -48.20
N ASP A 474 13.14 19.96 -49.34
CA ASP A 474 11.86 20.68 -49.42
C ASP A 474 10.76 19.68 -49.77
N VAL A 475 9.56 19.91 -49.22
CA VAL A 475 8.48 18.94 -49.37
C VAL A 475 8.16 18.74 -50.84
N ASN A 476 8.00 17.47 -51.24
CA ASN A 476 7.65 17.06 -52.60
C ASN A 476 6.30 16.34 -52.53
N PRO A 477 5.19 17.06 -52.73
CA PRO A 477 3.88 16.47 -52.47
C PRO A 477 3.48 15.40 -53.48
N TYR A 478 2.52 14.56 -53.07
CA TYR A 478 1.98 13.52 -53.94
C TYR A 478 0.49 13.35 -53.65
N THR A 479 -0.20 12.71 -54.59
CA THR A 479 -1.60 12.33 -54.45
C THR A 479 -1.73 10.82 -54.57
N PHE A 480 -2.96 10.34 -54.36
CA PHE A 480 -3.22 8.90 -54.49
C PHE A 480 -2.85 8.38 -55.87
N ASP A 481 -3.18 9.14 -56.92
CA ASP A 481 -2.86 8.71 -58.28
C ASP A 481 -1.36 8.55 -58.49
N ASP A 482 -0.53 9.36 -57.80
CA ASP A 482 0.91 9.23 -57.94
C ASP A 482 1.41 7.89 -57.37
N ILE A 483 0.82 7.45 -56.26
CA ILE A 483 1.19 6.16 -55.69
C ILE A 483 0.87 5.04 -56.68
N VAL A 484 -0.35 5.07 -57.23
CA VAL A 484 -0.77 4.07 -58.20
C VAL A 484 0.16 4.07 -59.41
N SER A 485 0.46 5.27 -59.93
CA SER A 485 1.28 5.36 -61.14
C SER A 485 2.68 4.81 -60.89
N THR A 486 3.27 5.13 -59.73
CA THR A 486 4.61 4.62 -59.45
C THR A 486 4.59 3.11 -59.25
N LEU A 487 3.57 2.59 -58.55
CA LEU A 487 3.44 1.15 -58.42
C LEU A 487 3.28 0.48 -59.78
N ASN A 488 2.44 1.06 -60.65
CA ASN A 488 2.23 0.50 -61.97
C ASN A 488 3.51 0.51 -62.80
N GLY A 489 4.37 1.51 -62.60
CA GLY A 489 5.64 1.56 -63.30
C GLY A 489 6.60 0.46 -62.89
N VAL A 490 6.52 0.01 -61.64
CA VAL A 490 7.33 -1.12 -61.21
C VAL A 490 6.81 -2.41 -61.84
N ALA A 491 5.50 -2.63 -61.79
CA ALA A 491 4.87 -3.79 -62.41
C ALA A 491 3.42 -3.45 -62.70
N ALA A 492 3.02 -3.60 -63.96
CA ALA A 492 1.67 -3.22 -64.37
C ALA A 492 0.62 -4.07 -63.67
N PHE A 493 -0.38 -3.39 -63.10
CA PHE A 493 -1.45 -4.01 -62.32
C PHE A 493 -2.44 -2.92 -61.98
N ASP A 494 -3.67 -3.32 -61.68
CA ASP A 494 -4.70 -2.37 -61.25
C ASP A 494 -4.47 -2.05 -59.78
N TRP A 495 -3.46 -1.23 -59.53
CA TRP A 495 -3.09 -0.93 -58.15
C TRP A 495 -4.13 -0.06 -57.46
N ALA A 496 -4.84 0.78 -58.21
CA ALA A 496 -5.89 1.60 -57.61
C ALA A 496 -6.95 0.73 -56.94
N SER A 497 -7.40 -0.31 -57.63
CA SER A 497 -8.38 -1.22 -57.04
C SER A 497 -7.78 -1.98 -55.86
N PHE A 498 -6.52 -2.41 -55.99
CA PHE A 498 -5.88 -3.14 -54.91
C PHE A 498 -5.80 -2.30 -53.64
N LEU A 499 -5.35 -1.06 -53.78
CA LEU A 499 -5.19 -0.19 -52.61
C LEU A 499 -6.54 0.09 -51.95
N ARG A 500 -7.54 0.41 -52.77
N ARG A 500 -7.55 0.41 -52.77
CA ARG A 500 -8.86 0.73 -52.21
CA ARG A 500 -8.86 0.73 -52.21
C ARG A 500 -9.51 -0.51 -51.59
C ARG A 500 -9.52 -0.50 -51.60
N SER A 501 -9.29 -1.70 -52.17
CA SER A 501 -9.90 -2.89 -51.62
C SER A 501 -9.38 -3.21 -50.23
N ARG A 502 -8.13 -2.87 -49.93
CA ARG A 502 -7.58 -3.11 -48.61
C ARG A 502 -7.92 -1.97 -47.64
N ASP A 504 -10.24 0.59 -47.96
CA ASP A 504 -11.67 0.84 -47.82
C ASP A 504 -12.47 -0.43 -47.52
N GLY A 505 -11.81 -1.56 -47.31
CA GLY A 505 -12.49 -2.82 -47.13
C GLY A 505 -12.58 -3.25 -45.67
N HIS A 506 -13.26 -4.36 -45.46
CA HIS A 506 -13.40 -4.98 -44.15
C HIS A 506 -12.76 -6.34 -44.09
N GLY A 507 -12.08 -6.77 -45.16
CA GLY A 507 -11.51 -8.10 -45.25
C GLY A 507 -10.10 -8.18 -44.71
N SER A 508 -9.47 -9.32 -44.95
CA SER A 508 -8.17 -9.61 -44.39
C SER A 508 -7.08 -8.72 -44.97
N LEU A 509 -6.14 -8.31 -44.12
CA LEU A 509 -4.99 -7.54 -44.53
C LEU A 509 -3.70 -8.34 -44.54
N ILE A 510 -3.74 -9.60 -44.11
CA ILE A 510 -2.52 -10.36 -43.82
C ILE A 510 -2.13 -11.30 -44.97
N GLY A 511 -2.66 -11.06 -46.17
CA GLY A 511 -2.37 -11.94 -47.30
C GLY A 511 -0.90 -11.99 -47.69
N GLY A 512 -0.13 -10.94 -47.38
CA GLY A 512 1.27 -10.94 -47.73
C GLY A 512 2.10 -11.97 -47.00
N ILE A 513 1.63 -12.45 -45.84
CA ILE A 513 2.37 -13.46 -45.10
C ILE A 513 2.45 -14.75 -45.91
N GLU A 514 1.30 -15.30 -46.29
CA GLU A 514 1.30 -16.57 -47.03
C GLU A 514 1.87 -16.41 -48.43
N ALA A 515 1.64 -15.26 -49.07
CA ALA A 515 2.17 -15.05 -50.41
C ALA A 515 3.70 -15.04 -50.40
N ASN A 516 4.32 -14.59 -49.30
CA ASN A 516 5.77 -14.58 -49.19
C ASN A 516 6.32 -15.82 -48.49
N GLY A 517 5.51 -16.85 -48.30
CA GLY A 517 6.00 -18.17 -47.94
C GLY A 517 5.90 -18.59 -46.49
N TRP A 518 5.16 -17.87 -45.67
CA TRP A 518 5.02 -18.21 -44.26
C TRP A 518 3.54 -18.24 -43.88
N LYS A 519 3.25 -18.73 -42.68
CA LYS A 519 1.88 -18.85 -42.20
C LYS A 519 1.79 -18.42 -40.74
N LEU A 520 0.77 -17.63 -40.43
CA LEU A 520 0.52 -17.22 -39.06
C LEU A 520 -0.15 -18.37 -38.31
N VAL A 521 0.48 -18.81 -37.22
CA VAL A 521 -0.04 -19.88 -36.39
C VAL A 521 -0.07 -19.42 -34.94
N TYR A 522 -0.81 -20.17 -34.11
CA TYR A 522 -0.92 -19.90 -32.69
C TYR A 522 -0.64 -21.18 -31.91
N ASN A 523 0.12 -21.05 -30.82
CA ASN A 523 0.40 -22.17 -29.92
C ASN A 523 0.67 -21.60 -28.53
N ASP A 524 1.05 -22.48 -27.60
CA ASP A 524 1.28 -22.06 -26.23
C ASP A 524 2.70 -21.53 -25.99
N GLU A 525 3.55 -21.49 -27.01
CA GLU A 525 4.88 -20.93 -26.85
C GLU A 525 4.79 -19.41 -26.89
N PRO A 526 5.34 -18.71 -25.90
CA PRO A 526 5.18 -17.24 -25.88
C PRO A 526 5.88 -16.56 -27.04
N ASN A 527 5.25 -15.50 -27.53
CA ASN A 527 5.88 -14.65 -28.53
C ASN A 527 7.02 -13.87 -27.89
N LEU A 528 8.14 -13.76 -28.61
CA LEU A 528 9.33 -13.12 -28.07
C LEU A 528 9.05 -11.69 -27.65
N ALA A 529 8.27 -10.94 -28.46
CA ALA A 529 7.93 -9.57 -28.11
C ALA A 529 7.05 -9.51 -26.86
N THR A 530 5.98 -10.31 -26.85
CA THR A 530 5.10 -10.33 -25.68
C THR A 530 5.86 -10.78 -24.44
N LYS A 531 6.70 -11.79 -24.56
CA LYS A 531 7.48 -12.30 -23.43
C LYS A 531 8.34 -11.20 -22.82
N THR A 532 9.05 -10.45 -23.66
CA THR A 532 9.91 -9.37 -23.15
C THR A 532 9.07 -8.28 -22.47
N ASP A 533 7.90 -7.98 -23.02
CA ASP A 533 7.07 -6.91 -22.49
C ASP A 533 6.28 -7.29 -21.25
N GLU A 534 6.27 -8.56 -20.86
CA GLU A 534 5.59 -9.01 -19.65
C GLU A 534 6.51 -9.73 -18.67
N SER A 535 7.83 -9.49 -18.74
CA SER A 535 8.75 -10.25 -17.90
C SER A 535 8.88 -9.65 -16.50
N ASP A 536 9.30 -8.39 -16.41
CA ASP A 536 9.56 -7.80 -15.11
C ASP A 536 8.26 -7.48 -14.36
N ASP A 537 7.30 -6.88 -15.05
CA ASP A 537 6.03 -6.52 -14.42
C ASP A 537 5.13 -7.72 -14.14
N LYS A 538 5.40 -8.86 -14.75
CA LYS A 538 4.60 -10.08 -14.56
C LYS A 538 3.15 -9.87 -14.97
N ASP A 539 2.95 -9.17 -16.08
CA ASP A 539 1.61 -8.96 -16.63
C ASP A 539 1.16 -10.20 -17.39
N ALA A 540 -0.04 -10.15 -17.94
CA ALA A 540 -0.62 -11.31 -18.64
C ALA A 540 -1.41 -10.81 -19.84
N SER A 541 -0.89 -11.09 -21.04
CA SER A 541 -1.58 -10.82 -22.29
C SER A 541 -2.27 -12.10 -22.73
N LEU A 542 -3.60 -12.10 -22.71
CA LEU A 542 -4.40 -13.28 -23.02
C LEU A 542 -5.40 -12.96 -24.14
N THR A 543 -4.98 -12.15 -25.11
CA THR A 543 -5.90 -11.64 -26.12
C THR A 543 -6.57 -12.76 -26.89
N TYR A 544 -5.81 -13.78 -27.28
CA TYR A 544 -6.31 -14.84 -28.15
C TYR A 544 -6.75 -16.09 -27.39
N SER A 545 -6.76 -16.04 -26.06
CA SER A 545 -7.36 -17.10 -25.27
C SER A 545 -8.62 -16.58 -24.57
N LEU A 546 -8.43 -15.92 -23.42
CA LEU A 546 -9.57 -15.39 -22.68
C LEU A 546 -10.05 -14.04 -23.22
N GLY A 547 -9.35 -13.45 -24.18
CA GLY A 547 -9.80 -12.18 -24.77
C GLY A 547 -9.62 -10.99 -23.86
N SER A 549 -6.35 -8.61 -21.33
CA SER A 549 -5.01 -8.47 -20.77
C SER A 549 -5.14 -7.96 -19.34
N LEU A 550 -4.19 -8.38 -18.50
CA LEU A 550 -4.24 -8.06 -17.08
C LEU A 550 -2.89 -7.60 -16.58
N LYS A 551 -2.91 -6.72 -15.59
CA LYS A 551 -1.72 -6.38 -14.84
C LYS A 551 -1.46 -7.45 -13.78
N ALA A 552 -0.27 -7.41 -13.20
CA ALA A 552 0.09 -8.39 -12.16
C ALA A 552 -0.87 -8.34 -10.99
N SER A 553 -1.46 -7.18 -10.71
CA SER A 553 -2.42 -7.04 -9.63
C SER A 553 -3.72 -7.80 -9.88
N GLY A 554 -3.99 -8.19 -11.12
CA GLY A 554 -5.29 -8.73 -11.48
C GLY A 554 -6.23 -7.73 -12.11
N ASP A 555 -5.85 -6.45 -12.11
CA ASP A 555 -6.67 -5.44 -12.79
C ASP A 555 -6.68 -5.71 -14.29
N ILE A 556 -7.87 -5.76 -14.87
CA ILE A 556 -7.97 -5.94 -16.31
C ILE A 556 -7.58 -4.64 -17.00
N SER A 557 -6.64 -4.74 -17.94
CA SER A 557 -6.15 -3.57 -18.66
C SER A 557 -6.71 -3.47 -20.07
N ASP A 558 -7.31 -4.53 -20.60
CA ASP A 558 -7.90 -4.50 -21.94
C ASP A 558 -8.82 -5.70 -22.09
N VAL A 559 -9.89 -5.51 -22.85
CA VAL A 559 -10.86 -6.57 -23.12
C VAL A 559 -11.15 -6.57 -24.62
N LEU A 560 -11.02 -7.74 -25.23
CA LEU A 560 -11.30 -7.90 -26.66
C LEU A 560 -12.81 -7.98 -26.89
N TRP A 561 -13.31 -7.11 -27.77
CA TRP A 561 -14.71 -7.11 -28.15
C TRP A 561 -15.15 -8.49 -28.64
N ASP A 562 -16.28 -8.96 -28.12
CA ASP A 562 -16.90 -10.25 -28.46
C ASP A 562 -16.09 -11.44 -28.01
N GLY A 563 -15.07 -11.25 -27.17
CA GLY A 563 -14.28 -12.34 -26.66
C GLY A 563 -14.88 -12.93 -25.39
N PRO A 564 -14.24 -13.99 -24.85
CA PRO A 564 -14.82 -14.65 -23.67
C PRO A 564 -14.96 -13.74 -22.47
N ALA A 565 -13.95 -12.94 -22.16
CA ALA A 565 -14.06 -12.01 -21.04
C ALA A 565 -15.16 -10.98 -21.29
N PHE A 566 -15.24 -10.48 -22.52
CA PHE A 566 -16.31 -9.55 -22.90
C PHE A 566 -17.68 -10.18 -22.69
N ASN A 567 -17.84 -11.44 -23.07
CA ASN A 567 -19.14 -12.09 -22.97
C ASN A 567 -19.52 -12.41 -21.53
N ALA A 568 -18.57 -12.31 -20.59
CA ALA A 568 -18.89 -12.37 -19.17
C ALA A 568 -19.17 -11.00 -18.58
N GLY A 569 -19.30 -9.97 -19.42
CA GLY A 569 -19.59 -8.64 -18.95
C GLY A 569 -18.40 -7.87 -18.41
N LEU A 570 -17.19 -8.42 -18.52
CA LEU A 570 -16.01 -7.79 -17.94
C LEU A 570 -15.58 -6.56 -18.74
N ILE A 571 -15.08 -5.55 -18.02
CA ILE A 571 -14.51 -4.36 -18.64
C ILE A 571 -13.17 -4.05 -17.99
N THR A 572 -12.36 -3.27 -18.70
CA THR A 572 -11.14 -2.73 -18.15
C THR A 572 -11.42 -2.00 -16.85
N GLY A 573 -10.61 -2.27 -15.83
CA GLY A 573 -10.81 -1.72 -14.52
C GLY A 573 -11.42 -2.70 -13.54
N ASN A 574 -12.20 -3.66 -14.03
CA ASN A 574 -12.56 -4.79 -13.20
C ASN A 574 -11.30 -5.54 -12.80
N THR A 575 -11.40 -6.33 -11.72
CA THR A 575 -10.27 -7.05 -11.16
C THR A 575 -10.59 -8.53 -11.10
N ILE A 576 -9.68 -9.34 -11.65
CA ILE A 576 -9.76 -10.78 -11.45
C ILE A 576 -9.13 -11.08 -10.10
N VAL A 577 -9.96 -11.44 -9.11
CA VAL A 577 -9.48 -11.65 -7.75
C VAL A 577 -8.90 -13.04 -7.59
N ALA A 578 -9.57 -14.05 -8.14
CA ALA A 578 -9.12 -15.43 -7.99
C ALA A 578 -9.46 -16.22 -9.23
N VAL A 579 -8.72 -17.30 -9.44
CA VAL A 579 -8.91 -18.21 -10.55
C VAL A 579 -9.06 -19.61 -9.98
N ASN A 580 -10.25 -20.20 -10.16
CA ASN A 580 -10.59 -21.48 -9.53
C ASN A 580 -10.32 -21.43 -8.03
N GLY A 581 -10.63 -20.28 -7.43
CA GLY A 581 -10.50 -20.09 -6.00
C GLY A 581 -9.11 -19.71 -5.51
N ARG A 582 -8.12 -19.64 -6.40
CA ARG A 582 -6.76 -19.32 -6.02
C ARG A 582 -6.45 -17.87 -6.35
N ALA A 583 -5.81 -17.18 -5.41
CA ALA A 583 -5.47 -15.76 -5.59
C ALA A 583 -4.78 -15.54 -6.93
N PHE A 584 -5.16 -14.45 -7.59
CA PHE A 584 -4.72 -14.24 -8.96
C PHE A 584 -3.21 -14.05 -9.03
N SER A 585 -2.61 -14.66 -10.05
CA SER A 585 -1.29 -14.30 -10.54
C SER A 585 -1.29 -14.60 -12.04
N SER A 586 -0.32 -14.03 -12.74
CA SER A 586 -0.19 -14.33 -14.16
C SER A 586 0.05 -15.82 -14.39
N ASP A 587 0.91 -16.43 -13.59
CA ASP A 587 1.14 -17.87 -13.71
C ASP A 587 -0.12 -18.65 -13.36
N VAL A 588 -0.89 -18.18 -12.38
CA VAL A 588 -2.07 -18.91 -11.95
C VAL A 588 -3.12 -18.94 -13.05
N ILE A 589 -3.41 -17.79 -13.65
CA ILE A 589 -4.45 -17.77 -14.67
C ILE A 589 -3.99 -18.49 -15.93
N LYS A 590 -2.69 -18.42 -16.25
CA LYS A 590 -2.19 -19.16 -17.40
C LYS A 590 -2.27 -20.67 -17.18
N ASP A 591 -1.91 -21.13 -15.98
CA ASP A 591 -2.01 -22.55 -15.67
C ASP A 591 -3.44 -23.04 -15.73
N ALA A 592 -4.39 -22.21 -15.29
CA ALA A 592 -5.80 -22.60 -15.35
C ALA A 592 -6.29 -22.65 -16.80
N ILE A 593 -5.79 -21.77 -17.67
CA ILE A 593 -6.16 -21.83 -19.08
C ILE A 593 -5.62 -23.12 -19.69
N THR A 594 -4.36 -23.46 -19.38
CA THR A 594 -3.79 -24.71 -19.87
C THR A 594 -4.55 -25.91 -19.34
N ALA A 595 -4.90 -25.90 -18.05
CA ALA A 595 -5.61 -27.03 -17.45
C ALA A 595 -7.02 -27.20 -18.03
N ALA A 596 -7.61 -26.13 -18.55
CA ALA A 596 -8.94 -26.19 -19.14
C ALA A 596 -8.91 -26.59 -20.62
N LYS A 597 -7.73 -26.74 -21.20
CA LYS A 597 -7.63 -27.05 -22.62
C LYS A 597 -8.14 -28.46 -22.91
N GLY A 598 -9.10 -28.56 -23.83
CA GLY A 598 -9.64 -29.85 -24.23
C GLY A 598 -10.62 -30.47 -23.26
N THR A 599 -10.91 -29.83 -22.13
CA THR A 599 -11.85 -30.36 -21.17
C THR A 599 -13.20 -29.66 -21.34
N THR A 600 -14.15 -30.02 -20.48
CA THR A 600 -15.47 -29.39 -20.44
C THR A 600 -15.74 -28.73 -19.09
N VAL A 601 -14.70 -28.51 -18.29
CA VAL A 601 -14.82 -27.87 -16.98
C VAL A 601 -14.51 -26.38 -17.15
N PRO A 602 -15.46 -25.49 -16.90
CA PRO A 602 -15.23 -24.07 -17.14
C PRO A 602 -14.21 -23.50 -16.15
N ILE A 603 -13.57 -22.42 -16.57
CA ILE A 603 -12.68 -21.67 -15.68
C ILE A 603 -13.52 -20.75 -14.81
N GLU A 604 -13.34 -20.86 -13.49
CA GLU A 604 -14.07 -20.04 -12.53
C GLU A 604 -13.21 -18.83 -12.17
N LEU A 605 -13.72 -17.64 -12.45
CA LEU A 605 -13.04 -16.40 -12.15
C LEU A 605 -13.84 -15.62 -11.11
N LEU A 606 -13.21 -15.34 -9.97
CA LEU A 606 -13.79 -14.41 -8.99
C LEU A 606 -13.44 -12.99 -9.41
N VAL A 607 -14.47 -12.15 -9.59
CA VAL A 607 -14.30 -10.83 -10.19
C VAL A 607 -14.78 -9.77 -9.21
N LYS A 608 -14.02 -8.67 -9.14
CA LYS A 608 -14.45 -7.47 -8.42
C LYS A 608 -14.88 -6.42 -9.43
N ARG A 609 -16.15 -6.01 -9.37
CA ARG A 609 -16.68 -4.95 -10.20
C ARG A 609 -17.11 -3.82 -9.28
N LEU A 610 -16.36 -2.72 -9.31
CA LEU A 610 -16.50 -1.65 -8.33
C LEU A 610 -16.41 -2.24 -6.93
N ASP A 611 -17.50 -2.18 -6.15
CA ASP A 611 -17.49 -2.68 -4.78
C ASP A 611 -18.26 -3.99 -4.62
N ARG A 612 -18.42 -4.76 -5.70
CA ARG A 612 -19.17 -6.02 -5.66
C ARG A 612 -18.31 -7.14 -6.22
N TYR A 613 -18.50 -8.33 -5.65
CA TYR A 613 -17.77 -9.53 -6.04
C TYR A 613 -18.73 -10.55 -6.62
N ASP A 614 -18.34 -11.17 -7.74
CA ASP A 614 -19.11 -12.25 -8.34
C ASP A 614 -18.18 -13.23 -9.01
N THR A 615 -18.66 -14.46 -9.19
CA THR A 615 -17.92 -15.53 -9.84
C THR A 615 -18.54 -15.82 -11.20
N VAL A 616 -17.71 -15.86 -12.24
CA VAL A 616 -18.17 -16.19 -13.57
C VAL A 616 -17.48 -17.47 -14.02
N ARG A 617 -18.19 -18.24 -14.85
CA ARG A 617 -17.67 -19.48 -15.44
C ARG A 617 -17.47 -19.26 -16.93
N ILE A 618 -16.22 -19.38 -17.37
CA ILE A 618 -15.86 -19.15 -18.77
C ILE A 618 -15.56 -20.49 -19.43
N ASP A 619 -16.34 -20.82 -20.46
CA ASP A 619 -16.16 -22.08 -21.19
C ASP A 619 -15.15 -21.91 -22.33
N TYR A 620 -13.91 -21.61 -21.95
CA TYR A 620 -12.82 -21.53 -22.91
C TYR A 620 -11.92 -22.74 -22.76
N HIS A 621 -11.73 -23.49 -23.85
CA HIS A 621 -10.97 -24.73 -23.80
C HIS A 621 -9.94 -24.83 -24.91
N GLY A 622 -9.52 -23.70 -25.47
CA GLY A 622 -8.51 -23.70 -26.51
C GLY A 622 -7.08 -23.62 -26.03
N GLY A 623 -6.88 -23.36 -24.73
CA GLY A 623 -5.55 -23.22 -24.19
C GLY A 623 -4.93 -21.88 -24.51
N LEU A 624 -3.67 -21.72 -24.09
CA LEU A 624 -2.93 -20.49 -24.37
C LEU A 624 -2.58 -20.44 -25.85
N LEU A 625 -2.76 -19.26 -26.45
CA LEU A 625 -2.56 -19.08 -27.89
C LEU A 625 -1.75 -17.81 -28.12
N TYR A 626 -0.51 -17.98 -28.58
CA TYR A 626 0.37 -16.88 -28.90
C TYR A 626 0.79 -16.95 -30.35
N PRO A 627 0.89 -15.81 -31.03
CA PRO A 627 1.10 -15.85 -32.49
C PRO A 627 2.56 -16.08 -32.87
N HIS A 628 2.74 -16.87 -33.93
CA HIS A 628 4.06 -17.12 -34.50
C HIS A 628 3.93 -17.22 -36.02
N LEU A 629 5.06 -17.14 -36.71
CA LEU A 629 5.12 -17.38 -38.14
C LEU A 629 5.86 -18.69 -38.38
N GLU A 630 5.30 -19.54 -39.24
CA GLU A 630 5.91 -20.80 -39.61
C GLU A 630 6.00 -20.91 -41.13
N ARG A 631 7.07 -21.54 -41.59
CA ARG A 631 7.31 -21.67 -43.03
C ARG A 631 6.27 -22.59 -43.66
N ILE A 632 5.88 -22.26 -44.89
CA ILE A 632 5.17 -23.19 -45.75
C ILE A 632 6.25 -23.83 -46.62
N ALA A 633 6.49 -25.12 -46.40
CA ALA A 633 7.69 -25.78 -46.93
C ALA A 633 7.78 -25.66 -48.46
N GLY A 634 6.67 -25.92 -49.16
CA GLY A 634 6.73 -25.92 -50.61
C GLY A 634 6.95 -24.56 -51.24
N LYS A 635 6.60 -23.48 -50.54
CA LYS A 635 6.60 -22.16 -51.17
C LYS A 635 7.95 -21.47 -51.02
N PRO A 636 8.31 -20.63 -51.98
CA PRO A 636 9.56 -19.86 -51.88
C PRO A 636 9.51 -18.90 -50.70
N ASP A 637 10.66 -18.75 -50.03
CA ASP A 637 10.77 -17.90 -48.85
C ASP A 637 11.13 -16.48 -49.28
N ARG A 638 10.10 -15.75 -49.73
CA ARG A 638 10.30 -14.35 -50.09
C ARG A 638 10.40 -13.46 -48.86
N LEU A 639 9.79 -13.87 -47.74
CA LEU A 639 9.81 -13.04 -46.54
C LEU A 639 11.23 -12.86 -46.02
N SER A 640 12.02 -13.95 -45.99
CA SER A 640 13.40 -13.84 -45.53
C SER A 640 14.24 -12.99 -46.46
N GLU A 641 13.96 -13.04 -47.78
CA GLU A 641 14.64 -12.15 -48.71
C GLU A 641 14.34 -10.70 -48.36
N LEU A 642 13.08 -10.39 -48.05
CA LEU A 642 12.69 -9.02 -47.75
C LEU A 642 13.42 -8.50 -46.51
N TYR A 643 13.53 -9.33 -45.48
CA TYR A 643 14.13 -8.94 -44.21
C TYR A 643 15.65 -9.10 -44.18
N LYS A 644 16.25 -9.52 -45.29
CA LYS A 644 17.69 -9.76 -45.35
C LYS A 644 18.44 -8.46 -45.65
N ALA A 645 19.61 -8.31 -45.03
CA ALA A 645 20.46 -7.15 -45.29
C ALA A 645 20.89 -7.12 -46.75
N ARG A 646 20.92 -5.93 -47.33
CA ARG A 646 21.36 -5.76 -48.71
C ARG A 646 22.83 -5.35 -48.76
N ALA B 42 19.96 -24.75 40.81
CA ALA B 42 21.31 -25.13 41.22
C ALA B 42 21.98 -24.02 42.03
N THR B 43 21.24 -22.95 42.32
CA THR B 43 21.73 -21.86 43.14
C THR B 43 21.27 -22.08 44.58
N ALA B 44 22.18 -21.87 45.53
CA ALA B 44 21.85 -22.13 46.93
C ALA B 44 20.68 -21.26 47.37
N ALA B 45 19.88 -21.80 48.28
CA ALA B 45 18.67 -21.12 48.70
C ALA B 45 19.01 -19.82 49.44
N PRO B 46 18.22 -18.77 49.24
CA PRO B 46 18.46 -17.54 50.01
C PRO B 46 18.16 -17.75 51.49
N GLN B 47 18.97 -17.13 52.34
CA GLN B 47 18.88 -17.29 53.77
C GLN B 47 18.61 -15.95 54.42
N ASP B 48 17.78 -15.95 55.47
CA ASP B 48 17.47 -14.75 56.22
C ASP B 48 18.63 -14.42 57.16
N VAL B 49 19.74 -14.02 56.56
CA VAL B 49 20.96 -13.66 57.29
C VAL B 49 21.36 -12.24 56.90
N PRO B 50 22.08 -11.51 57.75
CA PRO B 50 22.43 -10.12 57.41
C PRO B 50 23.38 -10.06 56.21
N PHE B 51 23.21 -9.02 55.40
CA PHE B 51 24.14 -8.71 54.33
C PHE B 51 24.99 -7.52 54.77
N GLU B 52 26.32 -7.71 54.80
CA GLU B 52 27.23 -6.66 55.23
C GLU B 52 27.51 -5.71 54.07
N GLY B 53 27.29 -4.42 54.31
CA GLY B 53 27.60 -3.39 53.34
C GLY B 53 26.39 -2.96 52.52
N THR B 54 26.70 -2.27 51.42
CA THR B 54 25.67 -1.68 50.57
C THR B 54 25.90 -2.07 49.12
N LEU B 55 24.81 -2.45 48.45
CA LEU B 55 24.83 -2.74 47.01
C LEU B 55 24.55 -1.43 46.27
N LYS B 56 25.56 -0.91 45.58
CA LYS B 56 25.43 0.34 44.84
C LYS B 56 25.10 0.04 43.38
N ILE B 57 24.03 0.65 42.88
CA ILE B 57 23.58 0.46 41.51
C ILE B 57 23.57 1.82 40.84
N ASP B 58 24.48 2.02 39.88
CA ASP B 58 24.60 3.29 39.17
C ASP B 58 24.23 3.07 37.70
N VAL B 59 23.25 3.82 37.22
CA VAL B 59 22.69 3.63 35.89
C VAL B 59 22.91 4.91 35.09
N ASP B 60 23.42 4.77 33.87
CA ASP B 60 23.49 5.86 32.91
C ASP B 60 22.35 5.62 31.92
N ALA B 61 21.38 6.55 31.90
CA ALA B 61 20.20 6.43 31.06
C ALA B 61 20.16 7.52 29.98
N THR B 62 21.30 7.78 29.35
CA THR B 62 21.40 8.86 28.38
C THR B 62 21.35 8.41 26.93
N ASP B 63 21.61 7.13 26.65
CA ASP B 63 21.63 6.64 25.26
C ASP B 63 20.21 6.31 24.82
N LEU B 64 19.44 7.37 24.56
CA LEU B 64 18.07 7.20 24.09
C LEU B 64 18.03 6.65 22.67
N GLN B 65 19.04 6.96 21.85
CA GLN B 65 19.02 6.52 20.45
C GLN B 65 19.10 5.00 20.34
N HIS B 66 20.08 4.39 21.02
CA HIS B 66 20.18 2.94 21.02
C HIS B 66 19.27 2.29 22.04
N ARG B 67 18.65 3.07 22.93
CA ARG B 67 17.77 2.57 23.99
C ARG B 67 18.52 1.64 24.93
N ILE B 68 19.71 2.09 25.35
CA ILE B 68 20.60 1.30 26.20
C ILE B 68 20.69 1.94 27.57
N PHE B 69 20.54 1.13 28.62
CA PHE B 69 20.87 1.53 29.98
C PHE B 69 22.24 0.94 30.32
N LYS B 70 23.20 1.79 30.65
CA LYS B 70 24.51 1.34 31.10
C LYS B 70 24.53 1.29 32.62
N VAL B 71 25.05 0.19 33.17
CA VAL B 71 24.91 -0.11 34.59
C VAL B 71 26.27 -0.42 35.20
N LYS B 72 26.48 0.06 36.42
CA LYS B 72 27.60 -0.33 37.26
C LYS B 72 27.04 -0.73 38.61
N THR B 73 27.26 -1.98 39.01
CA THR B 73 26.83 -2.48 40.32
C THR B 73 28.07 -2.77 41.16
N THR B 74 28.10 -2.23 42.38
CA THR B 74 29.25 -2.34 43.27
C THR B 74 28.81 -2.91 44.60
N PRO B 76 30.47 -5.25 48.38
CA PRO B 76 31.61 -5.90 49.04
C PRO B 76 31.85 -7.26 48.42
N ALA B 77 33.12 -7.64 48.34
CA ALA B 77 33.51 -8.88 47.70
C ALA B 77 33.99 -9.81 48.81
N THR B 78 33.33 -10.94 48.96
CA THR B 78 33.72 -11.89 49.97
C THR B 78 34.59 -12.97 49.33
N PRO B 79 35.77 -13.25 49.89
CA PRO B 79 36.64 -14.24 49.28
C PRO B 79 35.96 -15.59 49.19
N GLY B 80 36.27 -16.32 48.12
CA GLY B 80 35.64 -17.59 47.86
C GLY B 80 34.67 -17.50 46.70
N PRO B 81 33.91 -18.57 46.47
CA PRO B 81 32.92 -18.55 45.39
C PRO B 81 31.83 -17.53 45.66
N THR B 83 28.17 -15.89 43.72
CA THR B 83 27.18 -15.97 42.66
C THR B 83 26.34 -14.70 42.63
N LEU B 84 26.29 -14.06 41.47
CA LEU B 84 25.48 -12.87 41.27
C LEU B 84 24.21 -13.23 40.50
N LEU B 85 23.10 -12.63 40.90
CA LEU B 85 21.78 -12.96 40.37
C LEU B 85 21.21 -11.77 39.62
N TYR B 86 20.70 -12.02 38.43
CA TYR B 86 19.85 -11.09 37.71
C TYR B 86 18.40 -11.40 38.06
N PRO B 87 17.62 -10.43 38.51
CA PRO B 87 16.25 -10.71 38.95
C PRO B 87 15.44 -11.42 37.87
N GLN B 88 14.78 -12.51 38.26
CA GLN B 88 14.07 -13.39 37.34
C GLN B 88 12.55 -13.27 37.50
N TRP B 89 12.04 -13.57 38.69
CA TRP B 89 10.61 -13.43 39.00
C TRP B 89 10.37 -12.03 39.54
N ILE B 90 9.55 -11.25 38.85
CA ILE B 90 9.37 -9.83 39.13
C ILE B 90 8.02 -9.63 39.81
N PRO B 91 7.97 -9.07 41.02
CA PRO B 91 6.68 -8.88 41.69
C PRO B 91 5.73 -8.03 40.86
N GLY B 92 4.48 -8.47 40.78
CA GLY B 92 3.47 -7.85 39.96
C GLY B 92 3.28 -8.53 38.61
N ASN B 93 4.32 -9.19 38.11
CA ASN B 93 4.19 -9.98 36.89
C ASN B 93 3.86 -11.44 37.17
N HIS B 94 4.15 -11.94 38.38
CA HIS B 94 3.78 -13.29 38.79
C HIS B 94 4.37 -14.35 37.86
N SER B 95 5.50 -14.04 37.24
CA SER B 95 6.08 -14.92 36.22
C SER B 95 7.54 -14.54 36.06
N PRO B 96 8.36 -15.43 35.47
CA PRO B 96 9.80 -15.10 35.32
C PRO B 96 10.07 -14.21 34.12
N THR B 97 9.71 -12.93 34.25
CA THR B 97 9.80 -11.98 33.15
C THR B 97 11.16 -11.27 33.07
N GLY B 98 12.09 -11.55 33.99
CA GLY B 98 13.40 -10.96 33.96
C GLY B 98 14.07 -11.13 32.60
N PRO B 99 14.41 -10.01 31.95
CA PRO B 99 14.91 -10.07 30.54
C PRO B 99 16.39 -10.42 30.45
N ILE B 100 16.70 -11.69 30.77
CA ILE B 100 18.08 -12.12 30.90
C ILE B 100 18.85 -12.01 29.58
N ASP B 101 18.18 -12.20 28.45
CA ASP B 101 18.91 -12.16 27.19
C ASP B 101 19.19 -10.74 26.72
N LYS B 102 18.71 -9.73 27.44
CA LYS B 102 19.01 -8.33 27.16
C LYS B 102 20.14 -7.78 28.03
N LEU B 103 20.73 -8.62 28.88
CA LEU B 103 21.92 -8.24 29.65
C LEU B 103 23.16 -8.53 28.80
N ALA B 104 23.90 -7.49 28.44
CA ALA B 104 25.04 -7.65 27.55
C ALA B 104 26.23 -6.86 28.07
N GLY B 105 27.41 -7.18 27.54
CA GLY B 105 28.62 -6.48 27.91
C GLY B 105 29.07 -6.70 29.34
N LEU B 106 28.70 -7.82 29.94
CA LEU B 106 29.01 -8.06 31.35
C LEU B 106 30.51 -8.23 31.54
N VAL B 107 31.11 -7.37 32.35
CA VAL B 107 32.50 -7.47 32.77
C VAL B 107 32.54 -7.31 34.28
N ILE B 108 33.15 -8.26 34.97
CA ILE B 108 33.21 -8.25 36.43
C ILE B 108 34.66 -8.08 36.84
N LYS B 109 34.91 -7.11 37.71
CA LYS B 109 36.25 -6.80 38.23
C LYS B 109 36.23 -6.86 39.74
N VAL B 110 37.25 -7.48 40.32
CA VAL B 110 37.45 -7.50 41.76
C VAL B 110 38.68 -6.65 42.05
N ASP B 111 38.46 -5.53 42.74
CA ASP B 111 39.53 -4.57 43.05
C ASP B 111 40.29 -4.16 41.79
N GLY B 112 39.55 -3.94 40.71
CA GLY B 112 40.13 -3.48 39.46
C GLY B 112 40.61 -4.57 38.53
N LYS B 113 40.63 -5.83 38.96
CA LYS B 113 41.12 -6.93 38.15
C LYS B 113 39.95 -7.75 37.63
N VAL B 114 39.91 -7.95 36.31
CA VAL B 114 38.84 -8.73 35.69
C VAL B 114 38.90 -10.16 36.21
N VAL B 115 37.74 -10.69 36.60
CA VAL B 115 37.63 -12.10 36.95
C VAL B 115 36.67 -12.75 35.97
N PRO B 116 36.96 -13.96 35.48
CA PRO B 116 36.04 -14.61 34.53
C PRO B 116 34.77 -15.05 35.22
N TRP B 117 33.65 -14.93 34.53
CA TRP B 117 32.37 -15.39 35.06
C TRP B 117 31.88 -16.60 34.29
N THR B 118 31.15 -17.47 35.01
CA THR B 118 30.57 -18.68 34.44
C THR B 118 29.08 -18.69 34.77
N ARG B 119 28.25 -18.73 33.74
CA ARG B 119 26.81 -18.82 33.93
C ARG B 119 26.42 -20.25 34.31
N ASP B 120 25.48 -20.37 35.24
CA ASP B 120 24.94 -21.68 35.59
C ASP B 120 24.02 -22.17 34.47
N GLN B 121 24.40 -23.28 33.81
CA GLN B 121 23.59 -23.77 32.71
C GLN B 121 22.24 -24.29 33.18
N PHE B 122 22.08 -24.54 34.48
CA PHE B 122 20.80 -24.91 35.07
C PHE B 122 20.14 -23.74 35.80
N ASP B 123 20.73 -22.54 35.73
CA ASP B 123 20.13 -21.33 36.24
C ASP B 123 20.73 -20.14 35.50
N VAL B 124 20.18 -19.83 34.32
CA VAL B 124 20.82 -18.88 33.42
C VAL B 124 20.82 -17.45 33.94
N TYR B 125 20.17 -17.19 35.08
CA TYR B 125 20.20 -15.89 35.73
C TYR B 125 21.32 -15.77 36.76
N ALA B 126 22.14 -16.80 36.94
CA ALA B 126 23.16 -16.84 37.97
C ALA B 126 24.55 -16.81 37.34
N PHE B 127 25.38 -15.87 37.79
CA PHE B 127 26.73 -15.71 37.31
C PHE B 127 27.70 -16.00 38.46
N LYS B 128 28.62 -16.93 38.23
CA LYS B 128 29.56 -17.38 39.25
C LYS B 128 30.95 -16.84 38.95
N VAL B 129 31.61 -16.33 40.00
CA VAL B 129 33.00 -15.88 39.92
C VAL B 129 33.74 -16.39 41.15
N ASP B 130 35.07 -16.36 41.08
CA ASP B 130 35.93 -16.70 42.20
C ASP B 130 36.63 -15.44 42.70
N VAL B 131 36.36 -15.08 43.94
CA VAL B 131 36.93 -13.87 44.55
C VAL B 131 38.21 -14.27 45.27
N PRO B 132 39.35 -13.67 44.95
CA PRO B 132 40.61 -14.04 45.61
C PRO B 132 40.63 -13.62 47.08
N GLN B 133 41.53 -14.25 47.82
CA GLN B 133 41.72 -13.91 49.22
C GLN B 133 42.22 -12.47 49.36
N GLY B 134 41.78 -11.81 50.42
CA GLY B 134 42.18 -10.44 50.68
C GLY B 134 41.47 -9.38 49.87
N ALA B 135 40.47 -9.77 49.07
CA ALA B 135 39.78 -8.83 48.20
C ALA B 135 38.82 -7.95 49.00
N SER B 136 38.45 -6.83 48.42
CA SER B 136 37.58 -5.90 49.12
C SER B 136 36.30 -5.57 48.36
N GLU B 137 36.37 -5.36 47.05
CA GLU B 137 35.23 -4.81 46.33
C GLU B 137 35.06 -5.51 44.99
N LEU B 138 33.81 -5.81 44.64
CA LEU B 138 33.46 -6.39 43.35
C LEU B 138 32.65 -5.36 42.58
N VAL B 139 32.98 -5.18 41.31
CA VAL B 139 32.25 -4.28 40.43
C VAL B 139 31.81 -5.06 39.20
N ALA B 140 30.53 -5.03 38.91
CA ALA B 140 29.98 -5.61 37.69
C ALA B 140 29.43 -4.49 36.82
N GLU B 141 29.90 -4.43 35.58
CA GLU B 141 29.43 -3.46 34.60
C GLU B 141 28.81 -4.19 33.43
N PHE B 142 27.67 -3.70 32.96
CA PHE B 142 26.96 -4.31 31.84
C PHE B 142 25.99 -3.30 31.28
N LYS B 143 25.31 -3.70 30.21
CA LYS B 143 24.31 -2.86 29.56
C LYS B 143 23.02 -3.62 29.48
N PHE B 144 21.91 -2.92 29.72
CA PHE B 144 20.58 -3.45 29.49
C PHE B 144 20.11 -2.88 28.16
N LEU B 145 19.97 -3.75 27.16
CA LEU B 145 19.56 -3.34 25.81
C LEU B 145 18.04 -3.40 25.74
N SER B 146 17.40 -2.28 26.14
CA SER B 146 15.95 -2.22 26.18
C SER B 146 15.36 -2.33 24.78
N PRO B 147 14.08 -2.69 24.67
CA PRO B 147 13.50 -3.00 23.34
C PRO B 147 13.63 -1.84 22.36
N GLN B 148 14.15 -2.17 21.17
CA GLN B 148 14.22 -1.24 20.06
C GLN B 148 12.97 -1.28 19.19
N ALA B 149 12.06 -2.23 19.45
CA ALA B 149 10.75 -2.32 18.84
C ALA B 149 9.90 -3.19 19.74
N SER B 150 8.58 -3.07 19.58
N SER B 150 8.58 -3.07 19.58
CA SER B 150 7.66 -3.80 20.46
CA SER B 150 7.66 -3.80 20.46
C SER B 150 7.84 -5.31 20.38
C SER B 150 7.84 -5.31 20.37
N SER B 151 8.43 -5.82 19.30
CA SER B 151 8.66 -7.25 19.18
C SER B 151 9.66 -7.77 20.20
N GLN B 152 10.49 -6.91 20.77
CA GLN B 152 11.45 -7.32 21.80
C GLN B 152 10.91 -7.14 23.22
N GLY B 153 9.70 -6.61 23.36
CA GLY B 153 9.16 -6.22 24.64
C GLY B 153 8.69 -4.77 24.59
N ARG B 154 8.16 -4.31 25.73
CA ARG B 154 7.61 -2.96 25.75
C ARG B 154 8.75 -1.93 25.76
N VAL B 155 8.61 -0.91 24.91
CA VAL B 155 9.64 0.10 24.76
C VAL B 155 9.77 0.93 26.04
N THR B 158 12.17 6.76 24.88
CA THR B 158 11.70 7.55 23.75
C THR B 158 12.49 8.86 23.71
N PRO B 159 12.38 9.66 22.64
CA PRO B 159 13.07 10.95 22.63
C PRO B 159 12.56 11.94 23.68
N GLU B 160 11.38 11.69 24.28
CA GLU B 160 10.80 12.60 25.25
C GLU B 160 10.67 12.03 26.66
N LEU B 162 11.38 8.25 29.51
CA LEU B 162 11.93 6.92 29.73
C LEU B 162 11.31 6.34 30.99
N ASN B 163 11.41 5.02 31.10
CA ASN B 163 10.88 4.27 32.23
C ASN B 163 12.01 3.37 32.71
N LEU B 164 12.48 3.60 33.92
CA LEU B 164 13.57 2.83 34.51
C LEU B 164 13.00 1.86 35.54
N GLN B 165 13.13 0.57 35.27
CA GLN B 165 12.75 -0.49 36.21
C GLN B 165 14.05 -1.10 36.72
N TRP B 166 14.32 -0.91 38.01
CA TRP B 166 15.64 -1.21 38.56
C TRP B 166 15.98 -2.70 38.50
N ASN B 167 14.99 -3.59 38.40
CA ASN B 167 15.30 -5.01 38.25
C ASN B 167 16.01 -5.29 36.94
N THR B 168 15.77 -4.48 35.90
CA THR B 168 16.48 -4.69 34.64
C THR B 168 17.92 -4.21 34.68
N THR B 169 18.28 -3.40 35.68
CA THR B 169 19.60 -2.80 35.80
C THR B 169 20.24 -3.18 37.14
N ALA B 170 20.13 -4.44 37.53
CA ALA B 170 20.63 -4.84 38.85
C ALA B 170 21.19 -6.24 38.81
N LEU B 171 22.29 -6.45 39.54
CA LEU B 171 22.80 -7.75 39.91
C LEU B 171 22.99 -7.75 41.42
N TYR B 172 22.60 -8.84 42.08
CA TYR B 172 22.67 -8.90 43.53
C TYR B 172 23.17 -10.26 43.99
N PRO B 173 23.76 -10.33 45.18
CA PRO B 173 24.37 -11.60 45.63
C PRO B 173 23.34 -12.67 45.97
N ALA B 174 23.63 -13.89 45.53
CA ALA B 174 22.83 -15.03 45.95
C ALA B 174 23.05 -15.33 47.42
N GLY B 175 22.11 -16.07 48.01
CA GLY B 175 22.23 -16.54 49.37
C GLY B 175 21.61 -15.66 50.43
N TYR B 176 20.99 -14.54 50.06
CA TYR B 176 20.41 -13.61 51.01
C TYR B 176 18.96 -13.31 50.65
N PHE B 177 18.11 -13.21 51.68
CA PHE B 177 16.80 -12.59 51.50
C PHE B 177 17.01 -11.21 50.90
N ALA B 178 16.24 -10.88 49.86
CA ALA B 178 16.43 -9.62 49.17
C ALA B 178 16.23 -8.42 50.08
N ARG B 179 15.31 -8.55 51.05
CA ARG B 179 15.04 -7.45 51.98
C ARG B 179 16.20 -7.17 52.93
N ASN B 180 17.17 -8.08 53.04
CA ASN B 180 18.30 -7.89 53.92
C ASN B 180 19.46 -7.15 53.25
N ILE B 181 19.36 -6.88 51.95
CA ILE B 181 20.44 -6.23 51.19
C ILE B 181 20.14 -4.74 51.15
N LYS B 182 20.95 -3.94 51.85
CA LYS B 182 20.83 -2.50 51.74
C LYS B 182 21.41 -2.06 50.39
N ALA B 183 20.66 -1.22 49.69
CA ALA B 183 21.05 -0.76 48.36
C ALA B 183 21.01 0.75 48.29
N GLN B 184 21.76 1.30 47.32
CA GLN B 184 21.69 2.73 47.03
C GLN B 184 21.82 2.91 45.52
N ALA B 185 20.83 3.57 44.93
CA ALA B 185 20.76 3.72 43.49
C ALA B 185 21.06 5.15 43.07
N SER B 186 21.58 5.30 41.85
CA SER B 186 21.77 6.59 41.23
C SER B 186 21.56 6.45 39.73
N VAL B 187 21.16 7.54 39.09
CA VAL B 187 20.89 7.53 37.66
C VAL B 187 21.30 8.86 37.05
N THR B 188 21.94 8.81 35.90
CA THR B 188 22.25 9.99 35.10
C THR B 188 21.20 10.09 34.00
N LEU B 189 20.48 11.22 33.99
CA LEU B 189 19.34 11.46 33.11
C LEU B 189 19.76 12.17 31.84
N PRO B 190 18.95 12.10 30.79
CA PRO B 190 19.12 13.03 29.67
C PRO B 190 19.05 14.46 30.19
N ALA B 191 19.83 15.34 29.56
CA ALA B 191 20.06 16.68 30.08
C ALA B 191 18.76 17.42 30.34
N GLY B 192 18.59 17.89 31.58
CA GLY B 192 17.47 18.71 31.96
C GLY B 192 16.16 18.00 32.21
N TRP B 193 16.11 16.68 32.08
CA TRP B 193 14.84 15.96 32.23
C TRP B 193 14.37 15.97 33.67
N SER B 194 13.05 16.01 33.84
CA SER B 194 12.43 15.79 35.14
C SER B 194 12.26 14.30 35.38
N TYR B 195 12.02 13.94 36.65
CA TYR B 195 11.83 12.54 37.00
C TYR B 195 10.85 12.45 38.16
N ALA B 196 10.33 11.24 38.37
CA ALA B 196 9.41 10.99 39.48
C ALA B 196 9.54 9.54 39.91
N THR B 197 9.55 9.33 41.22
CA THR B 197 9.63 8.01 41.81
C THR B 197 9.26 8.14 43.28
N ALA B 198 8.79 7.03 43.86
CA ALA B 198 8.51 7.00 45.29
C ALA B 198 9.78 7.04 46.13
N GLU B 200 13.05 8.30 47.82
N GLU B 200 13.03 8.32 47.82
CA GLU B 200 13.49 9.62 48.25
CA GLU B 200 13.47 9.64 48.22
C GLU B 200 14.84 9.97 47.63
C GLU B 200 14.82 9.97 47.61
N THR B 201 14.95 11.20 47.12
CA THR B 201 16.18 11.67 46.51
C THR B 201 17.15 12.15 47.59
N GLU B 202 18.42 11.76 47.45
CA GLU B 202 19.46 12.31 48.32
C GLU B 202 20.02 13.61 47.77
N ARG B 203 20.37 13.62 46.48
CA ARG B 203 20.85 14.83 45.83
C ARG B 203 20.82 14.63 44.32
N ARG B 204 20.62 15.74 43.60
CA ARG B 204 20.78 15.79 42.16
C ARG B 204 21.91 16.76 41.88
N VAL B 205 22.97 16.28 41.24
CA VAL B 205 24.11 17.09 40.85
C VAL B 205 24.14 17.12 39.33
N GLY B 206 23.80 18.27 38.76
CA GLY B 206 23.60 18.35 37.32
C GLY B 206 22.43 17.46 36.92
N ASP B 207 22.72 16.40 36.17
CA ASP B 207 21.70 15.46 35.76
C ASP B 207 21.88 14.08 36.38
N THR B 208 22.72 13.96 37.40
CA THR B 208 22.92 12.71 38.12
C THR B 208 22.15 12.77 39.42
N VAL B 209 21.13 11.95 39.55
CA VAL B 209 20.29 11.89 40.74
C VAL B 209 20.77 10.74 41.60
N THR B 210 21.12 11.04 42.85
CA THR B 210 21.47 10.02 43.84
C THR B 210 20.32 9.90 44.83
N PHE B 211 19.83 8.68 45.00
CA PHE B 211 18.74 8.42 45.93
C PHE B 211 19.30 7.97 47.28
N LYS B 212 18.49 8.13 48.33
CA LYS B 212 18.88 7.70 49.65
C LYS B 212 18.93 6.17 49.70
N PRO B 213 19.70 5.61 50.63
CA PRO B 213 19.75 4.14 50.76
C PRO B 213 18.36 3.57 51.01
N ILE B 214 18.15 2.35 50.53
CA ILE B 214 16.86 1.69 50.63
C ILE B 214 17.11 0.19 50.52
N ASP B 215 16.22 -0.60 51.12
CA ASP B 215 16.32 -2.05 51.01
C ASP B 215 16.20 -2.47 49.55
N PHE B 216 16.96 -3.49 49.17
CA PHE B 216 17.04 -3.85 47.74
C PHE B 216 15.68 -4.24 47.18
N ASP B 217 14.84 -4.91 47.98
CA ASP B 217 13.52 -5.28 47.46
C ASP B 217 12.66 -4.04 47.22
N ASP B 218 12.82 -3.01 48.05
CA ASP B 218 12.09 -1.76 47.81
C ASP B 218 12.68 -0.97 46.66
N LEU B 219 13.98 -1.15 46.37
CA LEU B 219 14.55 -0.50 45.19
C LEU B 219 13.90 -1.03 43.91
N VAL B 220 13.79 -2.35 43.78
CA VAL B 220 13.11 -2.93 42.62
C VAL B 220 11.67 -2.46 42.56
N ASP B 221 11.05 -2.23 43.72
CA ASP B 221 9.67 -1.77 43.80
C ASP B 221 9.53 -0.26 43.66
N SER B 222 10.59 0.47 43.32
CA SER B 222 10.55 1.93 43.25
C SER B 222 10.97 2.40 41.85
N PRO B 223 10.16 2.12 40.84
CA PRO B 223 10.52 2.52 39.48
C PRO B 223 10.51 4.04 39.32
N PHE B 225 9.89 7.19 36.35
CA PHE B 225 9.61 7.82 35.06
C PHE B 225 10.44 9.09 34.98
N ALA B 226 10.89 9.41 33.77
CA ALA B 226 11.62 10.64 33.50
C ALA B 226 11.24 11.14 32.11
N GLY B 227 11.27 12.46 31.94
CA GLY B 227 10.89 13.04 30.66
C GLY B 227 11.01 14.54 30.68
N LYS B 228 10.83 15.13 29.49
CA LYS B 228 10.96 16.57 29.34
C LYS B 228 9.64 17.31 29.53
N TYR B 229 8.50 16.63 29.41
CA TYR B 229 7.19 17.25 29.56
C TYR B 229 6.51 16.63 30.78
N TYR B 230 6.54 17.35 31.90
CA TYR B 230 6.21 16.80 33.21
C TYR B 230 5.28 17.74 33.97
N LYS B 231 4.29 17.16 34.64
CA LYS B 231 3.43 17.91 35.55
C LYS B 231 3.21 17.08 36.81
N ARG B 232 3.36 17.72 37.97
CA ARG B 232 3.13 17.08 39.26
C ARG B 232 1.84 17.65 39.84
N VAL B 233 0.89 16.78 40.15
CA VAL B 233 -0.44 17.18 40.63
C VAL B 233 -0.67 16.55 41.99
N GLU B 234 -1.09 17.37 42.95
CA GLU B 234 -1.41 16.88 44.28
C GLU B 234 -2.80 16.27 44.28
N LEU B 235 -2.90 15.02 44.71
CA LEU B 235 -4.19 14.35 44.84
C LEU B 235 -4.70 14.32 46.27
N SER B 236 -3.82 14.24 47.25
CA SER B 236 -4.20 14.25 48.65
C SER B 236 -3.04 14.81 49.47
N ALA B 237 -3.34 15.80 50.30
CA ALA B 237 -2.35 16.33 51.22
C ALA B 237 -2.39 15.53 52.52
N GLY B 238 -1.68 15.99 53.54
CA GLY B 238 -1.67 15.34 54.83
C GLY B 238 -0.38 14.59 55.10
N LYS B 239 -0.44 13.71 56.09
CA LYS B 239 0.75 12.99 56.56
C LYS B 239 1.16 11.85 55.63
N GLN B 240 0.22 11.30 54.85
CA GLN B 240 0.51 10.25 53.89
C GLN B 240 0.04 10.73 52.51
N PRO B 241 0.74 11.70 51.92
CA PRO B 241 0.22 12.37 50.73
C PRO B 241 0.31 11.51 49.48
N VAL B 242 -0.53 11.87 48.50
CA VAL B 242 -0.62 11.16 47.22
C VAL B 242 -0.48 12.17 46.09
N TYR B 243 0.41 11.90 45.15
CA TYR B 243 0.67 12.79 44.03
C TYR B 243 0.53 12.03 42.72
N LEU B 244 0.14 12.75 41.67
CA LEU B 244 0.05 12.22 40.31
C LEU B 244 1.14 12.87 39.47
N ASN B 245 2.02 12.05 38.89
CA ASN B 245 3.13 12.52 38.07
C ASN B 245 2.85 12.15 36.63
N VAL B 246 2.67 13.16 35.77
CA VAL B 246 2.26 12.97 34.38
C VAL B 246 3.42 13.34 33.47
N PHE B 247 3.80 12.40 32.61
CA PHE B 247 4.75 12.64 31.53
C PHE B 247 4.04 12.40 30.20
N ALA B 248 4.37 13.21 29.19
CA ALA B 248 3.64 13.17 27.93
C ALA B 248 4.60 13.28 26.75
N ASP B 249 4.16 12.74 25.60
CA ASP B 249 4.91 12.95 24.36
C ASP B 249 4.99 14.42 24.00
N GLU B 250 3.92 15.17 24.27
CA GLU B 250 3.84 16.58 23.97
C GLU B 250 3.21 17.31 25.15
N ALA B 251 3.68 18.53 25.40
CA ALA B 251 3.27 19.26 26.60
C ALA B 251 1.77 19.53 26.61
N LYS B 252 1.12 19.58 25.45
CA LYS B 252 -0.30 19.90 25.40
C LYS B 252 -1.14 18.84 26.10
N SER B 253 -0.65 17.60 26.18
CA SER B 253 -1.40 16.53 26.83
C SER B 253 -1.49 16.69 28.34
N LEU B 254 -0.70 17.59 28.94
CA LEU B 254 -0.66 17.76 30.38
C LEU B 254 -1.76 18.68 30.92
N ASP B 255 -2.62 19.21 30.05
CA ASP B 255 -3.62 20.20 30.46
C ASP B 255 -4.83 19.48 31.05
N ALA B 256 -4.64 18.96 32.26
CA ALA B 256 -5.73 18.32 32.99
C ALA B 256 -6.64 19.40 33.59
N LYS B 257 -7.94 19.23 33.42
CA LYS B 257 -8.91 20.20 33.91
C LYS B 257 -9.23 19.94 35.38
N PRO B 258 -9.72 20.96 36.10
CA PRO B 258 -9.97 20.79 37.54
C PRO B 258 -10.91 19.64 37.88
N GLU B 259 -12.01 19.48 37.12
CA GLU B 259 -12.93 18.40 37.40
C GLU B 259 -12.30 17.04 37.15
N GLN B 260 -11.36 16.97 36.20
CA GLN B 260 -10.66 15.71 35.93
C GLN B 260 -9.71 15.35 37.07
N ILE B 261 -8.98 16.34 37.59
CA ILE B 261 -8.12 16.11 38.76
C ILE B 261 -8.95 15.71 39.97
N LYS B 262 -10.13 16.34 40.13
CA LYS B 262 -10.98 16.04 41.27
C LYS B 262 -11.37 14.56 41.29
N ALA B 263 -11.68 13.99 40.12
CA ALA B 263 -12.02 12.57 40.06
C ALA B 263 -10.87 11.70 40.55
N HIS B 264 -9.63 12.08 40.22
CA HIS B 264 -8.48 11.34 40.73
C HIS B 264 -8.31 11.57 42.23
N ALA B 265 -8.55 12.81 42.69
CA ALA B 265 -8.54 13.07 44.12
C ALA B 265 -9.65 12.32 44.83
N ALA B 266 -10.82 12.22 44.19
CA ALA B 266 -11.93 11.46 44.76
C ALA B 266 -11.58 9.98 44.89
N LEU B 267 -10.80 9.44 43.94
CA LEU B 267 -10.38 8.05 44.05
C LEU B 267 -9.63 7.81 45.36
N VAL B 268 -8.73 8.73 45.74
CA VAL B 268 -8.00 8.57 47.00
C VAL B 268 -8.96 8.65 48.19
N GLN B 269 -9.92 9.56 48.13
CA GLN B 269 -10.89 9.68 49.23
C GLN B 269 -11.75 8.43 49.34
N GLN B 270 -12.20 7.90 48.20
CA GLN B 270 -13.06 6.71 48.23
C GLN B 270 -12.32 5.49 48.74
N ASP B 272 -9.97 5.66 51.01
CA ASP B 272 -9.94 5.90 52.46
C ASP B 272 -11.21 5.38 53.12
N LYS B 273 -12.37 5.62 52.49
CA LYS B 273 -13.63 5.15 53.05
C LYS B 273 -13.65 3.64 53.13
N LEU B 274 -13.06 2.96 52.14
CA LEU B 274 -13.12 1.50 52.10
C LEU B 274 -12.17 0.89 53.13
N TYR B 275 -10.91 1.29 53.12
CA TYR B 275 -9.88 0.64 53.93
C TYR B 275 -9.63 1.32 55.26
N GLY B 276 -9.81 2.64 55.34
CA GLY B 276 -9.51 3.35 56.57
C GLY B 276 -8.06 3.43 56.94
N ALA B 277 -7.17 3.09 56.01
CA ALA B 277 -5.73 3.13 56.24
C ALA B 277 -5.03 3.19 54.90
N ARG B 278 -3.81 3.73 54.93
CA ARG B 278 -2.95 3.82 53.75
C ARG B 278 -1.66 3.09 54.05
N HIS B 279 -1.26 2.19 53.16
CA HIS B 279 -0.07 1.38 53.36
C HIS B 279 1.11 1.95 52.57
N PHE B 280 1.49 3.16 52.98
CA PHE B 280 2.60 3.92 52.43
C PHE B 280 2.79 5.16 53.29
N ASP B 281 4.01 5.69 53.31
CA ASP B 281 4.21 7.03 53.87
C ASP B 281 3.90 8.12 52.86
N HIS B 282 3.96 7.79 51.57
CA HIS B 282 3.51 8.67 50.49
C HIS B 282 3.33 7.80 49.26
N TYR B 283 2.55 8.30 48.30
CA TYR B 283 2.28 7.53 47.09
C TYR B 283 2.47 8.43 45.87
N GLU B 284 3.12 7.88 44.85
CA GLU B 284 3.43 8.63 43.63
C GLU B 284 2.90 7.86 42.42
N PHE B 285 1.76 8.30 41.89
CA PHE B 285 1.30 7.81 40.60
C PHE B 285 2.27 8.22 39.51
N LEU B 286 2.66 7.27 38.66
CA LEU B 286 3.47 7.55 37.48
C LEU B 286 2.61 7.28 36.25
N LEU B 287 2.36 8.32 35.46
CA LEU B 287 1.44 8.24 34.33
C LEU B 287 2.13 8.78 33.08
N ALA B 288 2.26 7.94 32.06
CA ALA B 288 2.84 8.32 30.78
C ALA B 288 1.74 8.42 29.74
N LEU B 289 1.54 9.62 29.19
CA LEU B 289 0.57 9.86 28.12
C LEU B 289 1.35 9.85 26.82
N THR B 290 1.26 8.73 26.08
CA THR B 290 2.26 8.47 25.06
C THR B 290 1.69 7.55 24.00
N LYS B 291 2.29 7.63 22.81
CA LYS B 291 2.14 6.63 21.77
C LYS B 291 3.46 5.93 21.48
N LYS B 292 4.51 6.23 22.22
CA LYS B 292 5.85 5.70 21.97
C LYS B 292 6.32 4.73 23.03
N LEU B 293 6.12 5.04 24.31
CA LEU B 293 6.46 4.12 25.37
C LEU B 293 5.52 2.92 25.36
N GLY B 294 6.07 1.74 25.65
CA GLY B 294 5.23 0.56 25.72
C GLY B 294 4.20 0.66 26.83
N GLY B 295 3.00 0.17 26.57
CA GLY B 295 1.95 0.22 27.58
C GLY B 295 2.36 -0.52 28.84
N ILE B 296 1.86 -0.04 29.97
CA ILE B 296 2.23 -0.64 31.25
C ILE B 296 1.13 -0.36 32.27
N GLY B 297 0.90 -1.35 33.12
CA GLY B 297 0.12 -1.19 34.34
C GLY B 297 0.74 -2.04 35.42
N LEU B 298 1.70 -1.48 36.19
CA LEU B 298 2.45 -2.25 37.16
C LEU B 298 2.37 -1.58 38.52
N GLU B 299 1.92 -2.33 39.52
CA GLU B 299 1.67 -1.82 40.86
C GLU B 299 2.92 -1.89 41.73
N HIS B 300 2.97 -1.01 42.74
CA HIS B 300 4.01 -1.03 43.75
C HIS B 300 3.43 -0.53 45.06
N HIS B 301 4.22 -0.66 46.13
CA HIS B 301 3.78 -0.23 47.46
C HIS B 301 3.43 1.25 47.48
N ARG B 302 4.33 2.09 46.99
CA ARG B 302 4.22 3.55 47.11
C ARG B 302 4.17 4.24 45.77
N SER B 303 3.88 3.49 44.70
CA SER B 303 3.84 4.05 43.36
C SER B 303 3.17 3.03 42.44
N SER B 304 2.93 3.45 41.20
CA SER B 304 2.49 2.53 40.15
C SER B 304 2.93 3.10 38.81
N GLU B 305 3.25 2.19 37.89
CA GLU B 305 3.61 2.55 36.52
C GLU B 305 2.37 2.42 35.64
N ASN B 306 1.93 3.52 35.05
CA ASN B 306 0.70 3.58 34.26
C ASN B 306 0.97 4.27 32.93
N SER B 307 0.32 3.78 31.88
CA SER B 307 0.38 4.41 30.57
C SER B 307 -1.03 4.73 30.09
N GLY B 308 -1.17 5.85 29.38
CA GLY B 308 -2.41 6.21 28.74
C GLY B 308 -2.15 6.88 27.42
N ALA B 309 -3.23 7.08 26.67
CA ALA B 309 -3.13 7.77 25.39
C ALA B 309 -2.85 9.25 25.62
N PRO B 310 -2.26 9.93 24.62
CA PRO B 310 -2.05 11.38 24.75
C PRO B 310 -3.32 12.17 25.05
N ASN B 311 -4.50 11.64 24.71
CA ASN B 311 -5.76 12.33 24.96
C ASN B 311 -6.42 11.88 26.26
N TYR B 312 -5.65 11.36 27.21
CA TYR B 312 -6.19 10.95 28.50
C TYR B 312 -7.02 12.05 29.14
N PHE B 313 -6.51 13.29 29.09
CA PHE B 313 -7.23 14.45 29.60
C PHE B 313 -7.90 15.29 28.51
N THR B 314 -7.22 15.49 27.38
CA THR B 314 -7.71 16.44 26.39
C THR B 314 -8.97 15.94 25.68
N GLU B 315 -9.16 14.62 25.61
CA GLU B 315 -10.40 14.05 25.06
C GLU B 315 -10.99 13.10 26.10
N TRP B 316 -11.39 13.69 27.23
CA TRP B 316 -11.84 12.94 28.39
C TRP B 316 -12.99 12.00 28.05
N ASP B 317 -13.92 12.47 27.20
CA ASP B 317 -15.10 11.66 26.89
C ASP B 317 -14.80 10.50 25.96
N LYS B 318 -13.67 10.53 25.25
CA LYS B 318 -13.32 9.46 24.33
C LYS B 318 -12.42 8.40 24.93
N SER B 319 -11.70 8.74 26.01
CA SER B 319 -10.67 7.87 26.57
C SER B 319 -11.11 7.19 27.87
N TRP B 320 -12.42 6.96 28.02
CA TRP B 320 -12.93 6.53 29.32
C TRP B 320 -12.69 5.04 29.59
N THR B 321 -12.64 4.20 28.55
CA THR B 321 -12.62 2.75 28.79
C THR B 321 -11.39 2.31 29.56
N GLY B 322 -10.29 3.05 29.46
CA GLY B 322 -9.07 2.71 30.17
C GLY B 322 -8.85 3.40 31.49
N ARG B 323 -9.80 4.21 31.96
CA ARG B 323 -9.58 5.03 33.14
C ARG B 323 -9.72 4.28 34.47
N ASP B 324 -10.05 2.99 34.44
CA ASP B 324 -9.98 2.21 35.67
C ASP B 324 -8.55 1.80 36.03
N LEU B 325 -7.58 2.12 35.17
CA LEU B 325 -6.22 1.65 35.37
C LEU B 325 -5.63 2.18 36.67
N LEU B 326 -5.72 3.50 36.89
CA LEU B 326 -5.11 4.08 38.09
C LEU B 326 -5.82 3.61 39.35
N ALA B 327 -7.14 3.47 39.30
CA ALA B 327 -7.87 2.89 40.43
C ALA B 327 -7.44 1.45 40.67
N HIS B 328 -7.26 0.69 39.59
CA HIS B 328 -6.81 -0.69 39.68
C HIS B 328 -5.44 -0.78 40.34
N GLU B 329 -4.46 -0.05 39.80
CA GLU B 329 -3.10 -0.14 40.34
C GLU B 329 -3.02 0.42 41.76
N PHE B 330 -3.79 1.46 42.06
CA PHE B 330 -3.78 2.03 43.40
C PHE B 330 -4.29 1.02 44.42
N ASN B 331 -5.36 0.29 44.09
CA ASN B 331 -5.90 -0.70 45.01
C ASN B 331 -4.87 -1.75 45.35
N HIS B 332 -3.95 -2.06 44.43
CA HIS B 332 -2.93 -3.06 44.67
C HIS B 332 -1.99 -2.69 45.82
N SER B 333 -1.85 -1.39 46.12
CA SER B 333 -1.04 -1.01 47.26
C SER B 333 -1.55 -1.67 48.53
N TRP B 334 -2.87 -1.82 48.64
CA TRP B 334 -3.46 -2.64 49.70
C TRP B 334 -3.44 -4.11 49.34
N ASN B 335 -4.08 -4.46 48.22
CA ASN B 335 -4.34 -5.84 47.83
C ASN B 335 -3.31 -6.27 46.79
N GLY B 336 -2.24 -6.89 47.25
CA GLY B 336 -1.20 -7.36 46.36
C GLY B 336 0.19 -6.99 46.85
N LYS B 337 0.39 -5.70 47.14
CA LYS B 337 1.68 -5.27 47.68
C LYS B 337 1.74 -5.45 49.19
N TYR B 338 0.83 -4.80 49.92
CA TYR B 338 0.85 -4.95 51.38
C TYR B 338 0.46 -6.36 51.79
N ARG B 339 -0.68 -6.84 51.30
CA ARG B 339 -1.14 -8.20 51.57
C ARG B 339 -0.94 -9.05 50.33
N ARG B 340 -0.29 -10.19 50.50
CA ARG B 340 0.13 -11.03 49.39
C ARG B 340 0.03 -12.49 49.84
N GLY B 341 -0.28 -13.37 48.90
CA GLY B 341 -0.30 -14.79 49.23
C GLY B 341 1.06 -15.25 49.70
N ALA B 342 1.07 -16.12 50.72
CA ALA B 342 2.33 -16.57 51.31
C ALA B 342 3.22 -17.25 50.26
N ASP B 343 2.62 -18.02 49.35
CA ASP B 343 3.40 -18.66 48.29
C ASP B 343 3.85 -17.68 47.22
N LEU B 344 3.32 -16.45 47.22
CA LEU B 344 3.77 -15.44 46.29
C LEU B 344 4.86 -14.55 46.87
N ALA B 345 4.91 -14.41 48.20
CA ALA B 345 5.88 -13.54 48.88
C ALA B 345 7.19 -14.30 49.06
N THR B 346 7.97 -14.33 47.99
CA THR B 346 9.20 -15.11 47.95
C THR B 346 10.38 -14.34 48.57
N PRO B 347 11.43 -15.07 49.02
CA PRO B 347 12.54 -14.41 49.72
C PRO B 347 13.49 -13.63 48.82
N ASN B 348 13.59 -13.98 47.54
CA ASN B 348 14.34 -13.14 46.60
C ASN B 348 13.68 -13.25 45.23
N PHE B 349 14.33 -12.68 44.22
CA PHE B 349 13.75 -12.61 42.88
C PHE B 349 14.13 -13.80 42.01
N ASN B 350 14.69 -14.85 42.58
CA ASN B 350 15.24 -15.93 41.77
C ASN B 350 14.83 -17.31 42.31
N VAL B 351 13.67 -17.36 42.96
CA VAL B 351 13.00 -18.62 43.32
C VAL B 351 11.58 -18.51 42.77
N PRO B 352 10.93 -19.61 42.40
CA PRO B 352 9.64 -19.51 41.72
C PRO B 352 8.54 -18.99 42.64
N GLY B 354 4.45 -18.75 43.71
CA GLY B 354 3.21 -19.50 43.70
C GLY B 354 2.04 -18.56 43.52
N ASP B 355 1.32 -18.72 42.41
CA ASP B 355 0.28 -17.78 42.02
C ASP B 355 -1.11 -18.22 42.46
N SER B 356 -1.21 -19.19 43.38
CA SER B 356 -2.48 -19.86 43.64
C SER B 356 -3.58 -18.91 44.08
N LEU B 357 -3.23 -17.80 44.74
CA LEU B 357 -4.24 -16.90 45.29
C LEU B 357 -4.39 -15.62 44.48
N LEU B 358 -4.05 -15.68 43.17
CA LEU B 358 -4.19 -14.48 42.35
C LEU B 358 -5.64 -14.06 42.16
N TRP B 359 -6.61 -14.95 42.40
CA TRP B 359 -8.00 -14.52 42.27
C TRP B 359 -8.44 -13.58 43.40
N LEU B 360 -7.62 -13.42 44.44
CA LEU B 360 -7.78 -12.31 45.37
C LEU B 360 -6.88 -11.14 45.01
N TYR B 361 -5.58 -11.39 44.83
CA TYR B 361 -4.63 -10.36 44.41
C TYR B 361 -5.16 -9.55 43.24
N GLU B 362 -5.37 -10.20 42.10
CA GLU B 362 -5.86 -9.52 40.90
C GLU B 362 -7.37 -9.54 40.79
N GLY B 363 -8.03 -10.61 41.25
CA GLY B 363 -9.46 -10.73 41.07
C GLY B 363 -10.24 -9.65 41.80
N GLN B 364 -9.96 -9.47 43.09
CA GLN B 364 -10.68 -8.43 43.83
C GLN B 364 -10.19 -7.04 43.46
N THR B 365 -8.94 -6.92 43.01
CA THR B 365 -8.47 -5.62 42.54
C THR B 365 -9.15 -5.23 41.24
N GLN B 366 -9.35 -6.18 40.33
CA GLN B 366 -10.16 -5.90 39.15
C GLN B 366 -11.56 -5.45 39.55
N PHE B 367 -12.12 -6.09 40.58
CA PHE B 367 -13.44 -5.72 41.10
C PHE B 367 -13.43 -4.28 41.61
N TRP B 368 -12.49 -3.95 42.50
CA TRP B 368 -12.45 -2.61 43.07
C TRP B 368 -12.05 -1.57 42.04
N GLY B 369 -11.23 -1.94 41.06
CA GLY B 369 -10.85 -0.99 40.04
C GLY B 369 -12.04 -0.41 39.31
N GLU B 370 -13.01 -1.26 38.96
CA GLU B 370 -14.21 -0.78 38.28
C GLU B 370 -15.18 -0.12 39.24
N VAL B 371 -15.36 -0.68 40.45
CA VAL B 371 -16.25 -0.08 41.42
C VAL B 371 -15.77 1.31 41.82
N SER B 373 -13.82 3.27 40.13
CA SER B 373 -13.98 4.18 39.00
C SER B 373 -15.35 4.84 39.04
N ALA B 374 -16.38 4.08 39.39
CA ALA B 374 -17.72 4.65 39.51
C ALA B 374 -17.83 5.53 40.74
N ARG B 375 -17.31 5.06 41.88
CA ARG B 375 -17.43 5.83 43.12
C ARG B 375 -16.69 7.16 43.03
N SER B 376 -15.57 7.20 42.30
CA SER B 376 -14.75 8.40 42.23
C SER B 376 -15.16 9.35 41.13
N GLY B 377 -15.95 8.89 40.16
CA GLY B 377 -16.29 9.71 39.01
C GLY B 377 -15.38 9.57 37.82
N LEU B 378 -14.35 8.71 37.89
CA LEU B 378 -13.55 8.42 36.71
C LEU B 378 -14.41 7.80 35.61
N TRP B 379 -15.41 7.02 36.00
CA TRP B 379 -16.42 6.50 35.10
C TRP B 379 -17.78 7.02 35.54
N THR B 380 -18.69 7.18 34.59
CA THR B 380 -20.08 7.37 34.96
C THR B 380 -20.68 6.03 35.41
N GLN B 381 -21.82 6.10 36.11
CA GLN B 381 -22.48 4.87 36.55
C GLN B 381 -22.94 4.03 35.37
N GLU B 382 -23.37 4.68 34.29
CA GLU B 382 -23.79 3.93 33.10
C GLU B 382 -22.61 3.21 32.46
N GLN B 383 -21.45 3.86 32.40
CA GLN B 383 -20.27 3.22 31.84
C GLN B 383 -19.83 2.03 32.68
N ALA B 384 -19.82 2.20 34.01
CA ALA B 384 -19.45 1.09 34.89
C ALA B 384 -20.45 -0.06 34.76
N ARG B 385 -21.73 0.26 34.57
CA ARG B 385 -22.74 -0.79 34.46
C ARG B 385 -22.58 -1.57 33.15
N ASP B 386 -22.29 -0.88 32.06
CA ASP B 386 -22.08 -1.58 30.79
C ASP B 386 -20.78 -2.38 30.80
N LEU B 388 -19.59 -3.87 33.49
CA LEU B 388 -19.97 -5.06 34.24
C LEU B 388 -20.81 -6.01 33.40
N ALA B 389 -21.70 -5.48 32.58
CA ALA B 389 -22.48 -6.33 31.68
C ALA B 389 -21.58 -7.11 30.73
N GLY B 390 -20.54 -6.44 30.22
CA GLY B 390 -19.61 -7.13 29.34
C GLY B 390 -18.86 -8.26 30.02
N VAL B 391 -18.48 -8.05 31.29
CA VAL B 391 -17.81 -9.12 32.03
C VAL B 391 -18.77 -10.28 32.23
N ALA B 392 -20.01 -10.00 32.62
CA ALA B 392 -20.98 -11.05 32.87
C ALA B 392 -21.23 -11.88 31.62
N ALA B 393 -21.37 -11.22 30.47
CA ALA B 393 -21.56 -11.95 29.22
C ALA B 393 -20.33 -12.77 28.86
N GLN B 394 -19.14 -12.27 29.18
CA GLN B 394 -17.92 -13.02 28.90
C GLN B 394 -17.94 -14.38 29.57
N TYR B 395 -18.50 -14.46 30.78
CA TYR B 395 -18.54 -15.74 31.48
C TYR B 395 -19.86 -16.48 31.30
N GLU B 396 -20.91 -15.80 30.87
CA GLU B 396 -22.14 -16.51 30.52
C GLU B 396 -22.05 -17.13 29.13
N ARG B 397 -21.48 -16.40 28.16
CA ARG B 397 -21.43 -16.87 26.78
C ARG B 397 -20.05 -16.79 26.13
N GLY B 398 -19.12 -15.99 26.63
CA GLY B 398 -17.85 -15.80 25.98
C GLY B 398 -16.71 -16.66 26.48
N ARG B 399 -16.97 -17.63 27.34
CA ARG B 399 -15.93 -18.51 27.89
C ARG B 399 -16.39 -19.96 27.84
N PRO B 400 -16.49 -20.54 26.63
CA PRO B 400 -16.81 -21.97 26.55
C PRO B 400 -15.73 -22.86 27.13
N GLY B 401 -14.51 -22.36 27.30
CA GLY B 401 -13.45 -23.13 27.94
C GLY B 401 -13.71 -23.43 29.40
N ALA B 403 -16.01 -25.16 30.40
CA ALA B 403 -16.53 -26.53 30.44
C ALA B 403 -15.46 -27.52 30.87
N TRP B 404 -14.19 -27.22 30.63
CA TRP B 404 -13.10 -28.14 30.94
C TRP B 404 -12.05 -27.58 31.90
N ARG B 405 -11.90 -26.26 31.97
CA ARG B 405 -10.87 -25.64 32.78
C ARG B 405 -11.51 -24.71 33.82
N THR B 406 -10.90 -24.65 35.00
CA THR B 406 -11.38 -23.82 36.09
C THR B 406 -10.62 -22.50 36.15
N VAL B 407 -11.25 -21.52 36.81
CA VAL B 407 -10.58 -20.23 37.02
C VAL B 407 -9.34 -20.40 37.88
N GLN B 408 -9.37 -21.34 38.83
CA GLN B 408 -8.19 -21.59 39.65
C GLN B 408 -6.99 -21.97 38.78
N ASP B 409 -7.22 -22.79 37.75
CA ASP B 409 -6.10 -23.21 36.91
C ASP B 409 -5.52 -22.05 36.12
N THR B 410 -6.31 -21.01 35.85
CA THR B 410 -5.77 -19.87 35.09
C THR B 410 -4.77 -19.06 35.88
N THR B 411 -4.64 -19.28 37.19
CA THR B 411 -3.57 -18.60 37.93
C THR B 411 -2.20 -19.08 37.50
N ASN B 412 -2.10 -20.17 36.74
CA ASN B 412 -0.85 -20.62 36.17
C ASN B 412 -0.57 -19.99 34.81
N ASP B 413 -1.50 -19.21 34.27
CA ASP B 413 -1.32 -18.62 32.94
C ASP B 413 -0.13 -17.67 32.83
N PRO B 414 0.22 -16.86 33.83
CA PRO B 414 1.42 -16.01 33.68
C PRO B 414 2.68 -16.80 33.31
N THR B 415 2.92 -17.92 33.98
CA THR B 415 4.08 -18.74 33.68
C THR B 415 3.87 -19.62 32.45
N SER B 417 1.91 -18.94 29.72
CA SER B 417 1.72 -18.20 28.48
C SER B 417 2.58 -16.95 28.36
N ARG B 419 1.63 -14.02 28.49
CA ARG B 419 0.80 -13.16 27.64
C ARG B 419 1.17 -13.26 26.16
N ARG B 420 1.84 -14.34 25.76
CA ARG B 420 2.10 -14.59 24.35
C ARG B 420 0.80 -14.92 23.62
N PRO B 421 0.76 -14.74 22.30
CA PRO B 421 -0.50 -14.95 21.57
C PRO B 421 -1.05 -16.36 21.73
N LYS B 422 -2.35 -16.46 21.96
CA LYS B 422 -3.04 -17.75 21.94
C LYS B 422 -4.23 -17.69 21.01
N ALA B 423 -4.55 -18.85 20.44
CA ALA B 423 -5.55 -18.93 19.39
C ALA B 423 -6.96 -18.65 19.92
N TYR B 424 -7.31 -19.22 21.07
CA TYR B 424 -8.66 -19.11 21.63
C TYR B 424 -8.56 -18.71 23.10
N ARG B 425 -8.48 -17.40 23.37
CA ARG B 425 -8.59 -16.93 24.74
C ARG B 425 -9.91 -17.34 25.36
N ASN B 426 -10.94 -17.52 24.54
CA ASN B 426 -12.25 -17.90 25.04
C ASN B 426 -12.36 -19.38 25.36
N TYR B 427 -11.51 -20.24 24.79
CA TYR B 427 -11.55 -21.67 25.06
C TYR B 427 -10.35 -22.16 25.86
N GLN B 428 -9.13 -21.75 25.50
CA GLN B 428 -7.99 -22.01 26.37
C GLN B 428 -8.13 -21.25 27.68
N SER B 430 -7.72 -17.38 29.69
CA SER B 430 -6.53 -16.52 29.77
C SER B 430 -6.66 -15.63 31.00
N GLU B 431 -5.99 -16.01 32.09
CA GLU B 431 -5.87 -15.18 33.28
C GLU B 431 -7.25 -14.74 33.79
N ASP B 432 -8.20 -15.66 33.76
CA ASP B 432 -9.56 -15.34 34.18
C ASP B 432 -9.68 -15.14 35.69
N TYR B 433 -8.59 -15.32 36.44
CA TYR B 433 -8.61 -14.91 37.83
C TYR B 433 -8.86 -13.41 37.96
N TYR B 434 -8.67 -12.64 36.89
CA TYR B 434 -9.04 -11.23 36.84
C TYR B 434 -10.55 -11.04 36.84
N SER B 435 -11.17 -11.22 35.67
CA SER B 435 -12.58 -10.90 35.48
C SER B 435 -13.49 -11.98 36.05
N GLY B 436 -13.09 -13.25 35.92
CA GLY B 436 -13.82 -14.31 36.60
C GLY B 436 -13.74 -14.16 38.11
N GLY B 437 -12.57 -13.77 38.62
CA GLY B 437 -12.47 -13.47 40.04
C GLY B 437 -13.35 -12.29 40.44
N GLN B 438 -13.43 -11.28 39.57
CA GLN B 438 -14.29 -10.12 39.81
C GLN B 438 -15.74 -10.55 40.02
N TRP B 441 -16.25 -12.14 43.44
CA TRP B 441 -16.28 -11.17 44.52
C TRP B 441 -17.56 -10.37 44.51
N LEU B 442 -18.15 -10.14 43.33
CA LEU B 442 -19.50 -9.57 43.28
C LEU B 442 -20.50 -10.50 43.94
N GLU B 443 -20.39 -11.81 43.71
CA GLU B 443 -21.29 -12.74 44.37
C GLU B 443 -21.00 -12.81 45.87
N VAL B 444 -19.73 -12.72 46.25
CA VAL B 444 -19.37 -12.65 47.66
C VAL B 444 -20.05 -11.45 48.32
N ASP B 445 -20.00 -10.29 47.65
CA ASP B 445 -20.68 -9.10 48.18
C ASP B 445 -22.17 -9.34 48.38
N SER B 446 -22.82 -9.93 47.37
CA SER B 446 -24.26 -10.17 47.48
C SER B 446 -24.59 -11.15 48.59
N LYS B 447 -23.73 -12.16 48.79
CA LYS B 447 -23.96 -13.13 49.86
C LYS B 447 -23.78 -12.50 51.23
N LEU B 448 -22.77 -11.64 51.38
CA LEU B 448 -22.58 -10.93 52.65
C LEU B 448 -23.80 -10.09 52.99
N ARG B 449 -24.39 -9.42 51.99
CA ARG B 449 -25.59 -8.65 52.24
C ARG B 449 -26.76 -9.54 52.63
N ALA B 450 -26.94 -10.67 51.94
CA ALA B 450 -28.05 -11.56 52.22
C ALA B 450 -27.93 -12.16 53.62
N LEU B 451 -26.71 -12.48 54.04
CA LEU B 451 -26.49 -13.07 55.35
C LEU B 451 -26.72 -12.07 56.48
N THR B 452 -26.62 -10.77 56.19
CA THR B 452 -26.66 -9.75 57.24
C THR B 452 -27.79 -8.75 57.07
N ASN B 453 -28.76 -9.03 56.20
CA ASN B 453 -29.86 -8.09 55.93
C ASN B 453 -29.29 -6.73 55.49
N ASN B 454 -28.31 -6.78 54.59
CA ASN B 454 -27.66 -5.63 53.98
C ASN B 454 -26.87 -4.78 54.97
N LYS B 455 -26.61 -5.28 56.18
CA LYS B 455 -25.81 -4.51 57.13
C LYS B 455 -24.32 -4.66 56.86
N ARG B 456 -23.91 -5.73 56.19
CA ARG B 456 -22.52 -5.94 55.81
C ARG B 456 -22.42 -6.18 54.31
N SER B 457 -21.28 -5.83 53.74
CA SER B 457 -21.00 -6.02 52.32
C SER B 457 -19.52 -6.30 52.15
N ILE B 458 -19.07 -6.36 50.90
CA ILE B 458 -17.66 -6.60 50.64
C ILE B 458 -16.78 -5.47 51.15
N ASP B 459 -17.35 -4.28 51.35
CA ASP B 459 -16.59 -3.19 51.95
C ASP B 459 -16.06 -3.59 53.33
N ASP B 460 -16.85 -4.35 54.08
CA ASP B 460 -16.41 -4.77 55.41
C ASP B 460 -15.27 -5.77 55.33
N PHE B 461 -15.24 -6.61 54.30
CA PHE B 461 -14.09 -7.50 54.11
C PHE B 461 -12.83 -6.69 53.79
N GLY B 462 -12.94 -5.71 52.91
CA GLY B 462 -11.77 -4.92 52.55
C GLY B 462 -11.14 -4.23 53.74
N LYS B 463 -11.97 -3.59 54.57
CA LYS B 463 -11.47 -2.93 55.76
C LYS B 463 -10.89 -3.93 56.74
N ALA B 464 -11.55 -5.08 56.92
CA ALA B 464 -11.07 -6.06 57.89
C ALA B 464 -9.79 -6.73 57.41
N PHE B 465 -9.70 -7.04 56.12
CA PHE B 465 -8.56 -7.80 55.61
C PHE B 465 -7.36 -6.93 55.26
N PHE B 466 -7.57 -5.67 54.87
CA PHE B 466 -6.49 -4.82 54.42
C PHE B 466 -6.31 -3.55 55.25
N GLY B 467 -7.24 -3.24 56.15
CA GLY B 467 -7.22 -1.97 56.84
C GLY B 467 -6.42 -1.89 58.12
N LYS B 469 -2.89 -1.75 60.53
CA LYS B 469 -1.52 -1.25 60.50
C LYS B 469 -1.35 -0.13 59.47
N ASN B 470 -2.02 0.99 59.74
CA ASN B 470 -1.86 2.16 58.88
C ASN B 470 -0.41 2.60 58.85
N GLY B 471 0.08 2.91 57.65
CA GLY B 471 1.46 3.34 57.46
C GLY B 471 2.43 2.22 57.15
N ASP B 472 2.09 0.98 57.47
CA ASP B 472 2.97 -0.16 57.20
C ASP B 472 2.95 -0.51 55.72
N TRP B 473 4.12 -0.57 55.10
CA TRP B 473 4.20 -1.08 53.72
C TRP B 473 5.23 -2.19 53.61
N ASP B 474 5.44 -2.94 54.69
CA ASP B 474 6.06 -4.25 54.59
C ASP B 474 4.99 -5.28 54.24
N VAL B 475 5.42 -6.40 53.66
CA VAL B 475 4.47 -7.41 53.21
C VAL B 475 3.86 -8.14 54.39
N ASN B 476 2.54 -8.30 54.39
CA ASN B 476 1.78 -9.02 55.41
C ASN B 476 1.13 -10.21 54.71
N PRO B 477 1.76 -11.38 54.73
CA PRO B 477 1.28 -12.50 53.92
C PRO B 477 -0.02 -13.10 54.47
N TYR B 478 -0.71 -13.82 53.59
CA TYR B 478 -1.93 -14.53 53.98
C TYR B 478 -1.99 -15.86 53.25
N THR B 479 -2.86 -16.73 53.76
CA THR B 479 -3.17 -18.02 53.16
C THR B 479 -4.65 -18.07 52.84
N PHE B 480 -5.07 -19.16 52.19
CA PHE B 480 -6.48 -19.35 51.87
C PHE B 480 -7.34 -19.33 53.15
N ASP B 481 -6.86 -19.99 54.21
CA ASP B 481 -7.63 -20.03 55.46
C ASP B 481 -7.82 -18.65 56.06
N ASP B 482 -6.87 -17.74 55.86
CA ASP B 482 -7.04 -16.37 56.36
C ASP B 482 -8.19 -15.66 55.65
N ILE B 483 -8.33 -15.90 54.34
CA ILE B 483 -9.44 -15.30 53.60
C ILE B 483 -10.77 -15.81 54.14
N VAL B 484 -10.87 -17.13 54.30
CA VAL B 484 -12.10 -17.73 54.81
C VAL B 484 -12.41 -17.19 56.21
N SER B 485 -11.40 -17.13 57.08
CA SER B 485 -11.62 -16.69 58.44
C SER B 485 -12.09 -15.25 58.50
N THR B 486 -11.50 -14.37 57.67
CA THR B 486 -11.92 -12.97 57.67
C THR B 486 -13.33 -12.81 57.10
N LEU B 487 -13.64 -13.53 56.02
CA LEU B 487 -15.00 -13.51 55.51
C LEU B 487 -15.98 -14.02 56.57
N ASN B 488 -15.61 -15.09 57.27
CA ASN B 488 -16.47 -15.62 58.33
C ASN B 488 -16.66 -14.61 59.45
N GLY B 489 -15.64 -13.80 59.73
CA GLY B 489 -15.78 -12.77 60.74
C GLY B 489 -16.75 -11.68 60.37
N VAL B 490 -16.88 -11.39 59.07
CA VAL B 490 -17.88 -10.42 58.62
C VAL B 490 -19.28 -11.03 58.74
N ALA B 491 -19.45 -12.26 58.27
CA ALA B 491 -20.72 -12.97 58.38
C ALA B 491 -20.44 -14.46 58.35
N ALA B 492 -20.89 -15.18 59.37
CA ALA B 492 -20.60 -16.60 59.48
C ALA B 492 -21.24 -17.38 58.35
N PHE B 493 -20.44 -18.23 57.69
CA PHE B 493 -20.86 -19.01 56.53
C PHE B 493 -19.72 -19.94 56.16
N ASP B 494 -20.04 -21.00 55.42
CA ASP B 494 -19.02 -21.93 54.93
C ASP B 494 -18.36 -21.33 53.70
N TRP B 495 -17.52 -20.32 53.95
CA TRP B 495 -16.88 -19.60 52.86
C TRP B 495 -15.85 -20.46 52.14
N ALA B 496 -15.25 -21.41 52.84
CA ALA B 496 -14.29 -22.30 52.19
C ALA B 496 -14.95 -23.07 51.04
N SER B 497 -16.13 -23.65 51.30
CA SER B 497 -16.84 -24.36 50.24
C SER B 497 -17.29 -23.40 49.15
N PHE B 498 -17.77 -22.21 49.53
CA PHE B 498 -18.23 -21.24 48.53
C PHE B 498 -17.10 -20.85 47.58
N LEU B 499 -15.93 -20.52 48.13
CA LEU B 499 -14.81 -20.09 47.29
C LEU B 499 -14.32 -21.22 46.40
N ARG B 500 -14.15 -22.42 46.98
CA ARG B 500 -13.64 -23.54 46.20
C ARG B 500 -14.63 -23.96 45.10
N SER B 501 -15.93 -23.91 45.40
CA SER B 501 -16.91 -24.30 44.40
C SER B 501 -16.91 -23.37 43.20
N ARG B 502 -16.59 -22.09 43.41
CA ARG B 502 -16.56 -21.16 42.29
C ARG B 502 -15.25 -21.26 41.52
N ASP B 504 -12.86 -23.77 41.67
CA ASP B 504 -12.57 -25.12 41.20
C ASP B 504 -13.72 -25.72 40.40
N GLY B 505 -14.77 -24.93 40.12
CA GLY B 505 -15.94 -25.44 39.45
C GLY B 505 -16.02 -25.04 37.99
N HIS B 506 -17.05 -25.54 37.34
CA HIS B 506 -17.34 -25.23 35.94
C HIS B 506 -18.69 -24.54 35.77
N GLY B 507 -19.36 -24.20 36.86
CA GLY B 507 -20.68 -23.61 36.81
C GLY B 507 -20.63 -22.10 36.67
N SER B 508 -21.80 -21.49 36.79
CA SER B 508 -21.93 -20.06 36.54
C SER B 508 -21.20 -19.24 37.61
N LEU B 509 -20.58 -18.15 37.17
CA LEU B 509 -19.92 -17.21 38.07
C LEU B 509 -20.70 -15.93 38.25
N ILE B 510 -21.80 -15.74 37.54
CA ILE B 510 -22.45 -14.44 37.45
C ILE B 510 -23.64 -14.34 38.42
N GLY B 511 -23.70 -15.23 39.42
CA GLY B 511 -24.81 -15.23 40.35
C GLY B 511 -24.95 -13.95 41.16
N GLY B 512 -23.86 -13.20 41.34
CA GLY B 512 -23.92 -11.96 42.08
C GLY B 512 -24.74 -10.88 41.39
N ILE B 513 -24.87 -10.97 40.05
CA ILE B 513 -25.68 -9.99 39.32
C ILE B 513 -27.13 -10.07 39.77
N GLU B 514 -27.72 -11.27 39.66
CA GLU B 514 -29.13 -11.42 40.00
C GLU B 514 -29.35 -11.26 41.50
N ALA B 515 -28.41 -11.74 42.32
CA ALA B 515 -28.56 -11.60 43.76
C ALA B 515 -28.55 -10.14 44.19
N ASN B 516 -27.85 -9.28 43.45
CA ASN B 516 -27.81 -7.86 43.76
C ASN B 516 -28.84 -7.05 42.96
N GLY B 517 -29.80 -7.71 42.32
CA GLY B 517 -30.98 -7.04 41.81
C GLY B 517 -31.03 -6.73 40.33
N TRP B 518 -30.13 -7.28 39.52
CA TRP B 518 -30.11 -7.00 38.09
C TRP B 518 -30.07 -8.29 37.30
N LYS B 519 -30.24 -8.18 35.99
CA LYS B 519 -30.25 -9.33 35.10
C LYS B 519 -29.49 -8.99 33.83
N LEU B 520 -28.65 -9.94 33.40
CA LEU B 520 -27.90 -9.79 32.16
C LEU B 520 -28.82 -10.10 30.98
N VAL B 521 -28.95 -9.14 30.06
CA VAL B 521 -29.77 -9.30 28.86
C VAL B 521 -28.93 -8.96 27.64
N TYR B 522 -29.43 -9.36 26.47
CA TYR B 522 -28.79 -9.08 25.20
C TYR B 522 -29.81 -8.48 24.23
N ASN B 523 -29.39 -7.45 23.50
CA ASN B 523 -30.22 -6.84 22.47
C ASN B 523 -29.32 -6.23 21.41
N ASP B 524 -29.93 -5.55 20.43
CA ASP B 524 -29.20 -4.94 19.34
C ASP B 524 -28.68 -3.54 19.67
N GLU B 525 -28.91 -3.05 20.88
CA GLU B 525 -28.37 -1.75 21.27
C GLU B 525 -26.89 -1.90 21.62
N PRO B 526 -26.01 -1.09 21.04
CA PRO B 526 -24.58 -1.29 21.27
C PRO B 526 -24.17 -1.05 22.73
N ASN B 527 -23.22 -1.86 23.20
CA ASN B 527 -22.63 -1.65 24.50
C ASN B 527 -21.72 -0.43 24.47
N LEU B 528 -21.78 0.39 25.53
CA LEU B 528 -21.02 1.64 25.55
C LEU B 528 -19.52 1.38 25.42
N ALA B 529 -19.01 0.36 26.11
CA ALA B 529 -17.60 0.02 26.00
C ALA B 529 -17.26 -0.47 24.60
N THR B 530 -18.06 -1.41 24.08
CA THR B 530 -17.83 -1.92 22.73
C THR B 530 -17.91 -0.81 21.69
N LYS B 531 -18.92 0.06 21.81
CA LYS B 531 -19.06 1.17 20.86
C LYS B 531 -17.85 2.07 20.88
N THR B 532 -17.39 2.47 22.07
CA THR B 532 -16.23 3.34 22.17
C THR B 532 -14.97 2.62 21.69
N ASP B 533 -14.84 1.33 22.00
CA ASP B 533 -13.65 0.57 21.66
C ASP B 533 -13.63 0.11 20.21
N GLU B 534 -14.70 0.32 19.46
CA GLU B 534 -14.73 -0.02 18.04
C GLU B 534 -14.92 1.18 17.15
N SER B 535 -15.30 2.35 17.69
CA SER B 535 -15.51 3.51 16.85
C SER B 535 -14.16 4.05 16.37
N ASP B 536 -14.21 5.15 15.63
CA ASP B 536 -13.05 5.73 14.95
C ASP B 536 -12.34 4.74 14.02
N ASP B 537 -12.03 3.55 14.51
CA ASP B 537 -11.40 2.53 13.67
C ASP B 537 -12.38 1.80 12.76
N LYS B 538 -13.68 1.90 13.03
CA LYS B 538 -14.70 1.18 12.28
C LYS B 538 -14.50 -0.34 12.38
N ASP B 539 -14.14 -0.80 13.58
CA ASP B 539 -14.01 -2.22 13.83
C ASP B 539 -15.38 -2.82 14.11
N ALA B 540 -15.43 -4.15 14.30
CA ALA B 540 -16.71 -4.84 14.47
C ALA B 540 -16.56 -5.98 15.47
N SER B 541 -17.16 -5.84 16.65
CA SER B 541 -17.22 -6.91 17.64
C SER B 541 -18.55 -7.63 17.50
N LEU B 542 -18.50 -8.88 17.06
CA LEU B 542 -19.70 -9.67 16.79
C LEU B 542 -19.67 -10.98 17.57
N THR B 543 -19.18 -10.91 18.80
CA THR B 543 -18.96 -12.12 19.60
C THR B 543 -20.25 -12.88 19.84
N TYR B 544 -21.33 -12.17 20.15
CA TYR B 544 -22.58 -12.82 20.55
C TYR B 544 -23.58 -12.95 19.40
N SER B 545 -23.18 -12.60 18.18
CA SER B 545 -23.97 -12.89 17.01
C SER B 545 -23.24 -13.90 16.13
N LEU B 546 -22.30 -13.43 15.32
CA LEU B 546 -21.54 -14.32 14.45
C LEU B 546 -20.38 -15.01 15.15
N GLY B 547 -20.10 -14.68 16.41
CA GLY B 547 -19.05 -15.36 17.15
C GLY B 547 -17.65 -15.03 16.68
N SER B 549 -14.69 -11.37 15.97
CA SER B 549 -14.39 -9.95 15.91
C SER B 549 -13.56 -9.67 14.67
N LEU B 550 -13.74 -8.49 14.09
CA LEU B 550 -13.07 -8.13 12.85
C LEU B 550 -12.49 -6.73 12.94
N LYS B 551 -11.39 -6.54 12.23
CA LYS B 551 -10.87 -5.20 12.00
C LYS B 551 -11.63 -4.57 10.83
N ALA B 552 -11.43 -3.26 10.66
CA ALA B 552 -12.08 -2.56 9.55
C ALA B 552 -11.65 -3.14 8.20
N SER B 553 -10.44 -3.69 8.12
CA SER B 553 -9.96 -4.31 6.88
C SER B 553 -10.74 -5.57 6.52
N GLY B 554 -11.48 -6.14 7.45
CA GLY B 554 -12.10 -7.43 7.26
C GLY B 554 -11.32 -8.58 7.85
N ASP B 555 -10.10 -8.34 8.30
CA ASP B 555 -9.31 -9.38 8.95
C ASP B 555 -9.98 -9.80 10.24
N ILE B 556 -10.16 -11.11 10.40
CA ILE B 556 -10.73 -11.63 11.64
C ILE B 556 -9.68 -11.56 12.73
N SER B 557 -10.03 -10.93 13.85
CA SER B 557 -9.12 -10.77 14.97
C SER B 557 -9.40 -11.72 16.13
N ASP B 558 -10.55 -12.38 16.14
CA ASP B 558 -10.88 -13.32 17.19
C ASP B 558 -12.06 -14.17 16.74
N VAL B 559 -12.08 -15.42 17.17
CA VAL B 559 -13.15 -16.36 16.84
C VAL B 559 -13.58 -17.07 18.11
N LEU B 560 -14.89 -17.05 18.38
CA LEU B 560 -15.45 -17.71 19.55
C LEU B 560 -15.56 -19.21 19.30
N TRP B 561 -15.00 -20.00 20.20
CA TRP B 561 -15.10 -21.44 20.12
C TRP B 561 -16.55 -21.88 20.05
N ASP B 562 -16.86 -22.77 19.11
CA ASP B 562 -18.17 -23.34 18.87
C ASP B 562 -19.21 -22.33 18.38
N GLY B 563 -18.78 -21.13 17.98
CA GLY B 563 -19.70 -20.15 17.44
C GLY B 563 -19.90 -20.31 15.94
N PRO B 564 -20.76 -19.47 15.36
CA PRO B 564 -21.06 -19.62 13.92
C PRO B 564 -19.85 -19.47 13.02
N ALA B 565 -18.99 -18.48 13.26
CA ALA B 565 -17.79 -18.36 12.43
C ALA B 565 -16.88 -19.56 12.61
N PHE B 566 -16.72 -20.01 13.86
CA PHE B 566 -15.94 -21.21 14.14
C PHE B 566 -16.48 -22.41 13.38
N ASN B 567 -17.81 -22.56 13.35
CA ASN B 567 -18.41 -23.72 12.69
C ASN B 567 -18.31 -23.66 11.18
N ALA B 568 -17.94 -22.52 10.61
CA ALA B 568 -17.62 -22.42 9.19
C ALA B 568 -16.14 -22.64 8.91
N GLY B 569 -15.37 -23.08 9.91
CA GLY B 569 -13.96 -23.30 9.74
C GLY B 569 -13.09 -22.06 9.80
N LEU B 570 -13.65 -20.90 10.12
CA LEU B 570 -12.89 -19.66 10.11
C LEU B 570 -11.95 -19.59 11.31
N ILE B 571 -10.78 -18.98 11.09
CA ILE B 571 -9.82 -18.73 12.14
C ILE B 571 -9.35 -17.28 12.06
N THR B 572 -8.83 -16.79 13.18
CA THR B 572 -8.16 -15.50 13.22
C THR B 572 -7.08 -15.44 12.15
N GLY B 573 -7.05 -14.33 11.41
CA GLY B 573 -6.13 -14.16 10.31
C GLY B 573 -6.77 -14.36 8.95
N ASN B 574 -7.84 -15.15 8.87
CA ASN B 574 -8.66 -15.15 7.68
C ASN B 574 -9.27 -13.76 7.48
N THR B 575 -9.68 -13.47 6.25
CA THR B 575 -10.22 -12.16 5.89
C THR B 575 -11.61 -12.32 5.32
N ILE B 576 -12.57 -11.58 5.87
CA ILE B 576 -13.89 -11.49 5.25
C ILE B 576 -13.80 -10.46 4.12
N VAL B 577 -13.85 -10.94 2.88
CA VAL B 577 -13.67 -10.07 1.72
C VAL B 577 -14.98 -9.39 1.34
N ALA B 578 -16.09 -10.12 1.38
CA ALA B 578 -17.37 -9.58 0.97
C ALA B 578 -18.48 -10.22 1.80
N VAL B 579 -19.60 -9.51 1.89
CA VAL B 579 -20.79 -9.99 2.58
C VAL B 579 -21.96 -9.89 1.62
N ASN B 580 -22.54 -11.05 1.28
CA ASN B 580 -23.59 -11.12 0.27
C ASN B 580 -23.14 -10.44 -1.02
N GLY B 581 -21.87 -10.60 -1.36
CA GLY B 581 -21.31 -10.07 -2.58
C GLY B 581 -20.85 -8.64 -2.53
N ARG B 582 -21.04 -7.93 -1.42
CA ARG B 582 -20.65 -6.54 -1.28
C ARG B 582 -19.35 -6.43 -0.49
N ALA B 583 -18.43 -5.59 -0.97
CA ALA B 583 -17.14 -5.40 -0.30
C ALA B 583 -17.33 -5.12 1.18
N PHE B 584 -16.48 -5.73 2.00
CA PHE B 584 -16.70 -5.71 3.43
C PHE B 584 -16.56 -4.33 4.03
N SER B 585 -17.44 -4.02 4.97
CA SER B 585 -17.26 -2.95 5.93
C SER B 585 -17.97 -3.36 7.20
N SER B 586 -17.64 -2.69 8.30
CA SER B 586 -18.32 -2.98 9.55
C SER B 586 -19.82 -2.74 9.42
N ASP B 587 -20.22 -1.64 8.80
CA ASP B 587 -21.64 -1.38 8.59
C ASP B 587 -22.27 -2.44 7.69
N VAL B 588 -21.52 -2.89 6.68
CA VAL B 588 -22.08 -3.84 5.72
C VAL B 588 -22.41 -5.17 6.40
N ILE B 589 -21.48 -5.68 7.20
CA ILE B 589 -21.72 -6.98 7.84
C ILE B 589 -22.77 -6.88 8.93
N LYS B 590 -22.85 -5.74 9.64
CA LYS B 590 -23.88 -5.57 10.65
C LYS B 590 -25.27 -5.51 10.02
N ASP B 591 -25.41 -4.77 8.91
CA ASP B 591 -26.69 -4.69 8.23
C ASP B 591 -27.12 -6.06 7.71
N ALA B 592 -26.15 -6.87 7.26
CA ALA B 592 -26.49 -8.21 6.81
C ALA B 592 -26.92 -9.11 7.97
N ILE B 593 -26.32 -8.92 9.15
CA ILE B 593 -26.75 -9.68 10.31
C ILE B 593 -28.18 -9.34 10.67
N THR B 594 -28.50 -8.04 10.67
CA THR B 594 -29.87 -7.61 10.93
C THR B 594 -30.82 -8.12 9.85
N ALA B 595 -30.40 -8.06 8.59
CA ALA B 595 -31.26 -8.52 7.50
C ALA B 595 -31.51 -10.02 7.57
N ALA B 596 -30.60 -10.78 8.19
CA ALA B 596 -30.76 -12.22 8.32
C ALA B 596 -31.59 -12.62 9.53
N LYS B 597 -32.00 -11.66 10.35
CA LYS B 597 -32.75 -11.97 11.56
C LYS B 597 -34.12 -12.52 11.23
N GLY B 598 -34.43 -13.71 11.75
CA GLY B 598 -35.73 -14.32 11.55
C GLY B 598 -35.97 -14.96 10.21
N THR B 599 -35.01 -14.91 9.29
CA THR B 599 -35.17 -15.52 7.97
C THR B 599 -34.47 -16.88 7.95
N THR B 600 -34.52 -17.52 6.78
CA THR B 600 -33.80 -18.78 6.55
C THR B 600 -32.77 -18.64 5.44
N VAL B 601 -32.43 -17.41 5.08
CA VAL B 601 -31.44 -17.15 4.03
C VAL B 601 -30.10 -16.96 4.73
N PRO B 602 -29.12 -17.84 4.52
CA PRO B 602 -27.85 -17.71 5.24
C PRO B 602 -27.09 -16.48 4.78
N ILE B 603 -26.21 -16.00 5.66
CA ILE B 603 -25.32 -14.90 5.32
C ILE B 603 -24.18 -15.45 4.48
N GLU B 604 -23.96 -14.87 3.31
CA GLU B 604 -22.90 -15.32 2.42
C GLU B 604 -21.66 -14.47 2.68
N LEU B 605 -20.59 -15.10 3.14
CA LEU B 605 -19.35 -14.43 3.43
C LEU B 605 -18.29 -14.95 2.46
N LEU B 606 -17.73 -14.04 1.66
CA LEU B 606 -16.58 -14.37 0.84
C LEU B 606 -15.34 -14.27 1.71
N VAL B 607 -14.58 -15.36 1.82
CA VAL B 607 -13.50 -15.47 2.78
C VAL B 607 -12.20 -15.70 2.03
N LYS B 608 -11.15 -15.04 2.49
CA LYS B 608 -9.80 -15.32 2.04
C LYS B 608 -9.07 -16.08 3.13
N ARG B 609 -8.63 -17.29 2.82
CA ARG B 609 -7.84 -18.12 3.73
C ARG B 609 -6.49 -18.33 3.07
N LEU B 610 -5.45 -17.69 3.62
CA LEU B 610 -4.14 -17.65 2.97
C LEU B 610 -4.30 -17.16 1.53
N ASP B 611 -4.01 -18.01 0.55
CA ASP B 611 -4.08 -17.62 -0.85
C ASP B 611 -5.30 -18.20 -1.58
N ARG B 612 -6.35 -18.54 -0.84
CA ARG B 612 -7.54 -19.14 -1.42
C ARG B 612 -8.78 -18.36 -1.01
N TYR B 613 -9.73 -18.28 -1.94
CA TYR B 613 -11.00 -17.59 -1.71
C TYR B 613 -12.12 -18.61 -1.76
N ASP B 614 -13.04 -18.52 -0.80
CA ASP B 614 -14.22 -19.38 -0.80
C ASP B 614 -15.38 -18.61 -0.18
N THR B 615 -16.59 -19.07 -0.48
CA THR B 615 -17.81 -18.46 0.04
C THR B 615 -18.44 -19.43 1.03
N VAL B 616 -18.74 -18.91 2.23
CA VAL B 616 -19.39 -19.70 3.27
C VAL B 616 -20.76 -19.10 3.53
N ARG B 617 -21.70 -19.97 3.88
CA ARG B 617 -23.06 -19.58 4.21
C ARG B 617 -23.28 -19.82 5.70
N ILE B 618 -23.56 -18.76 6.44
CA ILE B 618 -23.72 -18.84 7.90
C ILE B 618 -25.21 -18.74 8.20
N ASP B 619 -25.75 -19.81 8.78
CA ASP B 619 -27.17 -19.85 9.15
C ASP B 619 -27.38 -19.26 10.54
N TYR B 620 -27.02 -17.99 10.68
CA TYR B 620 -27.26 -17.25 11.92
C TYR B 620 -28.39 -16.26 11.70
N HIS B 621 -29.43 -16.37 12.52
CA HIS B 621 -30.63 -15.55 12.34
C HIS B 621 -31.09 -14.90 13.65
N GLY B 622 -30.19 -14.72 14.61
CA GLY B 622 -30.51 -14.08 15.87
C GLY B 622 -30.32 -12.58 15.91
N GLY B 623 -29.72 -11.99 14.86
CA GLY B 623 -29.47 -10.56 14.85
C GLY B 623 -28.30 -10.16 15.71
N LEU B 624 -28.07 -8.85 15.77
CA LEU B 624 -27.01 -8.29 16.60
C LEU B 624 -27.37 -8.39 18.07
N LEU B 625 -26.41 -8.80 18.89
CA LEU B 625 -26.65 -9.05 20.32
C LEU B 625 -25.52 -8.46 21.14
N TYR B 626 -25.83 -7.45 21.96
CA TYR B 626 -24.85 -6.86 22.87
C TYR B 626 -25.35 -6.92 24.31
N PRO B 627 -24.47 -7.14 25.27
CA PRO B 627 -24.92 -7.37 26.66
C PRO B 627 -25.23 -6.09 27.40
N HIS B 628 -26.26 -6.15 28.24
CA HIS B 628 -26.66 -5.05 29.11
C HIS B 628 -27.16 -5.63 30.44
N LEU B 629 -27.27 -4.75 31.43
CA LEU B 629 -27.87 -5.09 32.71
C LEU B 629 -29.21 -4.39 32.84
N GLU B 630 -30.23 -5.13 33.27
CA GLU B 630 -31.56 -4.58 33.49
C GLU B 630 -32.00 -4.89 34.91
N ARG B 631 -32.79 -3.97 35.47
CA ARG B 631 -33.27 -4.13 36.84
C ARG B 631 -34.26 -5.28 36.95
N ILE B 632 -34.21 -5.98 38.08
CA ILE B 632 -35.27 -6.90 38.48
C ILE B 632 -36.19 -6.11 39.42
N ALA B 633 -37.42 -5.87 38.96
CA ALA B 633 -38.30 -4.91 39.64
C ALA B 633 -38.56 -5.30 41.08
N GLY B 634 -38.73 -6.60 41.36
CA GLY B 634 -39.10 -7.02 42.70
C GLY B 634 -37.97 -6.98 43.71
N LYS B 635 -36.71 -7.10 43.24
CA LYS B 635 -35.58 -7.23 44.15
C LYS B 635 -34.96 -5.88 44.50
N PRO B 636 -34.39 -5.77 45.69
CA PRO B 636 -33.67 -4.53 46.05
C PRO B 636 -32.44 -4.34 45.19
N ASP B 637 -32.14 -3.07 44.89
CA ASP B 637 -31.01 -2.69 44.03
C ASP B 637 -29.76 -2.54 44.88
N ARG B 638 -29.14 -3.68 45.19
CA ARG B 638 -27.88 -3.66 45.92
C ARG B 638 -26.71 -3.25 45.04
N LEU B 639 -26.81 -3.49 43.72
CA LEU B 639 -25.70 -3.18 42.83
C LEU B 639 -25.40 -1.68 42.83
N SER B 640 -26.43 -0.84 42.76
CA SER B 640 -26.22 0.60 42.75
C SER B 640 -25.64 1.07 44.08
N GLU B 641 -26.01 0.43 45.19
CA GLU B 641 -25.38 0.74 46.47
C GLU B 641 -23.89 0.46 46.43
N LEU B 642 -23.49 -0.67 45.85
CA LEU B 642 -22.08 -1.03 45.80
C LEU B 642 -21.29 -0.02 44.98
N TYR B 643 -21.84 0.43 43.86
CA TYR B 643 -21.16 1.34 42.96
C TYR B 643 -21.34 2.81 43.34
N LYS B 644 -22.03 3.10 44.44
CA LYS B 644 -22.29 4.47 44.85
C LYS B 644 -21.12 5.00 45.69
N ALA B 645 -20.81 6.28 45.49
CA ALA B 645 -19.76 6.92 46.28
C ALA B 645 -20.13 6.94 47.76
N ARG B 646 -19.13 6.70 48.61
CA ARG B 646 -19.35 6.74 50.05
C ARG B 646 -18.95 8.11 50.62
N ALA C 42 7.95 -29.59 41.47
CA ALA C 42 7.74 -30.42 42.65
C ALA C 42 7.30 -31.83 42.24
N THR C 43 7.78 -32.28 41.09
CA THR C 43 7.49 -33.61 40.58
C THR C 43 8.66 -34.55 40.89
N ALA C 44 8.33 -35.76 41.34
CA ALA C 44 9.35 -36.73 41.70
C ALA C 44 10.21 -37.10 40.50
N ALA C 45 11.49 -37.37 40.77
CA ALA C 45 12.45 -37.67 39.72
C ALA C 45 12.12 -38.99 39.03
N PRO C 46 12.40 -39.10 37.73
CA PRO C 46 12.16 -40.37 37.02
C PRO C 46 13.04 -41.50 37.52
N GLN C 47 12.46 -42.71 37.50
CA GLN C 47 13.05 -43.94 38.03
C GLN C 47 13.28 -44.91 36.88
N ASP C 48 14.43 -45.58 36.86
CA ASP C 48 14.66 -46.64 35.87
C ASP C 48 13.99 -47.93 36.35
N VAL C 49 12.67 -47.90 36.37
CA VAL C 49 11.86 -49.00 36.87
C VAL C 49 10.93 -49.44 35.75
N PRO C 50 10.49 -50.70 35.77
CA PRO C 50 9.62 -51.19 34.70
C PRO C 50 8.27 -50.48 34.69
N PHE C 51 7.76 -50.25 33.49
CA PHE C 51 6.41 -49.73 33.28
C PHE C 51 5.52 -50.88 32.81
N GLU C 52 4.46 -51.16 33.56
CA GLU C 52 3.54 -52.24 33.22
C GLU C 52 2.50 -51.75 32.22
N GLY C 53 2.37 -52.48 31.11
CA GLY C 53 1.35 -52.17 30.13
C GLY C 53 1.84 -51.31 29.00
N THR C 54 0.90 -50.71 28.29
CA THR C 54 1.19 -49.92 27.11
C THR C 54 0.51 -48.57 27.22
N LEU C 55 1.26 -47.51 26.89
CA LEU C 55 0.71 -46.16 26.79
C LEU C 55 0.20 -45.97 25.37
N LYS C 56 -1.12 -45.91 25.21
CA LYS C 56 -1.76 -45.78 23.91
C LYS C 56 -2.05 -44.31 23.60
N ILE C 57 -1.60 -43.84 22.46
CA ILE C 57 -1.80 -42.46 22.02
C ILE C 57 -2.50 -42.49 20.67
N ASP C 58 -3.74 -42.02 20.64
CA ASP C 58 -4.55 -41.98 19.43
C ASP C 58 -4.81 -40.52 19.07
N VAL C 59 -4.44 -40.14 17.85
CA VAL C 59 -4.49 -38.75 17.41
C VAL C 59 -5.43 -38.65 16.21
N ASP C 60 -6.34 -37.67 16.26
CA ASP C 60 -7.17 -37.31 15.12
C ASP C 60 -6.59 -36.03 14.54
N ALA C 61 -6.07 -36.12 13.31
CA ALA C 61 -5.41 -35.00 12.65
C ALA C 61 -6.20 -34.53 11.42
N THR C 62 -7.52 -34.44 11.54
CA THR C 62 -8.36 -34.10 10.39
C THR C 62 -8.83 -32.65 10.39
N ASP C 63 -8.79 -31.95 11.52
CA ASP C 63 -9.27 -30.56 11.57
C ASP C 63 -8.18 -29.60 11.11
N LEU C 64 -7.95 -29.61 9.79
CA LEU C 64 -6.96 -28.71 9.21
C LEU C 64 -7.38 -27.25 9.29
N GLN C 65 -8.69 -26.98 9.25
CA GLN C 65 -9.14 -25.59 9.23
C GLN C 65 -8.81 -24.89 10.54
N HIS C 66 -9.16 -25.49 11.67
CA HIS C 66 -8.81 -24.92 12.97
C HIS C 66 -7.39 -25.26 13.38
N ARG C 67 -6.72 -26.16 12.66
CA ARG C 67 -5.37 -26.60 12.98
C ARG C 67 -5.30 -27.27 14.36
N ILE C 68 -6.23 -28.18 14.61
CA ILE C 68 -6.37 -28.86 15.90
C ILE C 68 -6.03 -30.33 15.73
N PHE C 69 -5.19 -30.85 16.62
CA PHE C 69 -4.99 -32.28 16.80
C PHE C 69 -5.80 -32.72 18.01
N LYS C 70 -6.72 -33.67 17.81
CA LYS C 70 -7.48 -34.25 18.92
C LYS C 70 -6.76 -35.51 19.42
N VAL C 71 -6.63 -35.62 20.75
CA VAL C 71 -5.77 -36.63 21.35
C VAL C 71 -6.56 -37.42 22.39
N LYS C 72 -6.33 -38.74 22.39
CA LYS C 72 -6.78 -39.61 23.47
C LYS C 72 -5.60 -40.47 23.89
N THR C 73 -5.22 -40.38 25.16
CA THR C 73 -4.14 -41.18 25.72
C THR C 73 -4.69 -42.13 26.77
N THR C 74 -4.35 -43.40 26.64
CA THR C 74 -4.86 -44.46 27.49
C THR C 74 -3.71 -45.20 28.14
N PRO C 76 -2.51 -47.74 31.96
CA PRO C 76 -2.89 -48.34 33.24
C PRO C 76 -2.93 -47.29 34.33
N ALA C 77 -3.83 -47.47 35.28
CA ALA C 77 -4.08 -46.50 36.33
C ALA C 77 -3.56 -47.08 37.63
N THR C 78 -2.65 -46.35 38.28
CA THR C 78 -2.09 -46.80 39.54
C THR C 78 -2.83 -46.12 40.69
N PRO C 79 -3.34 -46.88 41.66
CA PRO C 79 -4.11 -46.26 42.75
C PRO C 79 -3.26 -45.26 43.53
N GLY C 80 -3.91 -44.21 43.99
CA GLY C 80 -3.23 -43.15 44.70
C GLY C 80 -3.08 -41.93 43.83
N PRO C 81 -2.35 -40.93 44.32
CA PRO C 81 -2.08 -39.74 43.50
C PRO C 81 -1.25 -40.11 42.28
N THR C 83 0.51 -38.51 38.66
CA THR C 83 0.95 -37.30 37.97
C THR C 83 1.21 -37.63 36.52
N LEU C 84 0.55 -36.91 35.61
CA LEU C 84 0.76 -37.04 34.18
C LEU C 84 1.57 -35.86 33.68
N LEU C 85 2.50 -36.14 32.77
CA LEU C 85 3.44 -35.13 32.29
C LEU C 85 3.20 -34.85 30.81
N TYR C 86 3.17 -33.57 30.46
CA TYR C 86 3.28 -33.11 29.08
C TYR C 86 4.75 -32.83 28.79
N PRO C 87 5.30 -33.42 27.73
CA PRO C 87 6.74 -33.25 27.48
C PRO C 87 7.15 -31.79 27.43
N GLN C 88 8.21 -31.47 28.18
CA GLN C 88 8.66 -30.09 28.36
C GLN C 88 9.95 -29.81 27.61
N TRP C 89 11.03 -30.52 27.91
CA TRP C 89 12.28 -30.38 27.20
C TRP C 89 12.29 -31.36 26.02
N ILE C 90 12.40 -30.85 24.81
CA ILE C 90 12.22 -31.64 23.59
C ILE C 90 13.58 -31.92 23.00
N PRO C 91 13.97 -33.19 22.83
CA PRO C 91 15.29 -33.49 22.27
C PRO C 91 15.48 -32.88 20.89
N GLY C 92 16.64 -32.28 20.68
CA GLY C 92 16.94 -31.56 19.47
C GLY C 92 16.73 -30.07 19.57
N ASN C 93 15.83 -29.62 20.45
CA ASN C 93 15.64 -28.20 20.71
C ASN C 93 16.50 -27.69 21.85
N HIS C 94 16.94 -28.58 22.75
CA HIS C 94 17.83 -28.24 23.85
C HIS C 94 17.24 -27.16 24.76
N SER C 95 15.92 -27.11 24.86
CA SER C 95 15.25 -26.05 25.60
C SER C 95 13.82 -26.51 25.90
N PRO C 96 13.15 -25.88 26.87
CA PRO C 96 11.77 -26.31 27.21
C PRO C 96 10.73 -25.74 26.25
N THR C 97 10.68 -26.31 25.04
CA THR C 97 9.81 -25.84 23.97
C THR C 97 8.44 -26.49 23.97
N GLY C 98 8.16 -27.42 24.90
CA GLY C 98 6.87 -28.05 25.00
C GLY C 98 5.77 -27.00 25.09
N PRO C 99 4.82 -27.03 24.13
CA PRO C 99 3.81 -25.96 24.05
C PRO C 99 2.66 -26.19 25.03
N ILE C 100 2.95 -25.99 26.31
CA ILE C 100 1.99 -26.34 27.36
C ILE C 100 0.71 -25.52 27.25
N ASP C 101 0.81 -24.27 26.79
CA ASP C 101 -0.37 -23.42 26.75
C ASP C 101 -1.29 -23.72 25.56
N LYS C 102 -0.89 -24.63 24.67
CA LYS C 102 -1.72 -25.05 23.55
C LYS C 102 -2.46 -26.35 23.83
N LEU C 103 -2.31 -26.92 25.03
CA LEU C 103 -3.08 -28.08 25.46
C LEU C 103 -4.39 -27.61 26.05
N ALA C 104 -5.51 -27.99 25.42
CA ALA C 104 -6.83 -27.52 25.83
C ALA C 104 -7.81 -28.68 25.87
N GLY C 105 -8.95 -28.45 26.52
CA GLY C 105 -10.00 -29.45 26.60
C GLY C 105 -9.65 -30.69 27.38
N LEU C 106 -8.71 -30.60 28.32
CA LEU C 106 -8.26 -31.80 29.03
C LEU C 106 -9.37 -32.34 29.93
N VAL C 107 -9.76 -33.59 29.68
CA VAL C 107 -10.69 -34.32 30.53
C VAL C 107 -10.08 -35.70 30.79
N ILE C 108 -9.98 -36.07 32.07
CA ILE C 108 -9.36 -37.32 32.49
C ILE C 108 -10.42 -38.19 33.13
N LYS C 109 -10.50 -39.45 32.69
CA LYS C 109 -11.46 -40.41 33.22
C LYS C 109 -10.73 -41.66 33.69
N VAL C 110 -11.09 -42.14 34.87
CA VAL C 110 -10.59 -43.41 35.40
C VAL C 110 -11.74 -44.39 35.37
N ASP C 111 -11.61 -45.44 34.56
CA ASP C 111 -12.66 -46.43 34.38
C ASP C 111 -13.99 -45.79 34.04
N GLY C 112 -13.95 -44.79 33.16
CA GLY C 112 -15.14 -44.13 32.69
C GLY C 112 -15.65 -42.99 33.55
N LYS C 113 -15.08 -42.79 34.73
CA LYS C 113 -15.53 -41.76 35.66
C LYS C 113 -14.55 -40.59 35.64
N VAL C 114 -15.07 -39.38 35.38
CA VAL C 114 -14.23 -38.20 35.36
C VAL C 114 -13.61 -37.98 36.72
N VAL C 115 -12.31 -37.72 36.75
CA VAL C 115 -11.62 -37.33 37.97
C VAL C 115 -11.08 -35.93 37.79
N PRO C 116 -11.21 -35.04 38.78
CA PRO C 116 -10.68 -33.69 38.62
C PRO C 116 -9.16 -33.70 38.62
N TRP C 117 -8.58 -32.83 37.79
CA TRP C 117 -7.13 -32.70 37.75
C TRP C 117 -6.69 -31.36 38.34
N THR C 118 -5.51 -31.36 38.95
CA THR C 118 -4.91 -30.17 39.53
C THR C 118 -3.50 -30.04 38.98
N ARG C 119 -3.23 -28.90 38.33
CA ARG C 119 -1.89 -28.63 37.81
C ARG C 119 -0.96 -28.22 38.95
N ASP C 120 0.28 -28.69 38.88
CA ASP C 120 1.31 -28.26 39.83
C ASP C 120 1.72 -26.83 39.51
N GLN C 121 1.46 -25.90 40.42
CA GLN C 121 1.79 -24.51 40.15
C GLN C 121 3.29 -24.27 40.09
N PHE C 122 4.09 -25.20 40.60
CA PHE C 122 5.55 -25.12 40.46
C PHE C 122 6.08 -26.04 39.38
N ASP C 123 5.20 -26.69 38.63
CA ASP C 123 5.57 -27.46 37.45
C ASP C 123 4.37 -27.53 36.52
N VAL C 124 4.17 -26.50 35.71
CA VAL C 124 2.93 -26.36 34.96
C VAL C 124 2.74 -27.41 33.88
N TYR C 125 3.73 -28.27 33.67
CA TYR C 125 3.61 -29.41 32.75
C TYR C 125 3.09 -30.66 33.44
N ALA C 126 2.80 -30.60 34.75
CA ALA C 126 2.41 -31.78 35.52
C ALA C 126 0.96 -31.66 35.96
N PHE C 127 0.17 -32.69 35.65
CA PHE C 127 -1.25 -32.76 35.99
C PHE C 127 -1.44 -33.89 36.99
N LYS C 128 -2.04 -33.57 38.14
CA LYS C 128 -2.24 -34.53 39.22
C LYS C 128 -3.72 -34.92 39.33
N VAL C 129 -3.96 -36.23 39.49
CA VAL C 129 -5.29 -36.75 39.76
C VAL C 129 -5.18 -37.77 40.88
N ASP C 130 -6.33 -38.12 41.46
CA ASP C 130 -6.42 -39.15 42.48
C ASP C 130 -7.10 -40.38 41.88
N VAL C 131 -6.36 -41.48 41.82
CA VAL C 131 -6.85 -42.73 41.25
C VAL C 131 -7.40 -43.59 42.39
N PRO C 132 -8.66 -43.99 42.33
CA PRO C 132 -9.21 -44.80 43.43
C PRO C 132 -8.60 -46.19 43.50
N GLN C 133 -8.73 -46.80 44.67
CA GLN C 133 -8.28 -48.17 44.86
C GLN C 133 -9.06 -49.11 43.95
N GLY C 134 -8.40 -50.15 43.46
CA GLY C 134 -9.06 -51.11 42.60
C GLY C 134 -9.24 -50.67 41.16
N ALA C 135 -8.69 -49.53 40.76
CA ALA C 135 -8.89 -49.02 39.41
C ALA C 135 -8.07 -49.80 38.39
N SER C 136 -8.44 -49.66 37.12
CA SER C 136 -7.77 -50.38 36.05
C SER C 136 -7.17 -49.50 34.97
N GLU C 137 -7.89 -48.47 34.51
CA GLU C 137 -7.46 -47.75 33.32
C GLU C 137 -7.74 -46.26 33.45
N LEU C 138 -6.78 -45.46 32.98
CA LEU C 138 -6.90 -44.02 32.91
C LEU C 138 -6.94 -43.59 31.45
N VAL C 139 -7.89 -42.72 31.12
CA VAL C 139 -8.01 -42.17 29.77
C VAL C 139 -8.01 -40.66 29.89
N ALA C 140 -7.10 -40.01 29.19
CA ALA C 140 -7.04 -38.56 29.10
C ALA C 140 -7.32 -38.12 27.67
N GLU C 141 -8.28 -37.21 27.51
CA GLU C 141 -8.61 -36.64 26.22
C GLU C 141 -8.35 -35.14 26.26
N PHE C 142 -7.76 -34.62 25.19
CA PHE C 142 -7.47 -33.20 25.09
C PHE C 142 -7.22 -32.87 23.62
N LYS C 143 -7.00 -31.58 23.36
CA LYS C 143 -6.73 -31.08 22.03
C LYS C 143 -5.44 -30.27 22.04
N PHE C 144 -4.63 -30.44 21.00
CA PHE C 144 -3.45 -29.60 20.79
C PHE C 144 -3.80 -28.56 19.74
N LEU C 145 -3.85 -27.29 20.16
CA LEU C 145 -4.21 -26.19 19.26
C LEU C 145 -2.93 -25.66 18.62
N SER C 146 -2.56 -26.27 17.50
CA SER C 146 -1.32 -25.90 16.83
C SER C 146 -1.41 -24.47 16.29
N PRO C 147 -0.27 -23.84 16.01
CA PRO C 147 -0.28 -22.41 15.67
C PRO C 147 -1.19 -22.08 14.50
N GLN C 148 -2.06 -21.09 14.70
CA GLN C 148 -2.90 -20.56 13.65
C GLN C 148 -2.22 -19.42 12.89
N ALA C 149 -1.05 -18.99 13.35
CA ALA C 149 -0.19 -18.03 12.68
C ALA C 149 1.21 -18.18 13.24
N SER C 150 2.21 -17.69 12.50
CA SER C 150 3.59 -17.87 12.93
C SER C 150 3.88 -17.17 14.25
N SER C 151 3.08 -16.18 14.62
CA SER C 151 3.26 -15.52 15.91
C SER C 151 3.01 -16.45 17.08
N GLN C 152 2.29 -17.55 16.86
CA GLN C 152 2.02 -18.52 17.91
C GLN C 152 3.03 -19.67 17.92
N GLY C 153 3.98 -19.69 16.99
CA GLY C 153 4.87 -20.81 16.77
C GLY C 153 4.82 -21.26 15.34
N ARG C 154 5.62 -22.28 15.03
CA ARG C 154 5.70 -22.72 13.63
C ARG C 154 4.45 -23.50 13.26
N VAL C 155 3.88 -23.16 12.10
CA VAL C 155 2.65 -23.77 11.63
C VAL C 155 2.87 -25.23 11.29
N THR C 158 -1.48 -27.44 7.10
CA THR C 158 -1.83 -26.67 5.91
C THR C 158 -2.94 -27.40 5.17
N PRO C 159 -3.56 -26.76 4.16
CA PRO C 159 -4.57 -27.48 3.37
C PRO C 159 -3.99 -28.64 2.58
N GLU C 160 -2.68 -28.71 2.41
CA GLU C 160 -2.05 -29.77 1.62
C GLU C 160 -1.14 -30.69 2.43
N LEU C 162 0.59 -31.77 6.70
CA LEU C 162 0.63 -31.57 8.14
C LEU C 162 1.91 -32.20 8.70
N ASN C 163 2.28 -31.75 9.89
CA ASN C 163 3.47 -32.23 10.58
C ASN C 163 3.03 -32.61 11.99
N LEU C 164 3.15 -33.90 12.32
CA LEU C 164 2.76 -34.41 13.62
C LEU C 164 4.03 -34.69 14.42
N GLN C 165 4.20 -33.97 15.53
CA GLN C 165 5.26 -34.22 16.49
C GLN C 165 4.60 -34.79 17.73
N TRP C 166 4.90 -36.06 18.04
CA TRP C 166 4.13 -36.80 19.03
C TRP C 166 4.27 -36.24 20.44
N ASN C 167 5.32 -35.48 20.72
CA ASN C 167 5.44 -34.87 22.04
C ASN C 167 4.34 -33.84 22.28
N THR C 168 3.83 -33.21 21.22
CA THR C 168 2.74 -32.25 21.37
C THR C 168 1.41 -32.93 21.62
N THR C 169 1.31 -34.24 21.36
CA THR C 169 0.06 -34.97 21.50
C THR C 169 0.24 -36.15 22.45
N ALA C 170 0.91 -35.93 23.58
CA ALA C 170 1.19 -37.03 24.49
C ALA C 170 1.15 -36.56 25.93
N LEU C 171 0.63 -37.41 26.80
CA LEU C 171 0.78 -37.32 28.24
C LEU C 171 1.30 -38.66 28.75
N TYR C 172 2.26 -38.61 29.67
CA TYR C 172 2.84 -39.85 30.16
C TYR C 172 3.02 -39.76 31.67
N PRO C 173 3.04 -40.90 32.37
CA PRO C 173 3.12 -40.88 33.84
C PRO C 173 4.49 -40.45 34.32
N ALA C 174 4.50 -39.61 35.35
CA ALA C 174 5.74 -39.28 36.02
C ALA C 174 6.31 -40.50 36.75
N GLY C 175 7.60 -40.43 37.05
CA GLY C 175 8.27 -41.46 37.82
C GLY C 175 8.96 -42.54 37.02
N TYR C 176 8.95 -42.46 35.68
CA TYR C 176 9.56 -43.47 34.84
C TYR C 176 10.51 -42.84 33.85
N PHE C 177 11.64 -43.50 33.62
CA PHE C 177 12.44 -43.21 32.43
C PHE C 177 11.58 -43.41 31.19
N ALA C 178 11.65 -42.44 30.26
CA ALA C 178 10.81 -42.51 29.07
C ALA C 178 11.06 -43.78 28.26
N ARG C 179 12.29 -44.28 28.24
CA ARG C 179 12.61 -45.48 27.49
C ARG C 179 11.99 -46.74 28.09
N ASN C 180 11.48 -46.67 29.32
CA ASN C 180 10.84 -47.82 29.94
C ASN C 180 9.36 -47.93 29.62
N ILE C 181 8.77 -46.91 28.99
CA ILE C 181 7.34 -46.88 28.71
C ILE C 181 7.10 -47.40 27.30
N LYS C 182 6.49 -48.57 27.20
CA LYS C 182 6.07 -49.08 25.90
C LYS C 182 4.84 -48.29 25.43
N ALA C 183 4.87 -47.84 24.18
CA ALA C 183 3.80 -47.04 23.61
C ALA C 183 3.31 -47.65 22.31
N GLN C 184 2.08 -47.31 21.96
CA GLN C 184 1.50 -47.67 20.66
C GLN C 184 0.67 -46.51 20.17
N ALA C 185 0.99 -46.01 18.98
CA ALA C 185 0.37 -44.80 18.46
C ALA C 185 -0.53 -45.13 17.28
N SER C 186 -1.53 -44.28 17.08
CA SER C 186 -2.39 -44.34 15.91
C SER C 186 -2.77 -42.91 15.53
N VAL C 187 -3.07 -42.70 14.26
CA VAL C 187 -3.45 -41.37 13.78
C VAL C 187 -4.47 -41.52 12.67
N THR C 188 -5.49 -40.67 12.71
CA THR C 188 -6.48 -40.57 11.64
C THR C 188 -6.10 -39.37 10.77
N LEU C 189 -5.83 -39.63 9.50
CA LEU C 189 -5.35 -38.64 8.56
C LEU C 189 -6.50 -38.01 7.79
N PRO C 190 -6.29 -36.83 7.20
CA PRO C 190 -7.24 -36.34 6.20
C PRO C 190 -7.40 -37.35 5.08
N ALA C 191 -8.61 -37.39 4.52
CA ALA C 191 -9.00 -38.44 3.59
C ALA C 191 -8.03 -38.56 2.42
N GLY C 192 -7.49 -39.76 2.23
CA GLY C 192 -6.62 -40.07 1.11
C GLY C 192 -5.19 -39.58 1.22
N TRP C 193 -4.82 -38.93 2.31
CA TRP C 193 -3.47 -38.39 2.42
C TRP C 193 -2.43 -39.49 2.59
N SER C 194 -1.26 -39.26 1.99
CA SER C 194 -0.09 -40.10 2.22
C SER C 194 0.63 -39.63 3.47
N TYR C 195 1.51 -40.49 3.99
CA TYR C 195 2.27 -40.15 5.20
C TYR C 195 3.64 -40.80 5.15
N ALA C 196 4.54 -40.30 5.99
CA ALA C 196 5.88 -40.86 6.07
C ALA C 196 6.43 -40.66 7.48
N THR C 197 7.06 -41.69 8.00
CA THR C 197 7.67 -41.66 9.33
C THR C 197 8.61 -42.86 9.45
N ALA C 198 9.61 -42.73 10.31
CA ALA C 198 10.49 -43.86 10.58
C ALA C 198 9.80 -44.95 11.37
N GLU C 200 7.25 -47.86 12.40
N GLU C 200 7.27 -47.87 12.38
CA GLU C 200 6.69 -48.93 11.59
CA GLU C 200 6.69 -48.91 11.55
C GLU C 200 5.17 -48.95 11.70
C GLU C 200 5.17 -48.95 11.70
N THR C 201 4.48 -49.08 10.57
CA THR C 201 3.03 -49.16 10.52
C THR C 201 2.58 -50.61 10.72
N GLU C 202 1.54 -50.78 11.54
CA GLU C 202 0.91 -52.10 11.69
C GLU C 202 -0.18 -52.31 10.65
N ARG C 203 -1.05 -51.32 10.45
CA ARG C 203 -2.10 -51.41 9.44
C ARG C 203 -2.69 -50.03 9.20
N ARG C 204 -3.23 -49.83 8.01
CA ARG C 204 -4.02 -48.66 7.68
C ARG C 204 -5.42 -49.11 7.29
N VAL C 205 -6.42 -48.65 8.03
CA VAL C 205 -7.83 -48.95 7.77
C VAL C 205 -8.49 -47.64 7.39
N GLY C 206 -8.83 -47.49 6.11
CA GLY C 206 -9.32 -46.23 5.63
C GLY C 206 -8.26 -45.15 5.76
N ASP C 207 -8.48 -44.19 6.65
CA ASP C 207 -7.53 -43.12 6.90
C ASP C 207 -6.95 -43.18 8.31
N THR C 208 -7.15 -44.28 9.02
CA THR C 208 -6.62 -44.46 10.37
C THR C 208 -5.41 -45.38 10.29
N VAL C 209 -4.23 -44.85 10.61
CA VAL C 209 -2.98 -45.60 10.61
C VAL C 209 -2.69 -46.05 12.03
N THR C 210 -2.52 -47.35 12.23
CA THR C 210 -2.11 -47.91 13.51
C THR C 210 -0.67 -48.36 13.40
N PHE C 211 0.18 -47.86 14.30
CA PHE C 211 1.60 -48.20 14.30
C PHE C 211 1.89 -49.36 15.23
N LYS C 212 3.00 -50.05 14.96
CA LYS C 212 3.48 -51.10 15.83
C LYS C 212 3.95 -50.50 17.16
N PRO C 213 3.96 -51.29 18.24
CA PRO C 213 4.44 -50.78 19.53
C PRO C 213 5.89 -50.31 19.43
N ILE C 214 6.20 -49.31 20.26
CA ILE C 214 7.54 -48.70 20.27
C ILE C 214 7.74 -48.04 21.62
N ASP C 215 9.00 -47.93 22.03
CA ASP C 215 9.33 -47.22 23.27
C ASP C 215 8.90 -45.76 23.17
N PHE C 216 8.44 -45.21 24.30
CA PHE C 216 7.87 -43.86 24.28
C PHE C 216 8.88 -42.82 23.83
N ASP C 217 10.15 -42.97 24.21
CA ASP C 217 11.15 -42.00 23.77
C ASP C 217 11.38 -42.07 22.27
N ASP C 218 11.30 -43.28 21.68
CA ASP C 218 11.42 -43.39 20.23
C ASP C 218 10.16 -42.91 19.53
N LEU C 219 9.01 -42.98 20.19
CA LEU C 219 7.79 -42.43 19.63
C LEU C 219 7.92 -40.92 19.43
N VAL C 220 8.37 -40.21 20.47
CA VAL C 220 8.61 -38.78 20.36
C VAL C 220 9.64 -38.49 19.28
N ASP C 221 10.62 -39.37 19.10
CA ASP C 221 11.67 -39.20 18.11
C ASP C 221 11.25 -39.68 16.71
N SER C 222 9.98 -40.01 16.51
CA SER C 222 9.48 -40.55 15.24
C SER C 222 8.35 -39.68 14.71
N PRO C 223 8.65 -38.44 14.32
CA PRO C 223 7.59 -37.57 13.81
C PRO C 223 7.03 -38.07 12.48
N PHE C 225 5.28 -36.76 8.74
CA PHE C 225 4.78 -35.84 7.72
C PHE C 225 3.65 -36.53 6.97
N ALA C 226 2.64 -35.75 6.58
CA ALA C 226 1.54 -36.26 5.77
C ALA C 226 1.09 -35.18 4.81
N GLY C 227 0.58 -35.60 3.66
CA GLY C 227 0.14 -34.63 2.66
C GLY C 227 -0.43 -35.32 1.45
N LYS C 228 -1.02 -34.50 0.57
CA LYS C 228 -1.65 -35.00 -0.65
C LYS C 228 -0.69 -35.02 -1.84
N TYR C 229 0.39 -34.26 -1.79
CA TYR C 229 1.35 -34.19 -2.88
C TYR C 229 2.67 -34.77 -2.36
N TYR C 230 2.90 -36.04 -2.67
CA TYR C 230 3.95 -36.82 -2.03
C TYR C 230 4.73 -37.63 -3.06
N LYS C 231 6.05 -37.64 -2.90
CA LYS C 231 6.91 -38.50 -3.70
C LYS C 231 7.93 -39.15 -2.80
N ARG C 232 8.08 -40.47 -2.92
CA ARG C 232 9.03 -41.25 -2.14
C ARG C 232 10.16 -41.71 -3.05
N VAL C 233 11.39 -41.37 -2.69
CA VAL C 233 12.56 -41.70 -3.49
C VAL C 233 13.55 -42.47 -2.62
N GLU C 234 14.02 -43.61 -3.11
CA GLU C 234 15.02 -44.38 -2.41
C GLU C 234 16.40 -43.78 -2.66
N LEU C 235 17.12 -43.48 -1.58
CA LEU C 235 18.47 -42.94 -1.67
C LEU C 235 19.56 -43.98 -1.51
N SER C 236 19.29 -45.05 -0.77
CA SER C 236 20.25 -46.13 -0.58
C SER C 236 19.49 -47.42 -0.31
N ALA C 237 19.84 -48.48 -1.04
CA ALA C 237 19.28 -49.79 -0.81
C ALA C 237 20.12 -50.52 0.24
N GLY C 238 19.86 -51.80 0.43
CA GLY C 238 20.62 -52.62 1.36
C GLY C 238 19.86 -52.92 2.64
N LYS C 239 20.62 -53.34 3.65
CA LYS C 239 20.04 -53.76 4.92
C LYS C 239 19.66 -52.58 5.81
N GLN C 240 20.28 -51.42 5.62
CA GLN C 240 19.97 -50.20 6.37
C GLN C 240 19.60 -49.11 5.37
N PRO C 241 18.42 -49.22 4.75
CA PRO C 241 18.10 -48.33 3.62
C PRO C 241 17.77 -46.92 4.07
N VAL C 242 17.93 -46.00 3.12
CA VAL C 242 17.69 -44.57 3.34
C VAL C 242 16.73 -44.08 2.27
N TYR C 243 15.68 -43.38 2.69
CA TYR C 243 14.64 -42.90 1.78
C TYR C 243 14.45 -41.40 1.94
N LEU C 244 14.02 -40.77 0.86
CA LEU C 244 13.68 -39.35 0.83
C LEU C 244 12.18 -39.22 0.62
N ASN C 245 11.49 -38.60 1.58
CA ASN C 245 10.04 -38.40 1.51
C ASN C 245 9.77 -36.91 1.33
N VAL C 246 9.22 -36.54 0.19
CA VAL C 246 9.01 -35.13 -0.18
C VAL C 246 7.51 -34.86 -0.21
N PHE C 247 7.09 -33.86 0.56
CA PHE C 247 5.73 -33.33 0.52
C PHE C 247 5.80 -31.88 0.05
N ALA C 248 4.83 -31.45 -0.75
CA ALA C 248 4.89 -30.13 -1.35
C ALA C 248 3.53 -29.46 -1.33
N ASP C 249 3.56 -28.13 -1.36
CA ASP C 249 2.33 -27.35 -1.53
C ASP C 249 1.69 -27.67 -2.88
N GLU C 250 2.50 -27.90 -3.90
CA GLU C 250 2.01 -28.19 -5.24
C GLU C 250 2.82 -29.34 -5.81
N ALA C 251 2.15 -30.19 -6.60
CA ALA C 251 2.78 -31.41 -7.10
C ALA C 251 3.98 -31.10 -7.99
N LYS C 252 4.01 -29.93 -8.63
CA LYS C 252 5.09 -29.61 -9.55
C LYS C 252 6.44 -29.51 -8.83
N SER C 253 6.43 -29.20 -7.54
CA SER C 253 7.68 -29.10 -6.80
C SER C 253 8.37 -30.45 -6.62
N LEU C 254 7.68 -31.55 -6.87
CA LEU C 254 8.23 -32.88 -6.66
C LEU C 254 9.07 -33.39 -7.83
N ASP C 255 9.20 -32.60 -8.89
CA ASP C 255 9.88 -33.06 -10.11
C ASP C 255 11.41 -32.92 -9.93
N ALA C 256 11.94 -33.81 -9.09
CA ALA C 256 13.39 -33.86 -8.89
C ALA C 256 14.06 -34.57 -10.06
N LYS C 257 15.14 -33.97 -10.56
CA LYS C 257 15.88 -34.52 -11.69
C LYS C 257 16.89 -35.56 -11.21
N PRO C 258 17.31 -36.47 -12.11
CA PRO C 258 18.21 -37.56 -11.67
C PRO C 258 19.49 -37.08 -11.01
N GLU C 259 20.14 -36.07 -11.57
CA GLU C 259 21.38 -35.57 -10.97
C GLU C 259 21.13 -34.93 -9.61
N GLN C 260 19.93 -34.37 -9.41
CA GLN C 260 19.58 -33.80 -8.12
C GLN C 260 19.38 -34.88 -7.07
N ILE C 261 18.68 -35.96 -7.45
CA ILE C 261 18.55 -37.11 -6.57
C ILE C 261 19.89 -37.76 -6.31
N LYS C 262 20.75 -37.81 -7.34
CA LYS C 262 22.07 -38.41 -7.19
C LYS C 262 22.89 -37.69 -6.11
N ALA C 263 22.81 -36.37 -6.06
CA ALA C 263 23.52 -35.62 -5.04
C ALA C 263 23.06 -36.01 -3.64
N HIS C 264 21.76 -36.27 -3.48
CA HIS C 264 21.26 -36.74 -2.19
C HIS C 264 21.72 -38.17 -1.92
N ALA C 265 21.72 -39.02 -2.95
CA ALA C 265 22.26 -40.38 -2.79
C ALA C 265 23.75 -40.34 -2.49
N ALA C 266 24.48 -39.42 -3.14
CA ALA C 266 25.90 -39.27 -2.85
C ALA C 266 26.14 -38.84 -1.42
N LEU C 267 25.22 -38.04 -0.86
CA LEU C 267 25.34 -37.64 0.54
C LEU C 267 25.40 -38.85 1.46
N VAL C 268 24.55 -39.86 1.21
CA VAL C 268 24.58 -41.07 2.02
C VAL C 268 25.90 -41.81 1.82
N GLN C 269 26.40 -41.84 0.57
CA GLN C 269 27.67 -42.51 0.29
C GLN C 269 28.83 -41.80 0.98
N GLN C 270 28.85 -40.48 0.94
CA GLN C 270 29.94 -39.74 1.57
C GLN C 270 29.92 -39.87 3.08
N ASP C 272 28.87 -42.61 4.71
CA ASP C 272 29.44 -43.92 4.98
C ASP C 272 30.96 -43.88 4.98
N LYS C 273 31.54 -43.17 4.02
CA LYS C 273 33.00 -43.06 3.96
C LYS C 273 33.58 -42.41 5.21
N LEU C 274 32.85 -41.45 5.78
CA LEU C 274 33.36 -40.73 6.94
C LEU C 274 33.31 -41.59 8.20
N TYR C 275 32.14 -42.15 8.51
CA TYR C 275 31.94 -42.88 9.76
C TYR C 275 32.09 -44.38 9.64
N GLY C 276 31.80 -44.96 8.47
CA GLY C 276 31.88 -46.40 8.31
C GLY C 276 30.78 -47.16 9.02
N ALA C 277 29.72 -46.50 9.46
CA ALA C 277 28.62 -47.15 10.15
C ALA C 277 27.38 -46.29 10.04
N ARG C 278 26.22 -46.93 10.14
CA ARG C 278 24.92 -46.26 10.12
C ARG C 278 24.20 -46.58 11.41
N HIS C 279 23.72 -45.55 12.09
CA HIS C 279 23.07 -45.73 13.39
C HIS C 279 21.55 -45.70 13.24
N PHE C 280 21.05 -46.70 12.52
CA PHE C 280 19.63 -46.93 12.29
C PHE C 280 19.47 -48.24 11.54
N ASP C 281 18.30 -48.86 11.69
CA ASP C 281 17.95 -49.97 10.81
C ASP C 281 17.38 -49.47 9.49
N HIS C 282 16.87 -48.24 9.47
CA HIS C 282 16.49 -47.55 8.24
C HIS C 282 16.33 -46.07 8.60
N TYR C 283 16.38 -45.23 7.57
CA TYR C 283 16.29 -43.78 7.76
C TYR C 283 15.29 -43.19 6.77
N GLU C 284 14.47 -42.27 7.27
CA GLU C 284 13.42 -41.63 6.46
C GLU C 284 13.59 -40.12 6.51
N PHE C 285 14.17 -39.54 5.46
CA PHE C 285 14.17 -38.10 5.32
C PHE C 285 12.73 -37.60 5.15
N LEU C 286 12.37 -36.58 5.93
CA LEU C 286 11.09 -35.91 5.77
C LEU C 286 11.34 -34.48 5.32
N LEU C 287 10.89 -34.16 4.10
CA LEU C 287 11.18 -32.88 3.47
C LEU C 287 9.88 -32.25 2.98
N ALA C 288 9.56 -31.07 3.49
CA ALA C 288 8.38 -30.32 3.08
C ALA C 288 8.83 -29.14 2.24
N LEU C 289 8.39 -29.11 0.98
CA LEU C 289 8.67 -28.01 0.07
C LEU C 289 7.45 -27.10 0.09
N THR C 290 7.55 -25.97 0.81
CA THR C 290 6.34 -25.28 1.22
C THR C 290 6.63 -23.81 1.47
N LYS C 291 5.57 -23.01 1.38
CA LYS C 291 5.55 -21.66 1.92
C LYS C 291 4.53 -21.50 3.03
N LYS C 292 3.87 -22.59 3.44
CA LYS C 292 2.82 -22.55 4.45
C LYS C 292 3.22 -23.22 5.76
N LEU C 293 3.88 -24.38 5.70
CA LEU C 293 4.36 -25.01 6.92
C LEU C 293 5.49 -24.19 7.52
N GLY C 294 5.52 -24.13 8.85
CA GLY C 294 6.61 -23.43 9.51
C GLY C 294 7.94 -24.10 9.23
N GLY C 295 8.98 -23.30 9.05
CA GLY C 295 10.29 -23.84 8.79
C GLY C 295 10.76 -24.75 9.91
N ILE C 296 11.53 -25.78 9.55
CA ILE C 296 11.98 -26.75 10.54
C ILE C 296 13.26 -27.40 10.05
N GLY C 297 14.15 -27.65 11.00
CA GLY C 297 15.28 -28.53 10.82
C GLY C 297 15.53 -29.26 12.12
N LEU C 298 14.87 -30.41 12.31
CA LEU C 298 14.90 -31.13 13.58
C LEU C 298 15.36 -32.56 13.32
N GLU C 299 16.40 -32.96 14.03
CA GLU C 299 17.04 -34.25 13.82
C GLU C 299 16.37 -35.33 14.65
N HIS C 300 16.51 -36.57 14.17
CA HIS C 300 16.06 -37.74 14.91
C HIS C 300 16.99 -38.91 14.57
N HIS C 301 16.82 -40.00 15.32
CA HIS C 301 17.66 -41.18 15.10
C HIS C 301 17.51 -41.73 13.69
N ARG C 302 16.27 -41.96 13.26
CA ARG C 302 15.98 -42.66 12.01
C ARG C 302 15.21 -41.77 11.04
N SER C 303 15.21 -40.46 11.26
CA SER C 303 14.48 -39.53 10.42
C SER C 303 14.93 -38.12 10.74
N SER C 304 14.46 -37.16 9.95
CA SER C 304 14.65 -35.75 10.25
C SER C 304 13.52 -34.97 9.61
N GLU C 305 13.11 -33.89 10.27
CA GLU C 305 12.09 -32.98 9.75
C GLU C 305 12.79 -31.81 9.08
N ASN C 306 12.57 -31.65 7.79
CA ASN C 306 13.23 -30.62 7.00
C ASN C 306 12.20 -29.86 6.19
N SER C 307 12.42 -28.56 6.05
CA SER C 307 11.58 -27.70 5.23
C SER C 307 12.46 -26.98 4.21
N GLY C 308 11.92 -26.81 3.00
CA GLY C 308 12.60 -26.05 1.97
C GLY C 308 11.60 -25.26 1.15
N ALA C 309 12.14 -24.41 0.29
CA ALA C 309 11.28 -23.62 -0.58
C ALA C 309 10.68 -24.53 -1.66
N PRO C 310 9.52 -24.14 -2.21
CA PRO C 310 8.92 -24.93 -3.30
C PRO C 310 9.85 -25.13 -4.49
N ASN C 311 10.86 -24.28 -4.69
CA ASN C 311 11.78 -24.42 -5.81
C ASN C 311 13.06 -25.13 -5.42
N TYR C 312 13.02 -25.95 -4.35
CA TYR C 312 14.17 -26.73 -3.93
C TYR C 312 14.78 -27.52 -5.08
N PHE C 313 13.95 -28.14 -5.90
CA PHE C 313 14.40 -28.88 -7.08
C PHE C 313 14.20 -28.10 -8.37
N THR C 314 13.06 -27.43 -8.54
CA THR C 314 12.72 -26.85 -9.83
C THR C 314 13.62 -25.67 -10.18
N GLU C 315 14.18 -24.99 -9.17
CA GLU C 315 15.15 -23.92 -9.38
C GLU C 315 16.40 -24.21 -8.57
N TRP C 316 17.06 -25.32 -8.94
CA TRP C 316 18.19 -25.84 -8.17
C TRP C 316 19.29 -24.80 -7.98
N ASP C 317 19.55 -24.00 -9.01
CA ASP C 317 20.64 -23.03 -8.93
C ASP C 317 20.31 -21.81 -8.07
N LYS C 318 19.03 -21.54 -7.82
CA LYS C 318 18.65 -20.39 -7.01
C LYS C 318 18.44 -20.72 -5.54
N SER C 319 18.19 -21.99 -5.22
CA SER C 319 17.83 -22.40 -3.86
C SER C 319 18.98 -23.11 -3.14
N TRP C 320 20.22 -22.77 -3.49
CA TRP C 320 21.35 -23.55 -3.01
C TRP C 320 21.73 -23.24 -1.57
N THR C 321 21.49 -22.01 -1.10
CA THR C 321 22.01 -21.62 0.21
C THR C 321 21.41 -22.46 1.34
N GLY C 322 20.20 -22.98 1.15
CA GLY C 322 19.56 -23.81 2.15
C GLY C 322 19.72 -25.30 1.95
N ARG C 323 20.46 -25.74 0.94
CA ARG C 323 20.53 -27.16 0.61
C ARG C 323 21.49 -27.94 1.50
N ASP C 324 22.20 -27.29 2.42
CA ASP C 324 22.97 -28.02 3.41
C ASP C 324 22.11 -28.57 4.54
N LEU C 325 20.81 -28.28 4.52
CA LEU C 325 19.93 -28.66 5.63
C LEU C 325 19.88 -30.17 5.82
N LEU C 326 19.62 -30.91 4.74
CA LEU C 326 19.47 -32.36 4.87
C LEU C 326 20.79 -33.02 5.24
N ALA C 327 21.91 -32.51 4.71
CA ALA C 327 23.21 -33.00 5.14
C ALA C 327 23.44 -32.72 6.62
N HIS C 328 23.05 -31.53 7.07
CA HIS C 328 23.17 -31.16 8.47
C HIS C 328 22.37 -32.12 9.35
N GLU C 329 21.07 -32.26 9.06
CA GLU C 329 20.21 -33.09 9.91
C GLU C 329 20.61 -34.56 9.83
N PHE C 330 21.05 -35.02 8.66
CA PHE C 330 21.46 -36.42 8.53
C PHE C 330 22.66 -36.72 9.42
N ASN C 331 23.64 -35.82 9.46
CA ASN C 331 24.81 -36.03 10.29
C ASN C 331 24.45 -36.20 11.75
N HIS C 332 23.36 -35.56 12.18
CA HIS C 332 22.93 -35.63 13.57
C HIS C 332 22.56 -37.05 13.99
N SER C 333 22.18 -37.91 13.05
CA SER C 333 21.92 -39.31 13.39
C SER C 333 23.14 -39.93 14.06
N TRP C 334 24.34 -39.54 13.62
CA TRP C 334 25.57 -39.89 14.32
C TRP C 334 25.83 -38.93 15.48
N ASN C 335 25.96 -37.64 15.18
CA ASN C 335 26.42 -36.64 16.14
C ASN C 335 25.21 -35.91 16.70
N GLY C 336 24.73 -36.36 17.86
CA GLY C 336 23.60 -35.73 18.50
C GLY C 336 22.57 -36.73 18.96
N LYS C 337 22.14 -37.60 18.05
CA LYS C 337 21.18 -38.63 18.41
C LYS C 337 21.87 -39.85 18.99
N TYR C 338 22.77 -40.47 18.23
CA TYR C 338 23.47 -41.65 18.74
C TYR C 338 24.44 -41.27 19.85
N ARG C 339 25.31 -40.30 19.60
CA ARG C 339 26.25 -39.81 20.60
C ARG C 339 25.79 -38.45 21.10
N ARG C 340 25.69 -38.32 22.41
CA ARG C 340 25.08 -37.15 23.04
C ARG C 340 25.82 -36.83 24.33
N GLY C 341 25.87 -35.55 24.66
CA GLY C 341 26.46 -35.15 25.93
C GLY C 341 25.71 -35.76 27.10
N ALA C 342 26.46 -36.19 28.12
CA ALA C 342 25.86 -36.86 29.26
C ALA C 342 24.84 -35.98 29.97
N ASP C 343 25.14 -34.68 30.10
CA ASP C 343 24.21 -33.77 30.73
C ASP C 343 23.02 -33.44 29.85
N LEU C 344 23.07 -33.80 28.57
CA LEU C 344 21.94 -33.60 27.66
C LEU C 344 21.03 -34.81 27.56
N ALA C 345 21.56 -36.01 27.83
CA ALA C 345 20.80 -37.25 27.72
C ALA C 345 19.99 -37.48 29.00
N THR C 346 18.87 -36.78 29.09
CA THR C 346 18.04 -36.78 30.28
C THR C 346 17.14 -38.01 30.32
N PRO C 347 16.67 -38.41 31.51
CA PRO C 347 15.87 -39.64 31.63
C PRO C 347 14.43 -39.52 31.14
N ASN C 348 13.86 -38.31 31.14
CA ASN C 348 12.55 -38.10 30.54
C ASN C 348 12.49 -36.69 29.97
N PHE C 349 11.31 -36.27 29.53
CA PHE C 349 11.13 -34.99 28.86
C PHE C 349 10.77 -33.86 29.82
N ASN C 350 10.92 -34.09 31.13
CA ASN C 350 10.46 -33.10 32.10
C ASN C 350 11.50 -32.86 33.20
N VAL C 351 12.77 -33.04 32.88
CA VAL C 351 13.88 -32.63 33.74
C VAL C 351 14.80 -31.76 32.88
N PRO C 352 15.51 -30.79 33.46
CA PRO C 352 16.25 -29.83 32.63
C PRO C 352 17.42 -30.49 31.91
N GLY C 354 21.20 -30.16 30.05
CA GLY C 354 22.42 -29.39 30.08
C GLY C 354 23.05 -29.32 28.71
N ASP C 355 23.18 -28.09 28.20
CA ASP C 355 23.59 -27.85 26.83
C ASP C 355 25.08 -27.59 26.68
N SER C 356 25.89 -27.91 27.70
CA SER C 356 27.28 -27.44 27.75
C SER C 356 28.10 -27.91 26.56
N LEU C 357 27.76 -29.05 25.97
CA LEU C 357 28.56 -29.63 24.89
C LEU C 357 27.90 -29.44 23.52
N LEU C 358 27.09 -28.39 23.38
CA LEU C 358 26.43 -28.14 22.10
C LEU C 358 27.41 -27.72 21.01
N TRP C 359 28.61 -27.25 21.36
CA TRP C 359 29.57 -26.91 20.33
C TRP C 359 30.15 -28.13 19.63
N LEU C 360 29.90 -29.33 20.15
CA LEU C 360 30.13 -30.55 19.39
C LEU C 360 28.87 -31.05 18.72
N TYR C 361 27.78 -31.18 19.49
CA TYR C 361 26.47 -31.60 18.95
C TYR C 361 26.12 -30.81 17.70
N GLU C 362 25.93 -29.49 17.84
CA GLU C 362 25.58 -28.66 16.71
C GLU C 362 26.79 -28.09 15.99
N GLY C 363 27.88 -27.83 16.72
CA GLY C 363 29.04 -27.19 16.11
C GLY C 363 29.68 -28.04 15.02
N GLN C 364 29.97 -29.30 15.33
CA GLN C 364 30.60 -30.15 14.33
C GLN C 364 29.60 -30.58 13.26
N THR C 365 28.31 -30.66 13.61
CA THR C 365 27.30 -30.95 12.60
C THR C 365 27.15 -29.79 11.63
N GLN C 366 27.18 -28.55 12.14
CA GLN C 366 27.23 -27.40 11.25
C GLN C 366 28.45 -27.47 10.35
N PHE C 367 29.58 -27.91 10.89
CA PHE C 367 30.80 -28.09 10.12
C PHE C 367 30.61 -29.13 9.02
N TRP C 368 30.15 -30.33 9.39
CA TRP C 368 30.01 -31.41 8.41
C TRP C 368 28.89 -31.14 7.42
N GLY C 369 27.83 -30.46 7.86
CA GLY C 369 26.74 -30.14 6.94
C GLY C 369 27.20 -29.37 5.73
N GLU C 370 28.08 -28.38 5.94
CA GLU C 370 28.62 -27.61 4.83
C GLU C 370 29.66 -28.40 4.07
N VAL C 371 30.50 -29.16 4.79
CA VAL C 371 31.53 -29.98 4.15
C VAL C 371 30.87 -31.03 3.26
N SER C 373 27.95 -31.05 1.96
CA SER C 373 27.27 -30.45 0.83
C SER C 373 28.20 -30.35 -0.38
N ALA C 374 29.47 -30.00 -0.15
CA ALA C 374 30.44 -29.95 -1.23
C ALA C 374 30.81 -31.35 -1.71
N ARG C 375 31.04 -32.27 -0.76
CA ARG C 375 31.44 -33.62 -1.14
C ARG C 375 30.36 -34.34 -1.93
N SER C 376 29.09 -34.09 -1.62
CA SER C 376 28.00 -34.80 -2.26
C SER C 376 27.53 -34.14 -3.55
N GLY C 377 27.89 -32.89 -3.78
CA GLY C 377 27.38 -32.16 -4.92
C GLY C 377 26.14 -31.35 -4.65
N LEU C 378 25.62 -31.36 -3.42
CA LEU C 378 24.53 -30.46 -3.07
C LEU C 378 24.96 -29.01 -3.23
N TRP C 379 26.23 -28.72 -2.96
CA TRP C 379 26.83 -27.42 -3.23
C TRP C 379 27.99 -27.60 -4.21
N THR C 380 28.25 -26.57 -5.00
CA THR C 380 29.51 -26.53 -5.73
C THR C 380 30.64 -26.17 -4.78
N GLN C 381 31.87 -26.42 -5.22
CA GLN C 381 33.03 -26.09 -4.40
C GLN C 381 33.13 -24.59 -4.19
N GLU C 382 32.78 -23.80 -5.21
CA GLU C 382 32.80 -22.35 -5.08
C GLU C 382 31.74 -21.87 -4.09
N GLN C 383 30.56 -22.49 -4.12
CA GLN C 383 29.51 -22.12 -3.19
C GLN C 383 29.90 -22.44 -1.76
N ALA C 384 30.47 -23.63 -1.53
CA ALA C 384 30.90 -24.00 -0.18
C ALA C 384 32.01 -23.08 0.33
N ARG C 385 32.91 -22.66 -0.57
CA ARG C 385 34.03 -21.82 -0.14
C ARG C 385 33.56 -20.43 0.23
N ASP C 386 32.63 -19.86 -0.54
CA ASP C 386 32.11 -18.54 -0.19
C ASP C 386 31.25 -18.58 1.07
N LEU C 388 31.95 -20.54 3.55
CA LEU C 388 32.97 -20.57 4.59
C LEU C 388 33.55 -19.18 4.83
N ALA C 389 33.75 -18.40 3.76
CA ALA C 389 34.23 -17.03 3.92
C ALA C 389 33.26 -16.18 4.73
N GLY C 390 31.96 -16.38 4.52
CA GLY C 390 30.98 -15.63 5.30
C GLY C 390 31.04 -15.95 6.78
N VAL C 391 31.24 -17.22 7.11
CA VAL C 391 31.36 -17.61 8.51
C VAL C 391 32.62 -17.01 9.12
N ALA C 392 33.74 -17.09 8.39
CA ALA C 392 35.00 -16.55 8.90
C ALA C 392 34.90 -15.05 9.15
N ALA C 393 34.26 -14.31 8.24
CA ALA C 393 34.09 -12.88 8.44
C ALA C 393 33.17 -12.59 9.62
N GLN C 394 32.16 -13.44 9.83
CA GLN C 394 31.24 -13.23 10.95
C GLN C 394 31.98 -13.20 12.28
N TYR C 395 33.02 -14.01 12.43
CA TYR C 395 33.74 -14.05 13.69
C TYR C 395 35.00 -13.19 13.70
N GLU C 396 35.53 -12.81 12.55
CA GLU C 396 36.64 -11.86 12.53
C GLU C 396 36.16 -10.42 12.72
N ARG C 397 35.04 -10.05 12.08
CA ARG C 397 34.55 -8.68 12.14
C ARG C 397 33.08 -8.55 12.50
N GLY C 398 32.27 -9.60 12.35
CA GLY C 398 30.83 -9.51 12.56
C GLY C 398 30.34 -9.92 13.94
N ARG C 399 31.25 -10.17 14.88
CA ARG C 399 30.87 -10.56 16.24
C ARG C 399 31.68 -9.75 17.25
N PRO C 400 31.42 -8.44 17.35
CA PRO C 400 32.10 -7.65 18.38
C PRO C 400 31.73 -8.06 19.80
N GLY C 401 30.62 -8.77 19.98
CA GLY C 401 30.26 -9.29 21.28
C GLY C 401 31.20 -10.36 21.83
N ALA C 403 34.12 -9.85 22.51
CA ALA C 403 35.00 -9.15 23.45
C ALA C 403 34.58 -9.40 24.90
N TRP C 404 33.30 -9.69 25.14
CA TRP C 404 32.81 -9.91 26.49
C TRP C 404 32.17 -11.27 26.72
N ARG C 405 31.70 -11.95 25.68
CA ARG C 405 31.01 -13.22 25.82
C ARG C 405 31.78 -14.31 25.07
N THR C 406 31.75 -15.52 25.63
CA THR C 406 32.40 -16.66 25.04
C THR C 406 31.39 -17.51 24.27
N VAL C 407 31.92 -18.32 23.35
CA VAL C 407 31.06 -19.23 22.61
C VAL C 407 30.43 -20.25 23.55
N GLN C 408 31.17 -20.66 24.58
CA GLN C 408 30.63 -21.61 25.55
C GLN C 408 29.37 -21.08 26.21
N ASP C 409 29.33 -19.78 26.52
CA ASP C 409 28.15 -19.23 27.17
C ASP C 409 26.94 -19.23 26.25
N THR C 410 27.15 -19.22 24.93
CA THR C 410 26.02 -19.23 24.01
C THR C 410 25.29 -20.57 23.97
N THR C 411 25.85 -21.62 24.57
CA THR C 411 25.08 -22.86 24.69
C THR C 411 23.89 -22.70 25.63
N ASN C 412 23.83 -21.60 26.38
CA ASN C 412 22.67 -21.27 27.19
C ASN C 412 21.62 -20.48 26.44
N ASP C 413 21.89 -20.11 25.18
CA ASP C 413 20.94 -19.31 24.42
C ASP C 413 19.61 -19.99 24.15
N PRO C 414 19.53 -21.31 23.90
CA PRO C 414 18.20 -21.93 23.71
C PRO C 414 17.24 -21.65 24.85
N THR C 415 17.69 -21.79 26.10
CA THR C 415 16.83 -21.53 27.25
C THR C 415 16.69 -20.04 27.53
N SER C 417 16.91 -17.36 25.29
CA SER C 417 16.28 -16.56 24.26
C SER C 417 15.13 -17.24 23.53
N ARG C 419 15.19 -18.25 20.67
CA ARG C 419 15.29 -17.64 19.34
C ARG C 419 14.34 -16.46 19.16
N ARG C 420 13.92 -15.85 20.27
CA ARG C 420 13.12 -14.63 20.20
C ARG C 420 13.97 -13.48 19.67
N PRO C 421 13.34 -12.43 19.13
CA PRO C 421 14.12 -11.34 18.53
C PRO C 421 15.06 -10.69 19.53
N LYS C 422 16.29 -10.43 19.10
CA LYS C 422 17.23 -9.66 19.90
C LYS C 422 17.79 -8.51 19.07
N ALA C 423 18.15 -7.43 19.78
CA ALA C 423 18.54 -6.19 19.12
C ALA C 423 19.86 -6.34 18.38
N TYR C 424 20.84 -6.99 19.00
CA TYR C 424 22.19 -7.10 18.43
C TYR C 424 22.63 -8.55 18.51
N ARG C 425 22.27 -9.33 17.49
CA ARG C 425 22.81 -10.68 17.39
C ARG C 425 24.33 -10.66 17.32
N ASN C 426 24.91 -9.58 16.81
CA ASN C 426 26.36 -9.47 16.70
C ASN C 426 27.04 -9.12 18.01
N TYR C 427 26.33 -8.53 18.97
CA TYR C 427 26.91 -8.15 20.25
C TYR C 427 26.40 -9.01 21.41
N GLN C 428 25.10 -9.24 21.50
CA GLN C 428 24.60 -10.22 22.46
C GLN C 428 25.02 -11.63 22.11
N SER C 430 24.37 -15.14 19.52
CA SER C 430 23.14 -15.92 19.35
C SER C 430 23.53 -17.32 18.89
N GLU C 431 23.58 -18.26 19.84
CA GLU C 431 23.79 -19.68 19.53
C GLU C 431 25.02 -19.89 18.66
N ASP C 432 26.09 -19.18 18.98
CA ASP C 432 27.29 -19.25 18.16
C ASP C 432 28.04 -20.57 18.30
N TYR C 433 27.58 -21.47 19.17
CA TYR C 433 28.10 -22.83 19.16
C TYR C 433 27.86 -23.52 17.81
N TYR C 434 26.94 -22.99 17.00
CA TYR C 434 26.77 -23.45 15.62
C TYR C 434 27.97 -23.07 14.77
N SER C 435 28.02 -21.80 14.35
CA SER C 435 29.03 -21.37 13.38
C SER C 435 30.39 -21.14 14.02
N GLY C 436 30.42 -20.58 15.24
CA GLY C 436 31.68 -20.47 15.94
C GLY C 436 32.29 -21.82 16.26
N GLY C 437 31.46 -22.79 16.63
CA GLY C 437 31.95 -24.15 16.80
C GLY C 437 32.47 -24.74 15.51
N GLN C 438 31.78 -24.45 14.39
CA GLN C 438 32.24 -24.92 13.10
C GLN C 438 33.65 -24.43 12.79
N TRP C 441 36.19 -26.45 14.76
CA TRP C 441 36.41 -27.78 14.22
C TRP C 441 37.21 -27.74 12.93
N LEU C 442 37.08 -26.67 12.14
CA LEU C 442 37.98 -26.49 11.01
C LEU C 442 39.42 -26.34 11.49
N GLU C 443 39.63 -25.60 12.57
CA GLU C 443 40.98 -25.49 13.13
C GLU C 443 41.45 -26.81 13.71
N VAL C 444 40.54 -27.57 14.34
CA VAL C 444 40.88 -28.90 14.81
C VAL C 444 41.37 -29.77 13.66
N ASP C 445 40.65 -29.72 12.53
CA ASP C 445 41.07 -30.45 11.35
C ASP C 445 42.46 -30.01 10.90
N SER C 446 42.68 -28.69 10.85
CA SER C 446 43.98 -28.18 10.41
C SER C 446 45.08 -28.56 11.40
N LYS C 447 44.77 -28.58 12.70
CA LYS C 447 45.77 -28.97 13.68
C LYS C 447 46.07 -30.46 13.59
N LEU C 448 45.05 -31.29 13.37
CA LEU C 448 45.29 -32.72 13.18
C LEU C 448 46.18 -32.98 11.98
N ARG C 449 45.98 -32.24 10.89
CA ARG C 449 46.84 -32.39 9.72
C ARG C 449 48.27 -31.95 10.03
N ALA C 450 48.42 -30.82 10.74
CA ALA C 450 49.75 -30.29 11.02
C ALA C 450 50.54 -31.24 11.93
N LEU C 451 49.86 -31.85 12.91
CA LEU C 451 50.55 -32.75 13.83
C LEU C 451 50.96 -34.05 13.17
N THR C 452 50.34 -34.43 12.06
CA THR C 452 50.58 -35.73 11.44
C THR C 452 51.05 -35.61 10.00
N ASN C 453 51.44 -34.42 9.55
CA ASN C 453 51.88 -34.17 8.18
C ASN C 453 50.81 -34.62 7.18
N ASN C 454 49.56 -34.22 7.45
CA ASN C 454 48.40 -34.48 6.62
C ASN C 454 48.02 -35.95 6.53
N LYS C 455 48.58 -36.81 7.40
CA LYS C 455 48.19 -38.22 7.37
C LYS C 455 46.89 -38.47 8.13
N ARG C 456 46.52 -37.59 9.05
CA ARG C 456 45.25 -37.68 9.76
C ARG C 456 44.51 -36.35 9.65
N SER C 457 43.19 -36.41 9.74
CA SER C 457 42.36 -35.22 9.68
C SER C 457 41.15 -35.42 10.59
N ILE C 458 40.22 -34.46 10.55
CA ILE C 458 39.01 -34.57 11.35
C ILE C 458 38.14 -35.74 10.92
N ASP C 459 38.33 -36.24 9.69
CA ASP C 459 37.63 -37.44 9.26
C ASP C 459 37.93 -38.61 10.19
N ASP C 460 39.17 -38.69 10.69
CA ASP C 460 39.53 -39.77 11.59
C ASP C 460 38.86 -39.64 12.95
N PHE C 461 38.62 -38.40 13.41
CA PHE C 461 37.86 -38.23 14.64
C PHE C 461 36.42 -38.70 14.48
N GLY C 462 35.79 -38.36 13.36
CA GLY C 462 34.41 -38.77 13.14
C GLY C 462 34.23 -40.26 13.19
N LYS C 463 35.10 -41.00 12.49
CA LYS C 463 35.02 -42.46 12.51
C LYS C 463 35.29 -43.02 13.90
N ALA C 464 36.30 -42.48 14.59
CA ALA C 464 36.65 -43.01 15.90
C ALA C 464 35.58 -42.70 16.94
N PHE C 465 35.00 -41.50 16.89
CA PHE C 465 34.04 -41.07 17.91
C PHE C 465 32.62 -41.51 17.63
N PHE C 466 32.24 -41.65 16.35
CA PHE C 466 30.87 -41.98 15.99
C PHE C 466 30.70 -43.28 15.21
N GLY C 467 31.79 -43.89 14.75
CA GLY C 467 31.70 -45.02 13.85
C GLY C 467 31.59 -46.39 14.49
N LYS C 469 29.74 -49.62 16.52
CA LYS C 469 28.44 -50.30 16.74
C LYS C 469 27.43 -49.92 15.65
N ASN C 470 27.73 -50.36 14.44
CA ASN C 470 26.80 -50.16 13.33
C ASN C 470 25.47 -50.83 13.63
N GLY C 471 24.38 -50.12 13.32
CA GLY C 471 23.04 -50.60 13.58
C GLY C 471 22.46 -50.16 14.91
N ASP C 472 23.29 -49.75 15.86
CA ASP C 472 22.78 -49.27 17.14
C ASP C 472 22.20 -47.87 16.97
N TRP C 473 20.95 -47.69 17.40
CA TRP C 473 20.36 -46.36 17.44
C TRP C 473 19.84 -46.01 18.84
N ASP C 474 20.46 -46.56 19.87
N ASP C 474 20.47 -46.57 19.87
CA ASP C 474 20.24 -46.10 21.22
CA ASP C 474 20.26 -46.12 21.24
C ASP C 474 21.22 -44.95 21.53
C ASP C 474 21.19 -44.93 21.51
N VAL C 475 21.18 -44.45 22.75
CA VAL C 475 22.01 -43.31 23.13
C VAL C 475 23.34 -43.81 23.68
N ASN C 476 24.43 -43.23 23.18
CA ASN C 476 25.80 -43.52 23.63
C ASN C 476 26.37 -42.23 24.18
N PRO C 477 26.25 -41.97 25.48
CA PRO C 477 26.64 -40.66 26.02
C PRO C 477 28.16 -40.47 26.02
N TYR C 478 28.56 -39.20 26.09
CA TYR C 478 29.96 -38.84 26.19
C TYR C 478 30.10 -37.63 27.10
N THR C 479 31.32 -37.42 27.57
CA THR C 479 31.69 -36.24 28.36
C THR C 479 32.80 -35.49 27.64
N PHE C 480 33.18 -34.35 28.23
CA PHE C 480 34.28 -33.55 27.66
C PHE C 480 35.55 -34.37 27.58
N ASP C 481 35.86 -35.14 28.62
CA ASP C 481 37.08 -35.95 28.63
C ASP C 481 37.08 -36.98 27.51
N ASP C 482 35.92 -37.51 27.14
CA ASP C 482 35.86 -38.47 26.05
C ASP C 482 36.24 -37.83 24.72
N ILE C 483 35.82 -36.59 24.49
CA ILE C 483 36.21 -35.88 23.27
C ILE C 483 37.72 -35.69 23.23
N VAL C 484 38.29 -35.22 24.34
CA VAL C 484 39.73 -35.01 24.42
C VAL C 484 40.47 -36.32 24.15
N SER C 485 40.03 -37.39 24.80
CA SER C 485 40.72 -38.67 24.67
C SER C 485 40.68 -39.19 23.24
N THR C 486 39.54 -39.08 22.56
CA THR C 486 39.44 -39.55 21.19
C THR C 486 40.29 -38.70 20.26
N LEU C 487 40.28 -37.38 20.45
CA LEU C 487 41.16 -36.51 19.67
C LEU C 487 42.62 -36.87 19.89
N ASN C 488 43.00 -37.11 21.15
CA ASN C 488 44.38 -37.50 21.45
C ASN C 488 44.73 -38.83 20.80
N GLY C 489 43.75 -39.74 20.67
CA GLY C 489 44.02 -41.00 20.01
C GLY C 489 44.31 -40.84 18.53
N VAL C 490 43.73 -39.83 17.89
CA VAL C 490 44.07 -39.54 16.50
C VAL C 490 45.47 -38.94 16.40
N ALA C 491 45.75 -37.96 17.26
CA ALA C 491 47.07 -37.33 17.29
C ALA C 491 47.30 -36.74 18.67
N ALA C 492 48.41 -37.13 19.29
CA ALA C 492 48.71 -36.70 20.66
C ALA C 492 48.89 -35.19 20.72
N PHE C 493 48.20 -34.55 21.66
CA PHE C 493 48.20 -33.10 21.83
C PHE C 493 47.39 -32.78 23.08
N ASP C 494 47.64 -31.58 23.62
CA ASP C 494 46.86 -31.07 24.75
C ASP C 494 45.54 -30.50 24.23
N TRP C 495 44.64 -31.43 23.88
CA TRP C 495 43.37 -31.04 23.30
C TRP C 495 42.47 -30.35 24.31
N ALA C 496 42.62 -30.67 25.60
CA ALA C 496 41.82 -30.03 26.64
C ALA C 496 42.06 -28.52 26.65
N SER C 497 43.33 -28.10 26.61
CA SER C 497 43.62 -26.67 26.59
C SER C 497 43.16 -26.03 25.29
N PHE C 498 43.35 -26.71 24.16
CA PHE C 498 42.95 -26.14 22.87
C PHE C 498 41.45 -25.89 22.85
N LEU C 499 40.66 -26.90 23.24
CA LEU C 499 39.20 -26.75 23.18
C LEU C 499 38.73 -25.65 24.13
N ARG C 500 39.25 -25.64 25.35
CA ARG C 500 38.81 -24.63 26.32
C ARG C 500 39.28 -23.24 25.95
N SER C 501 40.46 -23.10 25.35
CA SER C 501 40.93 -21.78 24.97
C SER C 501 40.05 -21.15 23.90
N ARG C 502 39.46 -21.96 23.03
CA ARG C 502 38.59 -21.41 21.98
C ARG C 502 37.17 -21.16 22.49
N ASP C 504 36.08 -20.93 25.68
CA ASP C 504 36.07 -20.05 26.83
C ASP C 504 36.87 -18.78 26.62
N GLY C 505 37.35 -18.54 25.40
CA GLY C 505 38.18 -17.39 25.12
C GLY C 505 37.43 -16.29 24.39
N HIS C 506 38.15 -15.19 24.18
CA HIS C 506 37.65 -14.05 23.42
C HIS C 506 38.47 -13.79 22.17
N GLY C 507 39.43 -14.67 21.86
CA GLY C 507 40.32 -14.48 20.74
C GLY C 507 39.78 -15.05 19.45
N SER C 508 40.65 -15.07 18.43
CA SER C 508 40.24 -15.45 17.09
C SER C 508 39.88 -16.93 17.02
N LEU C 509 38.84 -17.23 16.25
CA LEU C 509 38.41 -18.59 15.98
C LEU C 509 38.72 -19.05 14.55
N ILE C 510 39.27 -18.17 13.71
CA ILE C 510 39.38 -18.43 12.29
C ILE C 510 40.78 -18.95 11.92
N GLY C 511 41.53 -19.46 12.89
CA GLY C 511 42.87 -19.94 12.61
C GLY C 511 42.91 -21.11 11.65
N GLY C 512 41.82 -21.88 11.58
CA GLY C 512 41.79 -23.03 10.68
C GLY C 512 41.82 -22.66 9.21
N ILE C 513 41.38 -21.44 8.87
CA ILE C 513 41.44 -20.98 7.48
C ILE C 513 42.89 -20.89 7.03
N GLU C 514 43.70 -20.11 7.77
CA GLU C 514 45.08 -19.90 7.37
C GLU C 514 45.92 -21.17 7.52
N ALA C 515 45.64 -21.97 8.55
CA ALA C 515 46.39 -23.21 8.74
C ALA C 515 46.15 -24.20 7.61
N ASN C 516 44.98 -24.16 6.98
CA ASN C 516 44.67 -25.05 5.87
C ASN C 516 44.95 -24.42 4.51
N GLY C 517 45.65 -23.29 4.46
CA GLY C 517 46.21 -22.79 3.23
C GLY C 517 45.47 -21.67 2.53
N TRP C 518 44.51 -21.04 3.19
CA TRP C 518 43.75 -19.95 2.59
C TRP C 518 43.75 -18.74 3.52
N LYS C 519 43.26 -17.62 3.02
CA LYS C 519 43.23 -16.38 3.78
C LYS C 519 41.91 -15.66 3.54
N LEU C 520 41.31 -15.17 4.61
CA LEU C 520 40.07 -14.40 4.51
C LEU C 520 40.38 -12.98 4.06
N VAL C 521 39.79 -12.56 2.94
CA VAL C 521 39.98 -11.23 2.38
C VAL C 521 38.62 -10.60 2.13
N TYR C 522 38.63 -9.29 1.91
CA TYR C 522 37.44 -8.51 1.60
C TYR C 522 37.69 -7.65 0.37
N ASN C 523 36.71 -7.60 -0.52
CA ASN C 523 36.77 -6.74 -1.70
C ASN C 523 35.34 -6.37 -2.11
N ASP C 524 35.21 -5.66 -3.23
CA ASP C 524 33.91 -5.23 -3.69
C ASP C 524 33.17 -6.28 -4.52
N GLU C 525 33.75 -7.46 -4.71
CA GLU C 525 33.04 -8.51 -5.42
C GLU C 525 32.03 -9.17 -4.49
N PRO C 526 30.77 -9.28 -4.89
CA PRO C 526 29.75 -9.82 -3.97
C PRO C 526 30.03 -11.27 -3.62
N ASN C 527 29.72 -11.62 -2.37
CA ASN C 527 29.78 -13.00 -1.92
C ASN C 527 28.64 -13.79 -2.55
N LEU C 528 28.93 -15.02 -2.99
CA LEU C 528 27.93 -15.82 -3.68
C LEU C 528 26.68 -16.04 -2.82
N ALA C 529 26.87 -16.31 -1.53
CA ALA C 529 25.73 -16.49 -0.64
C ALA C 529 24.96 -15.20 -0.47
N THR C 530 25.67 -14.10 -0.16
CA THR C 530 25.02 -12.81 0.00
C THR C 530 24.28 -12.39 -1.26
N LYS C 531 24.90 -12.56 -2.43
CA LYS C 531 24.26 -12.19 -3.69
C LYS C 531 22.95 -12.94 -3.88
N THR C 532 22.97 -14.26 -3.68
CA THR C 532 21.75 -15.05 -3.81
C THR C 532 20.73 -14.71 -2.73
N ASP C 533 21.21 -14.47 -1.50
CA ASP C 533 20.31 -14.28 -0.37
C ASP C 533 19.73 -12.86 -0.26
N GLU C 534 20.20 -11.90 -1.05
CA GLU C 534 19.57 -10.58 -1.04
C GLU C 534 19.05 -10.17 -2.42
N SER C 535 18.94 -11.10 -3.35
CA SER C 535 18.44 -10.78 -4.68
C SER C 535 16.97 -11.12 -4.74
N ASP C 536 16.32 -10.68 -5.83
CA ASP C 536 14.87 -10.74 -5.98
C ASP C 536 14.21 -9.77 -5.00
N ASP C 537 14.63 -9.80 -3.74
CA ASP C 537 14.15 -8.86 -2.75
C ASP C 537 14.82 -7.49 -2.87
N LYS C 538 15.96 -7.42 -3.57
CA LYS C 538 16.71 -6.17 -3.75
C LYS C 538 17.12 -5.55 -2.41
N ASP C 539 17.49 -6.40 -1.46
CA ASP C 539 17.97 -5.93 -0.17
C ASP C 539 19.43 -5.54 -0.26
N ALA C 540 19.99 -5.08 0.86
CA ALA C 540 21.37 -4.57 0.88
C ALA C 540 22.04 -5.00 2.18
N SER C 541 22.98 -5.92 2.07
CA SER C 541 23.82 -6.35 3.20
C SER C 541 25.13 -5.56 3.15
N LEU C 542 25.33 -4.68 4.13
CA LEU C 542 26.49 -3.80 4.19
C LEU C 542 27.22 -3.94 5.52
N THR C 543 27.30 -5.17 6.04
CA THR C 543 27.82 -5.37 7.39
C THR C 543 29.24 -4.84 7.54
N TYR C 544 30.10 -5.10 6.56
CA TYR C 544 31.52 -4.79 6.67
C TYR C 544 31.88 -3.47 6.00
N SER C 545 30.90 -2.71 5.53
CA SER C 545 31.15 -1.35 5.07
C SER C 545 30.48 -0.34 5.99
N LEU C 546 29.18 -0.10 5.81
CA LEU C 546 28.45 0.82 6.66
C LEU C 546 27.99 0.21 7.97
N GLY C 547 28.20 -1.09 8.17
CA GLY C 547 27.81 -1.72 9.42
C GLY C 547 26.32 -1.87 9.61
N SER C 549 22.43 -3.72 7.61
CA SER C 549 21.70 -4.33 6.52
C SER C 549 20.37 -3.62 6.37
N LEU C 550 19.89 -3.53 5.12
CA LEU C 550 18.67 -2.81 4.82
C LEU C 550 17.78 -3.63 3.90
N LYS C 551 16.47 -3.42 4.04
CA LYS C 551 15.54 -3.93 3.06
C LYS C 551 15.49 -2.99 1.86
N ALA C 552 14.86 -3.45 0.78
CA ALA C 552 14.71 -2.62 -0.40
C ALA C 552 13.95 -1.34 -0.08
N SER C 553 13.07 -1.38 0.91
CA SER C 553 12.30 -0.21 1.33
C SER C 553 13.18 0.86 1.95
N GLY C 554 14.39 0.54 2.36
CA GLY C 554 15.23 1.43 3.13
C GLY C 554 15.17 1.20 4.63
N ASP C 555 14.25 0.35 5.10
CA ASP C 555 14.19 0.01 6.51
C ASP C 555 15.45 -0.74 6.93
N ILE C 556 16.07 -0.27 8.01
CA ILE C 556 17.25 -0.95 8.54
C ILE C 556 16.81 -2.24 9.22
N SER C 557 17.42 -3.35 8.81
CA SER C 557 17.09 -4.66 9.35
C SER C 557 18.10 -5.19 10.35
N ASP C 558 19.29 -4.61 10.42
CA ASP C 558 20.32 -5.03 11.36
C ASP C 558 21.38 -3.94 11.42
N VAL C 559 21.98 -3.77 12.60
CA VAL C 559 23.03 -2.77 12.82
C VAL C 559 24.18 -3.44 13.56
N LEU C 560 25.39 -3.29 13.02
CA LEU C 560 26.58 -3.85 13.65
C LEU C 560 27.03 -2.97 14.81
N TRP C 561 27.17 -3.58 15.98
CA TRP C 561 27.65 -2.88 17.17
C TRP C 561 28.99 -2.21 16.89
N ASP C 562 29.09 -0.93 17.26
CA ASP C 562 30.28 -0.08 17.11
C ASP C 562 30.65 0.20 15.66
N GLY C 563 29.75 -0.09 14.71
CA GLY C 563 30.01 0.21 13.32
C GLY C 563 29.58 1.61 12.93
N PRO C 564 29.79 1.98 11.66
CA PRO C 564 29.45 3.35 11.25
C PRO C 564 28.00 3.71 11.43
N ALA C 565 27.07 2.82 11.07
CA ALA C 565 25.65 3.09 11.28
C ALA C 565 25.33 3.22 12.76
N PHE C 566 25.88 2.32 13.58
CA PHE C 566 25.70 2.39 15.03
C PHE C 566 26.17 3.72 15.58
N ASN C 567 27.32 4.21 15.12
CA ASN C 567 27.87 5.46 15.63
C ASN C 567 27.11 6.69 15.18
N ALA C 568 26.21 6.57 14.21
CA ALA C 568 25.30 7.64 13.86
C ALA C 568 23.97 7.53 14.62
N GLY C 569 23.89 6.65 15.62
CA GLY C 569 22.70 6.49 16.41
C GLY C 569 21.61 5.66 15.77
N LEU C 570 21.88 5.04 14.63
CA LEU C 570 20.85 4.29 13.92
C LEU C 570 20.56 2.97 14.63
N ILE C 571 19.29 2.57 14.59
CA ILE C 571 18.87 1.27 15.09
C ILE C 571 17.97 0.62 14.05
N THR C 572 17.87 -0.71 14.15
CA THR C 572 16.92 -1.45 13.34
C THR C 572 15.53 -0.85 13.47
N GLY C 573 14.86 -0.64 12.33
CA GLY C 573 13.56 -0.02 12.29
C GLY C 573 13.58 1.43 11.84
N ASN C 574 14.69 2.14 12.06
CA ASN C 574 14.88 3.41 11.38
C ASN C 574 14.91 3.17 9.87
N THR C 575 14.68 4.23 9.11
CA THR C 575 14.59 4.14 7.66
C THR C 575 15.59 5.09 7.02
N ILE C 576 16.40 4.57 6.11
CA ILE C 576 17.24 5.43 5.26
C ILE C 576 16.36 5.94 4.13
N VAL C 577 16.04 7.23 4.17
CA VAL C 577 15.12 7.81 3.19
C VAL C 577 15.85 8.19 1.91
N ALA C 578 17.04 8.77 2.04
CA ALA C 578 17.78 9.22 0.87
C ALA C 578 19.26 9.08 1.13
N VAL C 579 20.03 8.98 0.05
CA VAL C 579 21.48 8.89 0.08
C VAL C 579 22.03 9.99 -0.80
N ASN C 580 22.75 10.94 -0.19
CA ASN C 580 23.22 12.13 -0.88
C ASN C 580 22.08 12.84 -1.60
N GLY C 581 20.90 12.86 -0.96
CA GLY C 581 19.75 13.52 -1.50
C GLY C 581 18.93 12.72 -2.48
N ARG C 582 19.36 11.52 -2.84
CA ARG C 582 18.65 10.69 -3.81
C ARG C 582 17.87 9.61 -3.08
N ALA C 583 16.61 9.41 -3.49
CA ALA C 583 15.73 8.42 -2.85
C ALA C 583 16.41 7.07 -2.76
N PHE C 584 16.23 6.39 -1.62
CA PHE C 584 16.99 5.20 -1.34
C PHE C 584 16.68 4.07 -2.31
N SER C 585 17.74 3.37 -2.72
CA SER C 585 17.64 2.03 -3.29
C SER C 585 18.92 1.30 -2.90
N SER C 586 18.89 -0.03 -3.00
CA SER C 586 20.08 -0.80 -2.70
C SER C 586 21.23 -0.40 -3.61
N ASP C 587 20.96 -0.25 -4.92
CA ASP C 587 22.00 0.19 -5.84
C ASP C 587 22.48 1.60 -5.51
N VAL C 588 21.56 2.47 -5.09
CA VAL C 588 21.93 3.87 -4.82
C VAL C 588 22.90 3.95 -3.65
N ILE C 589 22.61 3.24 -2.56
CA ILE C 589 23.49 3.32 -1.40
C ILE C 589 24.82 2.61 -1.67
N LYS C 590 24.79 1.54 -2.47
CA LYS C 590 26.04 0.85 -2.82
C LYS C 590 26.93 1.74 -3.68
N ASP C 591 26.34 2.42 -4.67
CA ASP C 591 27.14 3.32 -5.51
C ASP C 591 27.70 4.48 -4.70
N ALA C 592 26.95 4.97 -3.72
CA ALA C 592 27.45 6.05 -2.88
C ALA C 592 28.60 5.57 -1.99
N ILE C 593 28.54 4.32 -1.54
CA ILE C 593 29.66 3.77 -0.77
C ILE C 593 30.90 3.70 -1.64
N THR C 594 30.75 3.21 -2.87
CA THR C 594 31.88 3.17 -3.79
C THR C 594 32.40 4.57 -4.11
N ALA C 595 31.49 5.53 -4.31
CA ALA C 595 31.92 6.89 -4.63
C ALA C 595 32.67 7.53 -3.47
N ALA C 596 32.41 7.10 -2.24
CA ALA C 596 33.10 7.63 -1.08
C ALA C 596 34.43 6.92 -0.80
N LYS C 597 34.77 5.89 -1.56
CA LYS C 597 35.98 5.12 -1.32
C LYS C 597 37.22 5.95 -1.65
N GLY C 598 38.12 6.07 -0.67
CA GLY C 598 39.36 6.77 -0.87
C GLY C 598 39.26 8.28 -0.87
N THR C 599 38.07 8.84 -0.73
CA THR C 599 37.89 10.29 -0.66
C THR C 599 37.70 10.72 0.79
N THR C 600 37.47 12.01 0.97
CA THR C 600 37.16 12.58 2.28
C THR C 600 35.77 13.20 2.30
N VAL C 601 34.94 12.86 1.33
CA VAL C 601 33.57 13.39 1.22
C VAL C 601 32.63 12.39 1.90
N PRO C 602 31.98 12.75 3.00
CA PRO C 602 31.14 11.78 3.71
C PRO C 602 29.87 11.44 2.95
N ILE C 603 29.31 10.28 3.28
CA ILE C 603 28.02 9.87 2.75
C ILE C 603 26.92 10.56 3.55
N GLU C 604 26.03 11.26 2.85
CA GLU C 604 24.92 11.98 3.47
C GLU C 604 23.69 11.09 3.44
N LEU C 605 23.19 10.73 4.62
CA LEU C 605 22.04 9.84 4.76
C LEU C 605 20.88 10.59 5.39
N LEU C 606 19.77 10.69 4.67
CA LEU C 606 18.52 11.19 5.22
C LEU C 606 17.80 10.04 5.93
N VAL C 607 17.54 10.21 7.22
CA VAL C 607 17.06 9.13 8.08
C VAL C 607 15.72 9.51 8.70
N LYS C 608 14.81 8.55 8.74
CA LYS C 608 13.55 8.69 9.46
C LYS C 608 13.63 7.86 10.73
N ARG C 609 13.49 8.50 11.88
CA ARG C 609 13.44 7.85 13.18
C ARG C 609 12.07 8.12 13.79
N LEU C 610 11.23 7.10 13.85
CA LEU C 610 9.82 7.27 14.19
C LEU C 610 9.20 8.32 13.28
N ASP C 611 8.78 9.45 13.82
CA ASP C 611 8.14 10.50 13.04
C ASP C 611 9.04 11.72 12.82
N ARG C 612 10.36 11.54 12.89
CA ARG C 612 11.29 12.65 12.75
C ARG C 612 12.32 12.33 11.68
N TYR C 613 12.72 13.36 10.94
CA TYR C 613 13.69 13.24 9.87
C TYR C 613 14.96 14.02 10.22
N ASP C 614 16.11 13.41 9.99
CA ASP C 614 17.38 14.08 10.19
C ASP C 614 18.38 13.54 9.17
N THR C 615 19.43 14.32 8.92
CA THR C 615 20.50 13.95 8.00
C THR C 615 21.78 13.71 8.80
N VAL C 616 22.41 12.57 8.56
CA VAL C 616 23.68 12.23 9.19
C VAL C 616 24.76 12.13 8.13
N ARG C 617 25.98 12.47 8.51
CA ARG C 617 27.14 12.36 7.64
C ARG C 617 28.04 11.26 8.19
N ILE C 618 28.25 10.22 7.39
CA ILE C 618 29.06 9.08 7.78
C ILE C 618 30.38 9.14 7.02
N ASP C 619 31.48 9.26 7.75
CA ASP C 619 32.81 9.34 7.17
C ASP C 619 33.40 7.94 6.98
N TYR C 620 32.75 7.14 6.14
CA TYR C 620 33.24 5.82 5.78
C TYR C 620 33.78 5.87 4.36
N HIS C 621 35.05 5.47 4.19
CA HIS C 621 35.72 5.58 2.90
C HIS C 621 36.44 4.30 2.51
N GLY C 622 36.02 3.16 3.05
CA GLY C 622 36.62 1.88 2.70
C GLY C 622 35.99 1.18 1.52
N GLY C 623 34.87 1.68 1.01
CA GLY C 623 34.19 1.05 -0.10
C GLY C 623 33.44 -0.20 0.31
N LEU C 624 32.84 -0.85 -0.67
CA LEU C 624 32.11 -2.09 -0.44
C LEU C 624 33.08 -3.21 -0.11
N LEU C 625 32.76 -4.00 0.91
CA LEU C 625 33.65 -5.06 1.40
C LEU C 625 32.85 -6.32 1.63
N TYR C 626 33.13 -7.36 0.83
CA TYR C 626 32.50 -8.67 0.97
C TYR C 626 33.57 -9.74 1.17
N PRO C 627 33.29 -10.74 2.00
CA PRO C 627 34.34 -11.71 2.35
C PRO C 627 34.54 -12.77 1.30
N HIS C 628 35.81 -13.14 1.10
CA HIS C 628 36.20 -14.21 0.20
C HIS C 628 37.39 -14.95 0.80
N LEU C 629 37.68 -16.12 0.24
CA LEU C 629 38.86 -16.89 0.59
C LEU C 629 39.83 -16.86 -0.60
N GLU C 630 41.10 -16.59 -0.32
CA GLU C 630 42.14 -16.58 -1.34
C GLU C 630 43.27 -17.52 -0.93
N ARG C 631 43.86 -18.16 -1.92
CA ARG C 631 44.94 -19.11 -1.65
C ARG C 631 46.19 -18.41 -1.14
N ILE C 632 46.88 -19.08 -0.22
CA ILE C 632 48.24 -18.72 0.15
C ILE C 632 49.15 -19.62 -0.66
N ALA C 633 49.91 -19.03 -1.59
CA ALA C 633 50.63 -19.81 -2.58
C ALA C 633 51.64 -20.76 -1.95
N GLY C 634 52.38 -20.30 -0.94
CA GLY C 634 53.43 -21.13 -0.37
C GLY C 634 52.92 -22.32 0.41
N LYS C 635 51.71 -22.22 0.97
CA LYS C 635 51.20 -23.25 1.87
C LYS C 635 50.40 -24.32 1.11
N PRO C 636 50.39 -25.54 1.62
CA PRO C 636 49.57 -26.59 1.01
C PRO C 636 48.09 -26.29 1.14
N ASP C 637 47.33 -26.68 0.12
CA ASP C 637 45.89 -26.43 0.08
C ASP C 637 45.19 -27.60 0.77
N ARG C 638 45.19 -27.56 2.11
CA ARG C 638 44.50 -28.57 2.88
C ARG C 638 42.98 -28.37 2.86
N LEU C 639 42.53 -27.13 2.65
CA LEU C 639 41.10 -26.87 2.67
C LEU C 639 40.37 -27.61 1.55
N SER C 640 40.94 -27.61 0.34
CA SER C 640 40.32 -28.33 -0.77
C SER C 640 40.30 -29.82 -0.54
N GLU C 641 41.33 -30.36 0.13
CA GLU C 641 41.33 -31.77 0.49
C GLU C 641 40.15 -32.12 1.38
N LEU C 642 39.88 -31.28 2.39
CA LEU C 642 38.78 -31.54 3.31
C LEU C 642 37.43 -31.53 2.60
N TYR C 643 37.25 -30.58 1.68
CA TYR C 643 35.98 -30.41 0.99
C TYR C 643 35.83 -31.28 -0.25
N LYS C 644 36.82 -32.13 -0.55
CA LYS C 644 36.78 -32.98 -1.74
C LYS C 644 36.01 -34.26 -1.46
N ALA C 645 35.26 -34.72 -2.46
CA ALA C 645 34.54 -35.97 -2.34
C ALA C 645 35.51 -37.13 -2.13
N ARG C 646 35.12 -38.08 -1.28
CA ARG C 646 35.94 -39.25 -1.01
C ARG C 646 35.48 -40.44 -1.86
N ALA D 42 -15.75 20.08 -46.09
CA ALA D 42 -16.62 20.98 -45.33
C ALA D 42 -18.10 20.60 -45.51
N THR D 43 -18.90 20.87 -44.48
CA THR D 43 -20.33 20.60 -44.50
C THR D 43 -21.10 21.87 -44.85
N ALA D 44 -22.07 21.75 -45.76
CA ALA D 44 -22.86 22.90 -46.18
C ALA D 44 -23.61 23.49 -45.00
N ALA D 45 -23.83 24.80 -45.06
CA ALA D 45 -24.44 25.50 -43.93
C ALA D 45 -25.88 25.04 -43.73
N PRO D 46 -26.33 24.92 -42.48
CA PRO D 46 -27.73 24.56 -42.23
C PRO D 46 -28.66 25.68 -42.66
N GLN D 47 -29.82 25.30 -43.18
CA GLN D 47 -30.77 26.24 -43.76
C GLN D 47 -32.07 26.21 -42.96
N ASP D 48 -32.68 27.38 -42.80
CA ASP D 48 -33.98 27.48 -42.14
C ASP D 48 -35.06 27.01 -43.12
N VAL D 49 -35.00 25.72 -43.42
CA VAL D 49 -35.90 25.08 -44.37
C VAL D 49 -36.61 23.94 -43.67
N PRO D 50 -37.84 23.58 -44.05
CA PRO D 50 -38.52 22.48 -43.36
C PRO D 50 -37.87 21.15 -43.65
N PHE D 51 -37.88 20.27 -42.65
CA PHE D 51 -37.44 18.90 -42.81
C PHE D 51 -38.68 18.03 -42.95
N GLU D 52 -38.76 17.30 -44.05
CA GLU D 52 -39.92 16.45 -44.32
C GLU D 52 -39.78 15.13 -43.55
N GLY D 53 -40.80 14.81 -42.77
CA GLY D 53 -40.83 13.56 -42.04
C GLY D 53 -40.38 13.70 -40.60
N THR D 54 -40.05 12.56 -40.01
CA THR D 54 -39.69 12.49 -38.60
C THR D 54 -38.37 11.75 -38.46
N LEU D 55 -37.51 12.27 -37.60
CA LEU D 55 -36.27 11.60 -37.23
C LEU D 55 -36.55 10.69 -36.04
N LYS D 56 -36.50 9.38 -36.27
CA LYS D 56 -36.79 8.39 -35.23
C LYS D 56 -35.49 7.97 -34.56
N ILE D 57 -35.43 8.09 -33.24
CA ILE D 57 -34.25 7.71 -32.47
C ILE D 57 -34.67 6.70 -31.40
N ASP D 58 -34.23 5.46 -31.56
CA ASP D 58 -34.55 4.37 -30.64
C ASP D 58 -33.26 3.94 -29.94
N VAL D 59 -33.26 3.96 -28.61
CA VAL D 59 -32.07 3.70 -27.82
C VAL D 59 -32.32 2.50 -26.93
N ASP D 60 -31.38 1.56 -26.94
CA ASP D 60 -31.36 0.44 -26.00
C ASP D 60 -30.33 0.77 -24.92
N ALA D 61 -30.79 0.97 -23.70
CA ALA D 61 -29.92 1.36 -22.59
C ALA D 61 -29.85 0.28 -21.52
N THR D 62 -29.72 -0.99 -21.92
CA THR D 62 -29.72 -2.09 -20.97
C THR D 62 -28.34 -2.67 -20.69
N ASP D 63 -27.35 -2.42 -21.54
CA ASP D 63 -26.02 -3.00 -21.33
C ASP D 63 -25.24 -2.15 -20.33
N LEU D 64 -25.63 -2.31 -19.06
CA LEU D 64 -24.96 -1.58 -17.98
C LEU D 64 -23.54 -2.09 -17.76
N GLN D 65 -23.30 -3.36 -18.02
CA GLN D 65 -21.98 -3.94 -17.74
C GLN D 65 -20.91 -3.33 -18.64
N HIS D 66 -21.16 -3.30 -19.95
CA HIS D 66 -20.23 -2.67 -20.87
C HIS D 66 -20.43 -1.16 -20.96
N ARG D 67 -21.52 -0.64 -20.37
CA ARG D 67 -21.85 0.79 -20.42
C ARG D 67 -22.05 1.27 -21.85
N ILE D 68 -22.81 0.50 -22.61
CA ILE D 68 -23.03 0.76 -24.04
C ILE D 68 -24.48 1.16 -24.24
N PHE D 69 -24.70 2.24 -24.97
CA PHE D 69 -26.01 2.63 -25.49
C PHE D 69 -26.10 2.17 -26.95
N LYS D 70 -27.08 1.33 -27.25
CA LYS D 70 -27.32 0.90 -28.63
C LYS D 70 -28.35 1.82 -29.28
N VAL D 71 -28.08 2.25 -30.50
CA VAL D 71 -28.87 3.31 -31.14
C VAL D 71 -29.30 2.86 -32.54
N LYS D 72 -30.54 3.15 -32.89
CA LYS D 72 -31.03 3.05 -34.26
C LYS D 72 -31.75 4.35 -34.59
N THR D 73 -31.28 5.04 -35.63
CA THR D 73 -31.90 6.28 -36.09
C THR D 73 -32.49 6.05 -37.47
N THR D 74 -33.76 6.43 -37.64
CA THR D 74 -34.50 6.21 -38.87
C THR D 74 -35.03 7.54 -39.40
N PRO D 76 -36.36 9.74 -43.37
CA PRO D 76 -36.54 9.75 -44.83
C PRO D 76 -35.21 9.96 -45.54
N ALA D 77 -35.08 9.34 -46.70
CA ALA D 77 -33.85 9.36 -47.47
C ALA D 77 -34.08 10.13 -48.76
N THR D 78 -33.27 11.17 -48.96
CA THR D 78 -33.40 11.91 -50.21
C THR D 78 -32.34 11.43 -51.19
N PRO D 79 -32.72 11.08 -52.42
CA PRO D 79 -31.74 10.57 -53.37
C PRO D 79 -30.63 11.60 -53.60
N GLY D 80 -29.42 11.10 -53.82
CA GLY D 80 -28.27 11.94 -53.98
C GLY D 80 -27.37 11.86 -52.76
N PRO D 81 -26.35 12.70 -52.72
CA PRO D 81 -25.47 12.72 -51.54
C PRO D 81 -26.23 13.14 -50.29
N THR D 83 -25.50 13.76 -45.98
CA THR D 83 -24.55 13.90 -44.90
C THR D 83 -25.29 13.86 -43.57
N LEU D 84 -24.88 12.95 -42.69
CA LEU D 84 -25.41 12.83 -41.34
C LEU D 84 -24.43 13.41 -40.33
N LEU D 85 -24.94 14.10 -39.33
CA LEU D 85 -24.12 14.82 -38.36
C LEU D 85 -24.27 14.19 -36.98
N TYR D 86 -23.14 14.00 -36.32
CA TYR D 86 -23.10 13.73 -34.88
C TYR D 86 -22.93 15.05 -34.15
N PRO D 87 -23.80 15.36 -33.18
CA PRO D 87 -23.73 16.66 -32.52
C PRO D 87 -22.36 16.92 -31.93
N GLN D 88 -21.81 18.10 -32.25
CA GLN D 88 -20.46 18.47 -31.88
C GLN D 88 -20.44 19.54 -30.79
N TRP D 89 -21.03 20.70 -31.04
CA TRP D 89 -21.16 21.76 -30.04
C TRP D 89 -22.44 21.55 -29.26
N ILE D 90 -22.31 21.33 -27.96
CA ILE D 90 -23.43 20.91 -27.11
C ILE D 90 -23.87 22.10 -26.26
N PRO D 91 -25.12 22.54 -26.35
CA PRO D 91 -25.57 23.69 -25.56
C PRO D 91 -25.40 23.46 -24.07
N GLY D 92 -24.87 24.48 -23.39
CA GLY D 92 -24.54 24.41 -21.98
C GLY D 92 -23.08 24.11 -21.72
N ASN D 93 -22.40 23.45 -22.66
CA ASN D 93 -20.97 23.20 -22.56
C ASN D 93 -20.14 24.28 -23.26
N HIS D 94 -20.74 25.00 -24.20
CA HIS D 94 -20.08 26.12 -24.89
C HIS D 94 -18.79 25.71 -25.60
N SER D 95 -18.71 24.44 -26.02
CA SER D 95 -17.47 23.92 -26.57
C SER D 95 -17.81 22.66 -27.37
N PRO D 96 -16.91 22.21 -28.24
CA PRO D 96 -17.21 21.00 -29.04
C PRO D 96 -16.94 19.71 -28.27
N THR D 97 -17.83 19.40 -27.32
CA THR D 97 -17.67 18.26 -26.45
C THR D 97 -18.28 16.97 -27.00
N GLY D 98 -18.91 17.01 -28.16
CA GLY D 98 -19.49 15.82 -28.76
C GLY D 98 -18.48 14.69 -28.83
N PRO D 99 -18.78 13.56 -28.18
CA PRO D 99 -17.78 12.47 -28.07
C PRO D 99 -17.73 11.61 -29.33
N ILE D 100 -17.17 12.18 -30.39
CA ILE D 100 -17.22 11.54 -31.70
C ILE D 100 -16.47 10.21 -31.70
N ASP D 101 -15.41 10.08 -30.91
CA ASP D 101 -14.63 8.85 -30.93
C ASP D 101 -15.28 7.72 -30.15
N LYS D 102 -16.40 7.97 -29.48
CA LYS D 102 -17.15 6.92 -28.81
C LYS D 102 -18.32 6.39 -29.65
N LEU D 103 -18.49 6.90 -30.87
CA LEU D 103 -19.47 6.37 -31.81
C LEU D 103 -18.84 5.21 -32.55
N ALA D 104 -19.37 4.01 -32.37
CA ALA D 104 -18.80 2.81 -32.95
C ALA D 104 -19.88 1.94 -33.56
N GLY D 105 -19.46 0.99 -34.40
CA GLY D 105 -20.37 0.06 -35.01
C GLY D 105 -21.35 0.68 -35.97
N LEU D 106 -21.00 1.82 -36.56
CA LEU D 106 -21.93 2.53 -37.44
C LEU D 106 -22.16 1.73 -38.72
N VAL D 107 -23.43 1.37 -38.96
CA VAL D 107 -23.85 0.71 -40.19
C VAL D 107 -25.08 1.45 -40.70
N ILE D 108 -25.03 1.89 -41.95
CA ILE D 108 -26.10 2.66 -42.57
C ILE D 108 -26.70 1.85 -43.70
N LYS D 109 -28.03 1.72 -43.70
CA LYS D 109 -28.75 1.00 -44.72
C LYS D 109 -29.81 1.91 -45.33
N VAL D 110 -29.92 1.88 -46.66
CA VAL D 110 -30.97 2.59 -47.38
C VAL D 110 -31.91 1.55 -47.95
N ASP D 111 -33.15 1.55 -47.46
CA ASP D 111 -34.18 0.58 -47.86
C ASP D 111 -33.66 -0.85 -47.72
N GLY D 112 -32.97 -1.12 -46.61
CA GLY D 112 -32.51 -2.46 -46.30
C GLY D 112 -31.16 -2.84 -46.86
N LYS D 113 -30.55 -2.02 -47.71
CA LYS D 113 -29.27 -2.31 -48.33
C LYS D 113 -28.18 -1.46 -47.70
N VAL D 114 -27.09 -2.12 -47.28
CA VAL D 114 -25.97 -1.39 -46.70
C VAL D 114 -25.39 -0.44 -47.74
N VAL D 115 -25.16 0.81 -47.34
CA VAL D 115 -24.44 1.77 -48.17
C VAL D 115 -23.17 2.19 -47.42
N PRO D 116 -22.04 2.30 -48.11
CA PRO D 116 -20.81 2.70 -47.41
C PRO D 116 -20.84 4.17 -47.03
N TRP D 117 -20.30 4.49 -45.86
CA TRP D 117 -20.19 5.87 -45.42
C TRP D 117 -18.74 6.32 -45.47
N THR D 118 -18.56 7.62 -45.71
CA THR D 118 -17.24 8.24 -45.77
C THR D 118 -17.27 9.45 -44.85
N ARG D 119 -16.37 9.46 -43.87
CA ARG D 119 -16.25 10.59 -42.96
C ARG D 119 -15.55 11.75 -43.66
N ASP D 120 -16.03 12.96 -43.41
CA ASP D 120 -15.36 14.14 -43.92
C ASP D 120 -14.07 14.36 -43.14
N GLN D 121 -12.92 14.25 -43.80
CA GLN D 121 -11.66 14.39 -43.07
C GLN D 121 -11.45 15.80 -42.56
N PHE D 122 -12.19 16.77 -43.07
CA PHE D 122 -12.17 18.14 -42.56
C PHE D 122 -13.38 18.45 -41.68
N ASP D 123 -14.23 17.44 -41.41
CA ASP D 123 -15.34 17.58 -40.46
C ASP D 123 -15.66 16.18 -39.94
N VAL D 124 -14.91 15.75 -38.92
CA VAL D 124 -14.97 14.36 -38.46
C VAL D 124 -16.29 13.98 -37.81
N TYR D 125 -17.19 14.93 -37.61
CA TYR D 125 -18.53 14.64 -37.12
C TYR D 125 -19.53 14.41 -38.25
N ALA D 126 -19.09 14.48 -39.51
CA ALA D 126 -19.97 14.40 -40.67
C ALA D 126 -19.72 13.12 -41.44
N PHE D 127 -20.79 12.35 -41.66
CA PHE D 127 -20.73 11.07 -42.38
C PHE D 127 -21.51 11.20 -43.68
N LYS D 128 -20.86 10.90 -44.79
CA LYS D 128 -21.45 11.05 -46.12
C LYS D 128 -21.80 9.68 -46.70
N VAL D 129 -23.00 9.57 -47.26
CA VAL D 129 -23.42 8.39 -48.01
C VAL D 129 -24.09 8.85 -49.30
N ASP D 130 -24.22 7.92 -50.22
CA ASP D 130 -24.92 8.16 -51.49
C ASP D 130 -26.23 7.39 -51.45
N VAL D 131 -27.34 8.13 -51.54
CA VAL D 131 -28.68 7.55 -51.49
C VAL D 131 -29.10 7.25 -52.93
N PRO D 132 -29.45 6.01 -53.27
CA PRO D 132 -29.83 5.70 -54.65
C PRO D 132 -31.13 6.36 -55.05
N GLN D 133 -31.33 6.48 -56.37
CA GLN D 133 -32.58 7.02 -56.88
C GLN D 133 -33.74 6.12 -56.50
N GLY D 134 -34.90 6.73 -56.24
CA GLY D 134 -36.08 5.98 -55.88
C GLY D 134 -36.14 5.51 -54.44
N ALA D 135 -35.17 5.88 -53.62
CA ALA D 135 -35.13 5.42 -52.24
C ALA D 135 -36.13 6.20 -51.38
N SER D 136 -36.48 5.61 -50.22
CA SER D 136 -37.43 6.26 -49.32
C SER D 136 -36.92 6.41 -47.89
N GLU D 137 -36.16 5.44 -47.36
CA GLU D 137 -35.85 5.44 -45.94
C GLU D 137 -34.39 5.10 -45.69
N LEU D 138 -33.77 5.84 -44.77
CA LEU D 138 -32.41 5.60 -44.31
C LEU D 138 -32.43 5.16 -42.85
N VAL D 139 -31.64 4.13 -42.54
CA VAL D 139 -31.50 3.62 -41.18
C VAL D 139 -30.02 3.61 -40.82
N ALA D 140 -29.66 4.27 -39.73
CA ALA D 140 -28.32 4.23 -39.17
C ALA D 140 -28.36 3.54 -37.82
N GLU D 141 -27.51 2.54 -37.64
CA GLU D 141 -27.36 1.84 -36.38
C GLU D 141 -25.95 2.01 -35.87
N PHE D 142 -25.80 2.25 -34.57
CA PHE D 142 -24.48 2.40 -33.98
C PHE D 142 -24.58 2.23 -32.48
N LYS D 143 -23.43 2.29 -31.82
CA LYS D 143 -23.33 2.19 -30.38
C LYS D 143 -22.55 3.38 -29.85
N PHE D 144 -23.02 3.93 -28.73
CA PHE D 144 -22.28 4.95 -27.99
C PHE D 144 -21.61 4.24 -26.82
N LEU D 145 -20.28 4.18 -26.85
CA LEU D 145 -19.50 3.49 -25.81
C LEU D 145 -19.19 4.50 -24.71
N SER D 146 -20.10 4.62 -23.77
CA SER D 146 -19.96 5.58 -22.68
C SER D 146 -18.77 5.23 -21.80
N PRO D 147 -18.25 6.19 -21.03
CA PRO D 147 -17.00 5.96 -20.30
C PRO D 147 -17.05 4.75 -19.37
N GLN D 148 -16.05 3.88 -19.52
CA GLN D 148 -15.86 2.75 -18.61
C GLN D 148 -15.01 3.13 -17.41
N ALA D 149 -14.46 4.34 -17.39
CA ALA D 149 -13.76 4.91 -16.25
C ALA D 149 -13.74 6.42 -16.45
N SER D 150 -13.44 7.14 -15.37
N SER D 150 -13.44 7.13 -15.36
CA SER D 150 -13.46 8.60 -15.42
CA SER D 150 -13.45 8.60 -15.41
C SER D 150 -12.43 9.16 -16.38
C SER D 150 -12.43 9.15 -16.38
N SER D 151 -11.37 8.38 -16.69
CA SER D 151 -10.37 8.84 -17.65
C SER D 151 -10.92 9.00 -19.06
N GLN D 152 -12.04 8.34 -19.37
CA GLN D 152 -12.66 8.46 -20.69
C GLN D 152 -13.75 9.52 -20.74
N GLY D 153 -14.02 10.19 -19.62
CA GLY D 153 -15.14 11.09 -19.48
C GLY D 153 -15.99 10.70 -18.30
N ARG D 154 -17.05 11.46 -18.08
CA ARG D 154 -17.89 11.21 -16.91
C ARG D 154 -18.73 9.96 -17.12
N VAL D 155 -18.77 9.10 -16.10
CA VAL D 155 -19.50 7.85 -16.19
C VAL D 155 -21.00 8.14 -16.28
N THR D 158 -24.38 3.00 -14.30
CA THR D 158 -24.01 2.30 -13.08
C THR D 158 -24.96 1.12 -12.87
N PRO D 159 -24.67 0.22 -11.93
CA PRO D 159 -25.64 -0.86 -11.65
C PRO D 159 -26.97 -0.37 -11.09
N GLU D 160 -27.05 0.88 -10.62
CA GLU D 160 -28.27 1.39 -10.02
C GLU D 160 -28.92 2.53 -10.79
N LEU D 162 -28.67 5.40 -14.57
CA LEU D 162 -28.04 5.79 -15.83
C LEU D 162 -28.46 7.20 -16.18
N ASN D 163 -27.67 7.83 -17.05
CA ASN D 163 -27.90 9.18 -17.52
C ASN D 163 -27.82 9.15 -19.03
N LEU D 164 -28.93 9.43 -19.70
CA LEU D 164 -29.02 9.42 -21.15
C LEU D 164 -29.08 10.85 -21.65
N GLN D 165 -28.06 11.25 -22.41
CA GLN D 165 -28.02 12.55 -23.09
C GLN D 165 -28.18 12.29 -24.57
N TRP D 166 -29.29 12.77 -25.14
CA TRP D 166 -29.69 12.35 -26.48
C TRP D 166 -28.71 12.78 -27.57
N ASN D 167 -27.87 13.78 -27.31
CA ASN D 167 -26.88 14.16 -28.31
C ASN D 167 -25.85 13.06 -28.53
N THR D 168 -25.58 12.25 -27.50
CA THR D 168 -24.64 11.14 -27.65
C THR D 168 -25.24 9.96 -28.42
N THR D 169 -26.55 9.92 -28.57
CA THR D 169 -27.24 8.81 -29.22
C THR D 169 -28.07 9.31 -30.41
N ALA D 170 -27.50 10.20 -31.20
CA ALA D 170 -28.27 10.80 -32.29
C ALA D 170 -27.37 11.08 -33.49
N LEU D 171 -27.91 10.84 -34.67
CA LEU D 171 -27.36 11.34 -35.93
C LEU D 171 -28.50 12.07 -36.63
N TYR D 172 -28.20 13.24 -37.21
CA TYR D 172 -29.24 14.04 -37.83
C TYR D 172 -28.76 14.61 -39.15
N PRO D 173 -29.66 14.91 -40.08
CA PRO D 173 -29.24 15.35 -41.41
C PRO D 173 -28.64 16.75 -41.39
N ALA D 174 -27.54 16.91 -42.12
CA ALA D 174 -26.97 18.22 -42.36
C ALA D 174 -27.89 19.04 -43.27
N GLY D 175 -27.71 20.36 -43.22
CA GLY D 175 -28.44 21.26 -44.08
C GLY D 175 -29.72 21.82 -43.51
N TYR D 176 -30.06 21.48 -42.26
CA TYR D 176 -31.30 21.94 -41.65
C TYR D 176 -31.03 22.58 -40.30
N PHE D 177 -31.75 23.65 -40.00
CA PHE D 177 -31.85 24.13 -38.63
C PHE D 177 -32.34 22.99 -37.75
N ALA D 178 -31.68 22.81 -36.60
CA ALA D 178 -32.05 21.70 -35.73
C ALA D 178 -33.50 21.79 -35.27
N ARG D 179 -34.01 23.00 -35.08
CA ARG D 179 -35.39 23.17 -34.64
C ARG D 179 -36.41 22.78 -35.70
N ASN D 180 -36.00 22.64 -36.95
CA ASN D 180 -36.92 22.27 -38.02
C ASN D 180 -37.06 20.75 -38.19
N ILE D 181 -36.27 19.96 -37.48
CA ILE D 181 -36.29 18.51 -37.60
C ILE D 181 -37.19 17.96 -36.50
N LYS D 182 -38.36 17.45 -36.90
CA LYS D 182 -39.22 16.77 -35.95
C LYS D 182 -38.63 15.41 -35.60
N ALA D 183 -38.58 15.10 -34.30
CA ALA D 183 -37.99 13.86 -33.83
C ALA D 183 -38.99 13.12 -32.95
N GLN D 184 -38.79 11.81 -32.83
CA GLN D 184 -39.54 10.98 -31.91
C GLN D 184 -38.58 9.97 -31.31
N ALA D 185 -38.48 9.97 -29.99
CA ALA D 185 -37.50 9.14 -29.30
C ALA D 185 -38.18 8.01 -28.54
N SER D 186 -37.43 6.93 -28.36
CA SER D 186 -37.85 5.83 -27.50
C SER D 186 -36.60 5.25 -26.86
N VAL D 187 -36.77 4.65 -25.69
CA VAL D 187 -35.65 4.07 -24.96
C VAL D 187 -36.13 2.82 -24.24
N THR D 188 -35.31 1.77 -24.28
CA THR D 188 -35.54 0.55 -23.51
C THR D 188 -34.67 0.60 -22.27
N LEU D 189 -35.30 0.55 -21.12
CA LEU D 189 -34.66 0.68 -19.81
C LEU D 189 -34.31 -0.69 -19.24
N PRO D 190 -33.36 -0.74 -18.29
CA PRO D 190 -33.22 -1.95 -17.48
C PRO D 190 -34.55 -2.26 -16.79
N ALA D 191 -34.81 -3.56 -16.61
CA ALA D 191 -36.11 -4.04 -16.19
C ALA D 191 -36.57 -3.37 -14.90
N GLY D 192 -37.76 -2.76 -14.95
CA GLY D 192 -38.39 -2.17 -13.78
C GLY D 192 -37.85 -0.83 -13.35
N TRP D 193 -36.87 -0.27 -14.04
CA TRP D 193 -36.28 0.99 -13.60
C TRP D 193 -37.26 2.14 -13.79
N SER D 194 -37.21 3.10 -12.87
CA SER D 194 -37.92 4.35 -13.03
C SER D 194 -37.10 5.32 -13.87
N TYR D 195 -37.75 6.35 -14.38
CA TYR D 195 -37.07 7.34 -15.20
C TYR D 195 -37.71 8.70 -15.00
N ALA D 196 -36.99 9.74 -15.38
CA ALA D 196 -37.48 11.10 -15.29
C ALA D 196 -36.86 11.94 -16.39
N THR D 197 -37.69 12.78 -17.01
CA THR D 197 -37.25 13.68 -18.07
C THR D 197 -38.35 14.71 -18.27
N ALA D 198 -37.96 15.88 -18.78
CA ALA D 198 -38.95 16.90 -19.12
C ALA D 198 -39.76 16.50 -20.34
N GLU D 200 -42.20 14.67 -22.81
CA GLU D 200 -43.47 14.03 -22.51
C GLU D 200 -43.50 12.59 -23.03
N THR D 201 -44.00 11.70 -22.19
CA THR D 201 -44.08 10.28 -22.52
C THR D 201 -45.38 10.00 -23.27
N GLU D 202 -45.28 9.22 -24.34
CA GLU D 202 -46.48 8.76 -25.02
C GLU D 202 -47.02 7.47 -24.40
N ARG D 203 -46.14 6.49 -24.16
CA ARG D 203 -46.53 5.24 -23.53
C ARG D 203 -45.28 4.49 -23.10
N ARG D 204 -45.43 3.67 -22.06
CA ARG D 204 -44.41 2.71 -21.66
C ARG D 204 -45.01 1.32 -21.77
N VAL D 205 -44.42 0.48 -22.62
CA VAL D 205 -44.86 -0.89 -22.80
C VAL D 205 -43.74 -1.79 -22.27
N GLY D 206 -43.98 -2.41 -21.12
CA GLY D 206 -42.92 -3.11 -20.43
C GLY D 206 -41.85 -2.15 -19.99
N ASP D 207 -40.65 -2.25 -20.58
CA ASP D 207 -39.54 -1.37 -20.24
C ASP D 207 -39.13 -0.47 -21.40
N THR D 208 -39.94 -0.40 -22.45
CA THR D 208 -39.68 0.47 -23.58
C THR D 208 -40.58 1.69 -23.47
N VAL D 209 -39.98 2.85 -23.29
CA VAL D 209 -40.69 4.11 -23.16
C VAL D 209 -40.68 4.79 -24.52
N THR D 210 -41.86 5.12 -25.03
CA THR D 210 -42.00 5.86 -26.27
C THR D 210 -42.42 7.29 -25.93
N PHE D 211 -41.63 8.25 -26.39
CA PHE D 211 -41.94 9.65 -26.13
C PHE D 211 -42.74 10.24 -27.27
N LYS D 212 -43.49 11.30 -26.97
CA LYS D 212 -44.23 12.00 -27.99
C LYS D 212 -43.27 12.77 -28.90
N PRO D 213 -43.68 13.07 -30.13
CA PRO D 213 -42.81 13.83 -31.03
C PRO D 213 -42.40 15.16 -30.40
N ILE D 214 -41.20 15.62 -30.77
CA ILE D 214 -40.64 16.84 -30.23
C ILE D 214 -39.58 17.32 -31.21
N ASP D 215 -39.36 18.63 -31.23
CA ASP D 215 -38.32 19.18 -32.09
C ASP D 215 -36.95 18.66 -31.68
N PHE D 216 -36.08 18.45 -32.67
CA PHE D 216 -34.81 17.78 -32.41
C PHE D 216 -33.95 18.57 -31.44
N ASP D 217 -33.98 19.90 -31.52
CA ASP D 217 -33.19 20.70 -30.59
C ASP D 217 -33.71 20.55 -29.16
N ASP D 218 -35.02 20.38 -28.99
CA ASP D 218 -35.57 20.13 -27.66
C ASP D 218 -35.31 18.70 -27.20
N LEU D 219 -35.18 17.75 -28.13
CA LEU D 219 -34.82 16.38 -27.74
C LEU D 219 -33.45 16.35 -27.09
N VAL D 220 -32.45 17.00 -27.72
CA VAL D 220 -31.13 17.08 -27.13
C VAL D 220 -31.19 17.79 -25.78
N ASP D 221 -32.10 18.75 -25.63
CA ASP D 221 -32.28 19.53 -24.41
C ASP D 221 -33.15 18.82 -23.37
N SER D 222 -33.50 17.55 -23.58
CA SER D 222 -34.40 16.80 -22.69
C SER D 222 -33.72 15.52 -22.22
N PRO D 223 -32.67 15.62 -21.42
CA PRO D 223 -31.99 14.41 -20.94
C PRO D 223 -32.89 13.58 -20.04
N PHE D 225 -32.77 10.80 -16.67
CA PHE D 225 -32.19 9.98 -15.63
C PHE D 225 -33.06 8.75 -15.44
N ALA D 226 -32.45 7.61 -15.14
CA ALA D 226 -33.19 6.40 -14.84
C ALA D 226 -32.46 5.62 -13.76
N GLY D 227 -33.22 4.88 -12.96
CA GLY D 227 -32.61 4.14 -11.87
C GLY D 227 -33.64 3.34 -11.08
N LYS D 228 -33.13 2.49 -10.19
CA LYS D 228 -33.99 1.63 -9.39
C LYS D 228 -34.40 2.25 -8.07
N TYR D 229 -33.67 3.25 -7.57
CA TYR D 229 -33.96 3.90 -6.30
C TYR D 229 -34.34 5.34 -6.59
N TYR D 230 -35.64 5.62 -6.61
CA TYR D 230 -36.18 6.85 -7.16
C TYR D 230 -37.23 7.43 -6.24
N LYS D 231 -37.20 8.76 -6.06
CA LYS D 231 -38.25 9.47 -5.35
C LYS D 231 -38.59 10.74 -6.12
N ARG D 232 -39.88 10.96 -6.32
CA ARG D 232 -40.39 12.15 -7.00
C ARG D 232 -41.05 13.05 -5.97
N VAL D 233 -40.60 14.30 -5.90
CA VAL D 233 -41.09 15.26 -4.94
C VAL D 233 -41.60 16.48 -5.68
N GLU D 234 -42.84 16.89 -5.36
CA GLU D 234 -43.39 18.10 -5.96
C GLU D 234 -42.87 19.32 -5.20
N LEU D 235 -42.30 20.27 -5.95
CA LEU D 235 -41.81 21.50 -5.37
C LEU D 235 -42.77 22.66 -5.55
N SER D 236 -43.57 22.66 -6.61
CA SER D 236 -44.56 23.69 -6.85
C SER D 236 -45.68 23.11 -7.69
N ALA D 237 -46.92 23.30 -7.24
CA ALA D 237 -48.09 22.91 -8.01
C ALA D 237 -48.48 24.06 -8.94
N GLY D 238 -49.64 23.96 -9.56
CA GLY D 238 -50.13 25.00 -10.44
C GLY D 238 -50.01 24.65 -11.91
N LYS D 239 -50.10 25.68 -12.75
CA LYS D 239 -50.12 25.48 -14.19
C LYS D 239 -48.74 25.22 -14.78
N GLN D 240 -47.67 25.67 -14.12
CA GLN D 240 -46.29 25.43 -14.56
C GLN D 240 -45.54 24.75 -13.42
N PRO D 241 -45.82 23.49 -13.15
CA PRO D 241 -45.31 22.85 -11.94
C PRO D 241 -43.83 22.52 -12.04
N VAL D 242 -43.21 22.35 -10.88
CA VAL D 242 -41.79 22.03 -10.75
C VAL D 242 -41.66 20.81 -9.85
N TYR D 243 -40.89 19.82 -10.30
CA TYR D 243 -40.71 18.58 -9.56
C TYR D 243 -39.24 18.30 -9.35
N LEU D 244 -38.94 17.61 -8.26
CA LEU D 244 -37.59 17.16 -7.92
C LEU D 244 -37.55 15.64 -8.07
N ASN D 245 -36.69 15.16 -8.95
CA ASN D 245 -36.54 13.73 -9.21
C ASN D 245 -35.18 13.29 -8.68
N VAL D 246 -35.18 12.44 -7.66
CA VAL D 246 -33.97 12.03 -6.98
C VAL D 246 -33.72 10.55 -7.27
N PHE D 247 -32.53 10.25 -7.79
CA PHE D 247 -32.05 8.89 -7.96
C PHE D 247 -30.80 8.72 -7.10
N ALA D 248 -30.64 7.54 -6.50
CA ALA D 248 -29.57 7.33 -5.54
C ALA D 248 -28.93 5.97 -5.72
N ASP D 249 -27.67 5.87 -5.29
CA ASP D 249 -26.99 4.57 -5.24
C ASP D 249 -27.70 3.63 -4.29
N GLU D 250 -28.22 4.16 -3.19
CA GLU D 250 -28.92 3.38 -2.17
C GLU D 250 -30.18 4.13 -1.75
N ALA D 251 -31.24 3.38 -1.47
CA ALA D 251 -32.54 3.99 -1.20
C ALA D 251 -32.52 4.87 0.06
N LYS D 252 -31.60 4.60 0.99
CA LYS D 252 -31.55 5.38 2.22
C LYS D 252 -31.24 6.85 1.95
N SER D 253 -30.56 7.15 0.84
CA SER D 253 -30.23 8.53 0.51
C SER D 253 -31.45 9.36 0.10
N LEU D 254 -32.59 8.72 -0.17
CA LEU D 254 -33.77 9.42 -0.65
C LEU D 254 -34.61 10.03 0.48
N ASP D 255 -34.21 9.82 1.73
CA ASP D 255 -35.02 10.26 2.88
C ASP D 255 -34.79 11.74 3.15
N ALA D 256 -35.36 12.56 2.27
CA ALA D 256 -35.32 14.00 2.46
C ALA D 256 -36.34 14.41 3.51
N LYS D 257 -35.91 15.25 4.46
CA LYS D 257 -36.77 15.69 5.54
C LYS D 257 -37.60 16.89 5.08
N PRO D 258 -38.73 17.17 5.75
CA PRO D 258 -39.61 18.26 5.30
C PRO D 258 -38.93 19.61 5.16
N GLU D 259 -38.08 19.99 6.12
CA GLU D 259 -37.41 21.28 6.03
C GLU D 259 -36.45 21.33 4.85
N GLN D 260 -35.88 20.19 4.46
CA GLN D 260 -35.00 20.15 3.31
C GLN D 260 -35.78 20.29 2.01
N ILE D 261 -36.92 19.60 1.90
CA ILE D 261 -37.78 19.78 0.72
C ILE D 261 -38.32 21.20 0.67
N LYS D 262 -38.65 21.76 1.83
CA LYS D 262 -39.14 23.14 1.89
C LYS D 262 -38.12 24.11 1.32
N ALA D 263 -36.83 23.89 1.62
CA ALA D 263 -35.79 24.77 1.09
C ALA D 263 -35.76 24.73 -0.45
N HIS D 264 -35.97 23.55 -1.04
CA HIS D 264 -36.05 23.45 -2.48
C HIS D 264 -37.33 24.09 -3.01
N ALA D 265 -38.44 23.90 -2.30
CA ALA D 265 -39.68 24.58 -2.68
C ALA D 265 -39.53 26.09 -2.56
N ALA D 266 -38.83 26.56 -1.52
CA ALA D 266 -38.59 27.98 -1.36
C ALA D 266 -37.75 28.54 -2.51
N LEU D 267 -36.82 27.74 -3.03
CA LEU D 267 -36.04 28.18 -4.19
C LEU D 267 -36.95 28.54 -5.36
N VAL D 268 -37.97 27.72 -5.63
CA VAL D 268 -38.89 28.03 -6.71
C VAL D 268 -39.66 29.32 -6.41
N GLN D 269 -40.06 29.50 -5.15
CA GLN D 269 -40.80 30.71 -4.77
C GLN D 269 -39.94 31.95 -4.92
N GLN D 270 -38.67 31.90 -4.50
CA GLN D 270 -37.81 33.06 -4.58
C GLN D 270 -37.50 33.45 -6.03
N ASP D 272 -39.62 33.02 -8.50
CA ASP D 272 -40.82 33.73 -8.91
C ASP D 272 -40.77 35.19 -8.47
N LYS D 273 -40.29 35.44 -7.24
CA LYS D 273 -40.19 36.81 -6.74
C LYS D 273 -39.26 37.64 -7.60
N LEU D 274 -38.17 37.04 -8.08
CA LEU D 274 -37.19 37.79 -8.87
C LEU D 274 -37.68 38.06 -10.28
N TYR D 275 -38.12 37.02 -10.98
CA TYR D 275 -38.45 37.15 -12.40
C TYR D 275 -39.92 37.39 -12.69
N GLY D 276 -40.83 36.88 -11.85
CA GLY D 276 -42.24 37.04 -12.12
C GLY D 276 -42.76 36.23 -13.29
N ALA D 277 -41.97 35.28 -13.80
CA ALA D 277 -42.37 34.46 -14.92
C ALA D 277 -41.55 33.18 -14.91
N ARG D 278 -42.10 32.13 -15.52
CA ARG D 278 -41.43 30.85 -15.65
C ARG D 278 -41.36 30.48 -17.13
N HIS D 279 -40.17 30.15 -17.60
CA HIS D 279 -39.95 29.86 -19.02
C HIS D 279 -39.95 28.36 -19.27
N PHE D 280 -41.11 27.77 -19.01
CA PHE D 280 -41.38 26.35 -19.22
C PHE D 280 -42.85 26.10 -18.94
N ASP D 281 -43.40 25.05 -19.56
CA ASP D 281 -44.72 24.59 -19.15
C ASP D 281 -44.65 23.68 -17.93
N HIS D 282 -43.48 23.08 -17.68
CA HIS D 282 -43.19 22.35 -16.45
C HIS D 282 -41.68 22.19 -16.37
N TYR D 283 -41.19 21.92 -15.17
CA TYR D 283 -39.75 21.78 -14.95
C TYR D 283 -39.46 20.53 -14.13
N GLU D 284 -38.41 19.80 -14.53
CA GLU D 284 -38.05 18.54 -13.89
C GLU D 284 -36.59 18.59 -13.43
N PHE D 285 -36.36 18.81 -12.14
CA PHE D 285 -35.03 18.64 -11.59
C PHE D 285 -34.62 17.17 -11.70
N LEU D 286 -33.42 16.92 -12.20
CA LEU D 286 -32.84 15.58 -12.21
C LEU D 286 -31.62 15.60 -11.30
N LEU D 287 -31.69 14.85 -10.20
CA LEU D 287 -30.66 14.87 -9.17
C LEU D 287 -30.22 13.45 -8.87
N ALA D 288 -28.94 13.17 -9.07
CA ALA D 288 -28.36 11.86 -8.78
C ALA D 288 -27.51 11.96 -7.51
N LEU D 289 -27.88 11.20 -6.49
CA LEU D 289 -27.12 11.13 -5.23
C LEU D 289 -26.24 9.89 -5.30
N THR D 290 -24.97 10.09 -5.61
CA THR D 290 -24.16 8.98 -6.09
C THR D 290 -22.69 9.23 -5.81
N LYS D 291 -21.93 8.14 -5.75
CA LYS D 291 -20.49 8.15 -5.86
C LYS D 291 -20.01 7.43 -7.10
N LYS D 292 -20.93 6.97 -7.95
CA LYS D 292 -20.62 6.17 -9.13
C LYS D 292 -20.85 6.90 -10.44
N LEU D 293 -21.97 7.61 -10.57
CA LEU D 293 -22.19 8.42 -11.76
C LEU D 293 -21.24 9.61 -11.76
N GLY D 294 -20.76 9.97 -12.95
CA GLY D 294 -19.88 11.13 -13.05
C GLY D 294 -20.61 12.41 -12.69
N GLY D 295 -19.91 13.29 -11.99
CA GLY D 295 -20.51 14.55 -11.58
C GLY D 295 -21.00 15.34 -12.78
N ILE D 296 -22.07 16.09 -12.57
CA ILE D 296 -22.67 16.87 -13.66
C ILE D 296 -23.44 18.04 -13.07
N GLY D 297 -23.40 19.16 -13.78
CA GLY D 297 -24.29 20.27 -13.56
C GLY D 297 -24.62 20.89 -14.91
N LEU D 298 -25.68 20.40 -15.56
CA LEU D 298 -26.00 20.81 -16.91
C LEU D 298 -27.44 21.30 -16.98
N GLU D 299 -27.61 22.52 -17.47
CA GLU D 299 -28.89 23.21 -17.50
C GLU D 299 -29.67 22.91 -18.78
N HIS D 300 -31.00 23.03 -18.67
CA HIS D 300 -31.89 22.91 -19.82
C HIS D 300 -33.10 23.80 -19.60
N HIS D 301 -33.93 23.91 -20.64
CA HIS D 301 -35.12 24.75 -20.57
C HIS D 301 -36.07 24.29 -19.46
N ARG D 302 -36.41 23.00 -19.45
CA ARG D 302 -37.41 22.47 -18.56
C ARG D 302 -36.86 21.41 -17.62
N SER D 303 -35.54 21.36 -17.46
CA SER D 303 -34.92 20.36 -16.62
C SER D 303 -33.48 20.77 -16.37
N SER D 304 -32.82 20.03 -15.48
CA SER D 304 -31.39 20.17 -15.27
C SER D 304 -30.83 18.84 -14.78
N GLU D 305 -29.60 18.55 -15.18
CA GLU D 305 -28.90 17.36 -14.74
C GLU D 305 -27.99 17.75 -13.58
N ASN D 306 -28.23 17.14 -12.42
CA ASN D 306 -27.50 17.47 -11.21
C ASN D 306 -27.00 16.20 -10.54
N SER D 307 -25.80 16.28 -9.97
CA SER D 307 -25.25 15.20 -9.17
C SER D 307 -24.88 15.74 -7.79
N GLY D 308 -25.10 14.91 -6.78
CA GLY D 308 -24.68 15.24 -5.43
C GLY D 308 -24.20 14.00 -4.72
N ALA D 309 -23.64 14.21 -3.54
CA ALA D 309 -23.17 13.09 -2.73
C ALA D 309 -24.34 12.31 -2.17
N PRO D 310 -24.14 11.03 -1.86
CA PRO D 310 -25.23 10.25 -1.22
C PRO D 310 -25.77 10.88 0.05
N ASN D 311 -25.00 11.72 0.74
CA ASN D 311 -25.46 12.36 1.97
C ASN D 311 -25.98 13.77 1.72
N TYR D 312 -26.42 14.06 0.50
CA TYR D 312 -27.00 15.37 0.18
C TYR D 312 -28.10 15.74 1.17
N PHE D 313 -28.96 14.79 1.52
CA PHE D 313 -30.01 14.99 2.51
C PHE D 313 -29.65 14.42 3.88
N THR D 314 -29.06 13.22 3.93
CA THR D 314 -28.88 12.53 5.20
C THR D 314 -27.86 13.21 6.10
N GLU D 315 -26.91 13.95 5.51
CA GLU D 315 -25.94 14.73 6.28
C GLU D 315 -25.99 16.18 5.79
N TRP D 316 -27.15 16.81 6.01
CA TRP D 316 -27.42 18.14 5.47
C TRP D 316 -26.37 19.16 5.90
N ASP D 317 -25.90 19.08 7.14
CA ASP D 317 -24.96 20.07 7.64
C ASP D 317 -23.55 19.87 7.10
N LYS D 318 -23.22 18.67 6.60
CA LYS D 318 -21.89 18.41 6.07
C LYS D 318 -21.80 18.59 4.57
N SER D 319 -22.92 18.52 3.84
CA SER D 319 -22.92 18.53 2.39
C SER D 319 -23.37 19.87 1.81
N TRP D 320 -23.14 20.96 2.53
CA TRP D 320 -23.73 22.24 2.17
C TRP D 320 -23.00 22.96 1.04
N THR D 321 -21.69 22.76 0.89
CA THR D 321 -20.93 23.59 -0.03
C THR D 321 -21.38 23.44 -1.47
N GLY D 322 -21.92 22.28 -1.83
CA GLY D 322 -22.40 22.05 -3.17
C GLY D 322 -23.87 22.30 -3.40
N ARG D 323 -24.60 22.76 -2.38
CA ARG D 323 -26.05 22.87 -2.48
C ARG D 323 -26.51 24.09 -3.26
N ASP D 324 -25.58 24.93 -3.74
CA ASP D 324 -25.96 25.98 -4.68
C ASP D 324 -26.18 25.43 -6.09
N LEU D 325 -25.93 24.15 -6.30
CA LEU D 325 -25.98 23.58 -7.64
C LEU D 325 -27.37 23.70 -8.26
N LEU D 326 -28.40 23.26 -7.53
CA LEU D 326 -29.75 23.28 -8.11
C LEU D 326 -30.24 24.71 -8.32
N ALA D 327 -29.91 25.62 -7.40
CA ALA D 327 -30.23 27.02 -7.61
C ALA D 327 -29.53 27.57 -8.84
N HIS D 328 -28.27 27.19 -9.02
CA HIS D 328 -27.49 27.61 -10.19
C HIS D 328 -28.13 27.13 -11.49
N GLU D 329 -28.34 25.82 -11.61
CA GLU D 329 -28.86 25.26 -12.86
C GLU D 329 -30.29 25.74 -13.12
N PHE D 330 -31.10 25.88 -12.07
CA PHE D 330 -32.47 26.35 -12.25
C PHE D 330 -32.51 27.75 -12.84
N ASN D 331 -31.64 28.64 -12.34
CA ASN D 331 -31.60 30.01 -12.85
C ASN D 331 -31.31 30.05 -14.34
N HIS D 332 -30.56 29.06 -14.85
CA HIS D 332 -30.22 29.02 -16.27
C HIS D 332 -31.44 28.90 -17.16
N SER D 333 -32.54 28.35 -16.65
CA SER D 333 -33.77 28.30 -17.44
C SER D 333 -34.17 29.70 -17.91
N TRP D 334 -33.94 30.70 -17.06
CA TRP D 334 -34.08 32.09 -17.48
C TRP D 334 -32.82 32.56 -18.20
N ASN D 335 -31.68 32.50 -17.52
CA ASN D 335 -30.43 33.10 -17.98
C ASN D 335 -29.55 32.01 -18.60
N GLY D 336 -29.65 31.88 -19.92
CA GLY D 336 -28.84 30.90 -20.62
C GLY D 336 -29.64 30.09 -21.61
N LYS D 337 -30.74 29.49 -21.13
CA LYS D 337 -31.62 28.72 -22.01
C LYS D 337 -32.61 29.62 -22.73
N TYR D 338 -33.45 30.33 -21.97
CA TYR D 338 -34.43 31.21 -22.60
C TYR D 338 -33.75 32.41 -23.27
N ARG D 339 -32.89 33.11 -22.53
CA ARG D 339 -32.13 34.23 -23.07
C ARG D 339 -30.67 33.80 -23.25
N ARG D 340 -30.15 34.04 -24.45
CA ARG D 340 -28.85 33.53 -24.85
C ARG D 340 -28.18 34.55 -25.76
N GLY D 341 -26.85 34.61 -25.70
CA GLY D 341 -26.12 35.47 -26.62
C GLY D 341 -26.38 35.08 -28.06
N ALA D 342 -26.53 36.08 -28.92
CA ALA D 342 -26.85 35.83 -30.32
C ALA D 342 -25.78 34.98 -31.00
N ASP D 343 -24.52 35.21 -30.67
CA ASP D 343 -23.44 34.41 -31.24
C ASP D 343 -23.36 33.01 -30.64
N LEU D 344 -24.09 32.75 -29.55
CA LEU D 344 -24.15 31.43 -28.93
C LEU D 344 -25.32 30.60 -29.43
N ALA D 345 -26.40 31.23 -29.88
CA ALA D 345 -27.61 30.55 -30.32
C ALA D 345 -27.46 30.12 -31.79
N THR D 346 -26.77 29.00 -31.98
CA THR D 346 -26.40 28.51 -33.30
C THR D 346 -27.54 27.72 -33.95
N PRO D 347 -27.55 27.60 -35.28
CA PRO D 347 -28.68 26.93 -35.96
C PRO D 347 -28.67 25.42 -35.83
N ASN D 348 -27.52 24.79 -35.63
CA ASN D 348 -27.48 23.36 -35.33
C ASN D 348 -26.28 23.11 -34.42
N PHE D 349 -25.99 21.84 -34.16
CA PHE D 349 -24.95 21.45 -33.21
C PHE D 349 -23.59 21.27 -33.86
N ASN D 350 -23.41 21.71 -35.09
CA ASN D 350 -22.20 21.42 -35.82
C ASN D 350 -21.65 22.66 -36.52
N VAL D 351 -21.92 23.83 -35.94
CA VAL D 351 -21.25 25.08 -36.31
C VAL D 351 -20.74 25.68 -35.02
N PRO D 352 -19.63 26.44 -35.04
CA PRO D 352 -19.01 26.88 -33.77
C PRO D 352 -19.88 27.89 -33.04
N GLY D 354 -20.11 31.17 -30.36
CA GLY D 354 -19.39 32.31 -29.86
C GLY D 354 -19.74 32.56 -28.40
N ASP D 355 -18.73 32.46 -27.53
CA ASP D 355 -18.92 32.47 -26.08
C ASP D 355 -18.72 33.85 -25.47
N SER D 356 -18.71 34.91 -26.29
CA SER D 356 -18.26 36.21 -25.83
C SER D 356 -19.07 36.75 -24.65
N LEU D 357 -20.33 36.34 -24.52
CA LEU D 357 -21.20 36.87 -23.49
C LEU D 357 -21.45 35.87 -22.36
N LEU D 358 -20.50 34.95 -22.14
CA LEU D 358 -20.67 33.98 -21.07
C LEU D 358 -20.58 34.62 -19.69
N TRP D 359 -20.01 35.82 -19.57
CA TRP D 359 -19.98 36.47 -18.26
C TRP D 359 -21.35 36.96 -17.81
N LEU D 360 -22.35 36.94 -18.70
CA LEU D 360 -23.75 37.05 -18.29
C LEU D 360 -24.39 35.67 -18.14
N TYR D 361 -24.28 34.82 -19.16
CA TYR D 361 -24.81 33.46 -19.12
C TYR D 361 -24.40 32.75 -17.83
N GLU D 362 -23.10 32.56 -17.63
CA GLU D 362 -22.63 31.88 -16.43
C GLU D 362 -22.31 32.83 -15.29
N GLY D 363 -21.86 34.04 -15.58
CA GLY D 363 -21.45 34.94 -14.52
C GLY D 363 -22.59 35.34 -13.61
N GLN D 364 -23.70 35.81 -14.18
CA GLN D 364 -24.81 36.23 -13.34
C GLN D 364 -25.55 35.03 -12.75
N THR D 365 -25.49 33.88 -13.44
CA THR D 365 -26.07 32.67 -12.86
C THR D 365 -25.26 32.19 -11.66
N GLN D 366 -23.93 32.26 -11.74
CA GLN D 366 -23.11 32.00 -10.56
C GLN D 366 -23.48 32.95 -9.43
N PHE D 367 -23.74 34.21 -9.76
CA PHE D 367 -24.17 35.19 -8.78
C PHE D 367 -25.49 34.79 -8.13
N TRP D 368 -26.51 34.53 -8.96
CA TRP D 368 -27.83 34.21 -8.43
C TRP D 368 -27.87 32.86 -7.74
N GLY D 369 -27.05 31.91 -8.18
CA GLY D 369 -27.01 30.60 -7.54
C GLY D 369 -26.65 30.70 -6.06
N GLU D 370 -25.68 31.54 -5.73
CA GLU D 370 -25.31 31.73 -4.32
C GLU D 370 -26.32 32.59 -3.58
N VAL D 371 -26.82 33.64 -4.24
CA VAL D 371 -27.82 34.52 -3.61
C VAL D 371 -29.10 33.74 -3.30
N SER D 373 -29.45 30.50 -2.94
CA SER D 373 -29.19 29.53 -1.87
C SER D 373 -29.46 30.16 -0.51
N ALA D 374 -29.05 31.41 -0.32
CA ALA D 374 -29.31 32.10 0.93
C ALA D 374 -30.78 32.45 1.08
N ARG D 375 -31.40 32.97 0.01
CA ARG D 375 -32.80 33.38 0.08
C ARG D 375 -33.71 32.19 0.33
N SER D 376 -33.37 31.02 -0.21
CA SER D 376 -34.23 29.85 -0.11
C SER D 376 -33.97 29.02 1.14
N GLY D 377 -32.84 29.22 1.80
CA GLY D 377 -32.47 28.41 2.95
C GLY D 377 -31.64 27.19 2.63
N LEU D 378 -31.30 26.96 1.35
CA LEU D 378 -30.36 25.90 1.02
C LEU D 378 -29.01 26.14 1.69
N TRP D 379 -28.64 27.40 1.85
CA TRP D 379 -27.47 27.81 2.62
C TRP D 379 -27.93 28.70 3.77
N THR D 380 -27.18 28.68 4.86
CA THR D 380 -27.38 29.69 5.87
C THR D 380 -26.78 31.02 5.40
N GLN D 381 -27.19 32.11 6.05
CA GLN D 381 -26.64 33.42 5.69
C GLN D 381 -25.15 33.49 5.97
N GLU D 382 -24.70 32.83 7.05
CA GLU D 382 -23.27 32.79 7.36
C GLU D 382 -22.49 31.99 6.33
N GLN D 383 -23.07 30.88 5.87
CA GLN D 383 -22.41 30.07 4.85
C GLN D 383 -22.29 30.84 3.54
N ALA D 384 -23.37 31.51 3.12
CA ALA D 384 -23.33 32.29 1.89
C ALA D 384 -22.33 33.43 1.98
N ARG D 385 -22.19 34.04 3.16
CA ARG D 385 -21.28 35.17 3.31
C ARG D 385 -19.83 34.72 3.25
N ASP D 386 -19.50 33.58 3.86
CA ASP D 386 -18.13 33.07 3.78
C ASP D 386 -17.80 32.59 2.37
N LEU D 388 -18.95 33.98 -0.33
CA LEU D 388 -18.67 35.22 -1.06
C LEU D 388 -17.28 35.75 -0.72
N ALA D 389 -16.87 35.64 0.55
CA ALA D 389 -15.53 36.06 0.93
C ALA D 389 -14.47 35.26 0.18
N GLY D 390 -14.72 33.96 -0.01
CA GLY D 390 -13.77 33.14 -0.76
C GLY D 390 -13.63 33.58 -2.20
N VAL D 391 -14.74 33.96 -2.83
CA VAL D 391 -14.69 34.46 -4.20
C VAL D 391 -13.94 35.79 -4.25
N ALA D 392 -14.26 36.69 -3.32
CA ALA D 392 -13.62 38.00 -3.30
C ALA D 392 -12.11 37.87 -3.12
N ALA D 393 -11.68 36.98 -2.22
CA ALA D 393 -10.24 36.77 -2.02
C ALA D 393 -9.61 36.16 -3.26
N GLN D 394 -10.33 35.30 -3.97
CA GLN D 394 -9.79 34.69 -5.18
C GLN D 394 -9.36 35.74 -6.18
N TYR D 395 -10.10 36.85 -6.27
CA TYR D 395 -9.76 37.87 -7.25
C TYR D 395 -8.94 39.03 -6.68
N GLU D 396 -8.93 39.20 -5.35
CA GLU D 396 -8.04 40.20 -4.77
C GLU D 396 -6.60 39.68 -4.68
N ARG D 397 -6.43 38.41 -4.31
CA ARG D 397 -5.10 37.85 -4.10
C ARG D 397 -4.87 36.51 -4.79
N GLY D 398 -5.91 35.78 -5.18
CA GLY D 398 -5.75 34.45 -5.73
C GLY D 398 -5.71 34.35 -7.24
N ARG D 399 -5.65 35.48 -7.97
CA ARG D 399 -5.62 35.48 -9.43
C ARG D 399 -4.54 36.43 -9.93
N PRO D 400 -3.26 36.08 -9.75
CA PRO D 400 -2.19 36.93 -10.32
C PRO D 400 -2.20 36.99 -11.83
N GLY D 401 -2.87 36.06 -12.52
CA GLY D 401 -2.99 36.12 -13.95
C GLY D 401 -3.79 37.30 -14.46
N ALA D 403 -3.02 40.22 -14.15
CA ALA D 403 -2.08 41.23 -14.59
C ALA D 403 -1.89 41.21 -16.11
N TRP D 404 -2.10 40.07 -16.75
CA TRP D 404 -1.91 39.93 -18.19
C TRP D 404 -3.14 39.47 -18.95
N ARG D 405 -4.11 38.82 -18.30
CA ARG D 405 -5.28 38.27 -18.96
C ARG D 405 -6.55 38.90 -18.41
N THR D 406 -7.54 39.10 -19.28
CA THR D 406 -8.82 39.66 -18.88
C THR D 406 -9.84 38.56 -18.68
N VAL D 407 -10.89 38.87 -17.93
CA VAL D 407 -11.99 37.91 -17.76
C VAL D 407 -12.66 37.65 -19.09
N GLN D 408 -12.76 38.68 -19.93
CA GLN D 408 -13.39 38.51 -21.25
C GLN D 408 -12.69 37.43 -22.05
N ASP D 409 -11.36 37.37 -21.99
CA ASP D 409 -10.63 36.36 -22.74
C ASP D 409 -10.89 34.96 -22.22
N THR D 410 -11.23 34.82 -20.93
CA THR D 410 -11.48 33.49 -20.39
C THR D 410 -12.76 32.86 -20.93
N THR D 411 -13.61 33.62 -21.62
CA THR D 411 -14.75 32.98 -22.28
C THR D 411 -14.32 32.07 -23.42
N ASN D 412 -13.06 32.11 -23.83
CA ASN D 412 -12.51 31.15 -24.79
C ASN D 412 -11.96 29.90 -24.13
N ASP D 413 -11.96 29.85 -22.79
CA ASP D 413 -11.40 28.68 -22.11
C ASP D 413 -12.13 27.37 -22.39
N PRO D 414 -13.47 27.33 -22.53
CA PRO D 414 -14.09 26.04 -22.87
C PRO D 414 -13.52 25.39 -24.12
N THR D 415 -13.31 26.16 -25.19
CA THR D 415 -12.74 25.59 -26.41
C THR D 415 -11.24 25.42 -26.28
N SER D 417 -9.32 24.88 -23.46
CA SER D 417 -8.85 23.93 -22.47
C SER D 417 -9.74 22.71 -22.29
N ARG D 419 -11.53 22.09 -19.90
CA ARG D 419 -11.32 21.76 -18.49
C ARG D 419 -10.24 20.70 -18.30
N ARG D 420 -9.34 20.55 -19.27
CA ARG D 420 -8.19 19.69 -19.09
C ARG D 420 -7.25 20.28 -18.05
N PRO D 421 -6.40 19.45 -17.43
CA PRO D 421 -5.55 19.95 -16.35
C PRO D 421 -4.64 21.08 -16.82
N LYS D 422 -4.54 22.12 -15.99
CA LYS D 422 -3.57 23.18 -16.22
C LYS D 422 -2.74 23.40 -14.97
N ALA D 423 -1.51 23.86 -15.18
CA ALA D 423 -0.56 23.97 -14.08
C ALA D 423 -0.95 25.06 -13.10
N TYR D 424 -1.38 26.22 -13.61
CA TYR D 424 -1.68 27.39 -12.78
C TYR D 424 -3.04 27.95 -13.18
N ARG D 425 -4.11 27.42 -12.59
CA ARG D 425 -5.41 28.05 -12.77
C ARG D 425 -5.40 29.49 -12.27
N ASN D 426 -4.52 29.79 -11.31
CA ASN D 426 -4.45 31.15 -10.77
C ASN D 426 -3.69 32.11 -11.67
N TYR D 427 -2.84 31.61 -12.57
CA TYR D 427 -2.08 32.46 -13.47
C TYR D 427 -2.54 32.35 -14.92
N GLN D 428 -2.72 31.13 -15.42
CA GLN D 428 -3.35 31.00 -16.73
C GLN D 428 -4.81 31.44 -16.70
N SER D 430 -8.94 30.44 -15.49
CA SER D 430 -9.75 29.29 -15.89
C SER D 430 -11.22 29.65 -15.74
N GLU D 431 -11.85 30.02 -16.86
CA GLU D 431 -13.30 30.24 -16.92
C GLU D 431 -13.77 31.21 -15.85
N ASP D 432 -13.01 32.28 -15.66
CA ASP D 432 -13.33 33.26 -14.62
C ASP D 432 -14.54 34.11 -14.95
N TYR D 433 -15.14 33.94 -16.13
CA TYR D 433 -16.44 34.56 -16.38
C TYR D 433 -17.49 34.06 -15.40
N TYR D 434 -17.24 32.93 -14.73
CA TYR D 434 -18.06 32.44 -13.63
C TYR D 434 -17.95 33.34 -12.40
N SER D 435 -16.87 33.16 -11.65
CA SER D 435 -16.74 33.82 -10.35
C SER D 435 -16.33 35.28 -10.50
N GLY D 436 -15.46 35.59 -11.46
CA GLY D 436 -15.18 36.99 -11.75
C GLY D 436 -16.41 37.72 -12.27
N GLY D 437 -17.20 37.04 -13.10
CA GLY D 437 -18.45 37.63 -13.54
C GLY D 437 -19.43 37.85 -12.39
N GLN D 438 -19.48 36.88 -11.46
CA GLN D 438 -20.34 37.05 -10.28
C GLN D 438 -19.99 38.30 -9.50
N TRP D 441 -21.16 41.41 -11.25
CA TRP D 441 -22.62 41.53 -11.08
C TRP D 441 -22.99 41.98 -9.68
N LEU D 442 -22.20 41.60 -8.67
CA LEU D 442 -22.38 42.18 -7.34
C LEU D 442 -22.13 43.68 -7.35
N GLU D 443 -21.09 44.12 -8.08
CA GLU D 443 -20.84 45.54 -8.19
C GLU D 443 -21.93 46.24 -8.99
N VAL D 444 -22.46 45.56 -10.01
CA VAL D 444 -23.59 46.13 -10.76
C VAL D 444 -24.76 46.38 -9.82
N ASP D 445 -25.06 45.40 -8.95
CA ASP D 445 -26.13 45.59 -7.97
C ASP D 445 -25.84 46.78 -7.08
N SER D 446 -24.61 46.91 -6.59
CA SER D 446 -24.25 48.00 -5.70
C SER D 446 -24.34 49.34 -6.42
N LYS D 447 -23.97 49.37 -7.70
CA LYS D 447 -24.05 50.62 -8.46
C LYS D 447 -25.50 51.02 -8.71
N LEU D 448 -26.36 50.05 -9.04
CA LEU D 448 -27.78 50.33 -9.22
C LEU D 448 -28.40 50.91 -7.94
N ARG D 449 -28.01 50.36 -6.78
CA ARG D 449 -28.51 50.88 -5.52
C ARG D 449 -28.02 52.30 -5.28
N ALA D 450 -26.74 52.56 -5.56
CA ALA D 450 -26.18 53.89 -5.32
C ALA D 450 -26.82 54.94 -6.22
N LEU D 451 -27.10 54.58 -7.47
CA LEU D 451 -27.69 55.52 -8.41
C LEU D 451 -29.15 55.84 -8.09
N THR D 452 -29.84 54.96 -7.35
CA THR D 452 -31.27 55.09 -7.14
C THR D 452 -31.66 55.19 -5.67
N ASN D 453 -30.71 55.44 -4.76
CA ASN D 453 -30.98 55.50 -3.32
C ASN D 453 -31.65 54.20 -2.86
N ASN D 454 -31.08 53.08 -3.30
CA ASN D 454 -31.52 51.74 -2.94
C ASN D 454 -32.94 51.43 -3.42
N LYS D 455 -33.49 52.25 -4.32
CA LYS D 455 -34.81 51.98 -4.88
C LYS D 455 -34.73 50.96 -6.00
N ARG D 456 -33.57 50.77 -6.62
CA ARG D 456 -33.37 49.78 -7.65
C ARG D 456 -32.18 48.90 -7.27
N SER D 457 -32.22 47.65 -7.73
CA SER D 457 -31.14 46.71 -7.49
C SER D 457 -31.03 45.78 -8.70
N ILE D 458 -30.16 44.78 -8.60
CA ILE D 458 -30.02 43.83 -9.70
C ILE D 458 -31.29 43.01 -9.88
N ASP D 459 -32.14 42.93 -8.85
CA ASP D 459 -33.44 42.28 -9.01
C ASP D 459 -34.25 42.93 -10.11
N ASP D 460 -34.15 44.25 -10.24
CA ASP D 460 -34.90 44.94 -11.29
C ASP D 460 -34.36 44.62 -12.67
N PHE D 461 -33.05 44.41 -12.80
CA PHE D 461 -32.52 43.94 -14.08
C PHE D 461 -33.02 42.55 -14.41
N GLY D 462 -33.02 41.65 -13.41
CA GLY D 462 -33.48 40.30 -13.64
C GLY D 462 -34.90 40.23 -14.16
N LYS D 463 -35.81 40.98 -13.52
CA LYS D 463 -37.19 41.01 -13.97
C LYS D 463 -37.32 41.65 -15.35
N ALA D 464 -36.61 42.75 -15.59
CA ALA D 464 -36.73 43.43 -16.87
C ALA D 464 -36.13 42.63 -18.01
N PHE D 465 -34.98 41.99 -17.77
CA PHE D 465 -34.27 41.31 -18.84
C PHE D 465 -34.76 39.89 -19.08
N PHE D 466 -35.27 39.21 -18.05
CA PHE D 466 -35.66 37.81 -18.19
C PHE D 466 -37.13 37.52 -17.92
N GLY D 467 -37.90 38.49 -17.42
CA GLY D 467 -39.26 38.24 -16.97
C GLY D 467 -40.36 38.37 -18.00
N LYS D 469 -42.71 37.40 -21.37
CA LYS D 469 -43.22 36.23 -22.08
C LYS D 469 -43.22 34.97 -21.21
N ASN D 470 -44.05 35.01 -20.16
CA ASN D 470 -44.20 33.85 -19.29
C ASN D 470 -44.70 32.65 -20.08
N GLY D 471 -44.11 31.49 -19.82
CA GLY D 471 -44.46 30.27 -20.50
C GLY D 471 -43.65 29.98 -21.75
N ASP D 472 -43.02 30.99 -22.33
CA ASP D 472 -42.21 30.80 -23.52
C ASP D 472 -40.89 30.12 -23.16
N TRP D 473 -40.60 29.01 -23.82
CA TRP D 473 -39.29 28.38 -23.66
C TRP D 473 -38.62 28.16 -25.02
N ASP D 474 -38.89 29.04 -25.97
CA ASP D 474 -38.01 29.18 -27.12
C ASP D 474 -36.79 30.01 -26.72
N VAL D 475 -35.94 30.33 -27.67
CA VAL D 475 -34.74 31.12 -27.41
C VAL D 475 -35.03 32.57 -27.74
N ASN D 476 -34.68 33.47 -26.83
CA ASN D 476 -34.84 34.91 -27.01
C ASN D 476 -33.44 35.50 -26.97
N PRO D 477 -32.78 35.64 -28.12
CA PRO D 477 -31.36 36.04 -28.12
C PRO D 477 -31.19 37.49 -27.72
N TYR D 478 -29.96 37.81 -27.31
CA TYR D 478 -29.60 39.18 -26.95
C TYR D 478 -28.17 39.46 -27.39
N THR D 479 -27.84 40.75 -27.46
CA THR D 479 -26.49 41.20 -27.75
C THR D 479 -25.98 42.02 -26.58
N PHE D 480 -24.70 42.41 -26.66
CA PHE D 480 -24.12 43.26 -25.63
C PHE D 480 -24.91 44.55 -25.47
N ASP D 481 -25.30 45.16 -26.60
CA ASP D 481 -26.06 46.41 -26.54
C ASP D 481 -27.39 46.22 -25.84
N ASP D 482 -27.99 45.03 -25.93
CA ASP D 482 -29.25 44.77 -25.22
C ASP D 482 -29.03 44.77 -23.72
N ILE D 483 -27.90 44.23 -23.25
CA ILE D 483 -27.60 44.24 -21.83
C ILE D 483 -27.49 45.67 -21.32
N VAL D 484 -26.72 46.50 -22.04
CA VAL D 484 -26.53 47.90 -21.67
C VAL D 484 -27.87 48.63 -21.63
N SER D 485 -28.70 48.41 -22.66
CA SER D 485 -29.96 49.14 -22.75
C SER D 485 -30.88 48.81 -21.58
N THR D 486 -30.97 47.53 -21.21
CA THR D 486 -31.84 47.16 -20.10
C THR D 486 -31.30 47.70 -18.78
N LEU D 487 -29.98 47.62 -18.57
CA LEU D 487 -29.38 48.24 -17.39
C LEU D 487 -29.66 49.74 -17.34
N ASN D 488 -29.50 50.41 -18.48
CA ASN D 488 -29.76 51.85 -18.53
C ASN D 488 -31.21 52.18 -18.23
N GLY D 489 -32.14 51.30 -18.62
CA GLY D 489 -33.54 51.52 -18.29
C GLY D 489 -33.83 51.40 -16.81
N VAL D 490 -33.07 50.55 -16.11
CA VAL D 490 -33.24 50.45 -14.65
C VAL D 490 -32.71 51.71 -13.98
N ALA D 491 -31.52 52.16 -14.38
CA ALA D 491 -30.92 53.37 -13.86
C ALA D 491 -29.96 53.90 -14.90
N ALA D 492 -30.14 55.16 -15.31
CA ALA D 492 -29.32 55.74 -16.36
C ALA D 492 -27.87 55.82 -15.93
N PHE D 493 -26.98 55.33 -16.78
CA PHE D 493 -25.54 55.27 -16.51
C PHE D 493 -24.84 54.77 -17.76
N ASP D 494 -23.53 55.06 -17.84
CA ASP D 494 -22.71 54.56 -18.94
C ASP D 494 -22.33 53.11 -18.66
N TRP D 495 -23.31 52.23 -18.82
CA TRP D 495 -23.12 50.82 -18.50
C TRP D 495 -22.17 50.14 -19.48
N ALA D 496 -22.12 50.61 -20.73
CA ALA D 496 -21.20 50.03 -21.70
C ALA D 496 -19.75 50.18 -21.23
N SER D 497 -19.38 51.38 -20.78
CA SER D 497 -18.02 51.58 -20.28
C SER D 497 -17.77 50.80 -19.01
N PHE D 498 -18.76 50.76 -18.10
CA PHE D 498 -18.58 50.02 -16.85
C PHE D 498 -18.31 48.54 -17.11
N LEU D 499 -19.14 47.93 -17.97
CA LEU D 499 -18.98 46.49 -18.25
C LEU D 499 -17.65 46.21 -18.92
N ARG D 500 -17.30 47.00 -19.93
CA ARG D 500 -16.05 46.76 -20.65
C ARG D 500 -14.84 47.03 -19.76
N SER D 501 -14.90 48.05 -18.91
CA SER D 501 -13.77 48.32 -18.02
C SER D 501 -13.53 47.15 -17.06
N ARG D 502 -14.58 46.43 -16.68
CA ARG D 502 -14.38 45.31 -15.76
C ARG D 502 -13.93 44.06 -16.50
N ASP D 504 -12.75 43.78 -19.78
CA ASP D 504 -11.57 44.00 -20.60
C ASP D 504 -10.42 44.60 -19.80
N GLY D 505 -10.57 44.73 -18.48
CA GLY D 505 -9.58 45.38 -17.66
C GLY D 505 -8.74 44.39 -16.86
N HIS D 506 -7.77 44.96 -16.14
CA HIS D 506 -6.91 44.19 -15.26
C HIS D 506 -7.05 44.63 -13.80
N GLY D 507 -7.97 45.54 -13.51
CA GLY D 507 -8.14 46.08 -12.18
C GLY D 507 -9.05 45.24 -11.30
N SER D 508 -9.39 45.80 -10.14
CA SER D 508 -10.14 45.06 -9.14
C SER D 508 -11.56 44.80 -9.60
N LEU D 509 -12.07 43.62 -9.26
CA LEU D 509 -13.45 43.25 -9.51
C LEU D 509 -14.30 43.25 -8.25
N ILE D 510 -13.71 43.49 -7.09
CA ILE D 510 -14.37 43.27 -5.81
C ILE D 510 -14.94 44.56 -5.23
N GLY D 511 -15.12 45.60 -6.06
CA GLY D 511 -15.64 46.85 -5.57
C GLY D 511 -17.06 46.77 -5.02
N GLY D 512 -17.83 45.78 -5.47
CA GLY D 512 -19.19 45.61 -4.99
C GLY D 512 -19.30 45.23 -3.53
N ILE D 513 -18.24 44.62 -2.97
CA ILE D 513 -18.26 44.24 -1.56
C ILE D 513 -18.38 45.48 -0.67
N GLU D 514 -17.41 46.39 -0.80
CA GLU D 514 -17.42 47.57 0.06
C GLU D 514 -18.54 48.54 -0.31
N ALA D 515 -18.91 48.62 -1.59
CA ALA D 515 -20.00 49.51 -1.98
C ALA D 515 -21.31 49.06 -1.34
N ASN D 516 -21.47 47.77 -1.07
CA ASN D 516 -22.66 47.24 -0.41
C ASN D 516 -22.48 47.09 1.11
N GLY D 517 -21.42 47.67 1.68
CA GLY D 517 -21.33 47.83 3.11
C GLY D 517 -20.45 46.86 3.88
N TRP D 518 -19.62 46.08 3.21
CA TRP D 518 -18.77 45.10 3.89
C TRP D 518 -17.31 45.25 3.42
N LYS D 519 -16.41 44.55 4.09
CA LYS D 519 -14.99 44.62 3.76
C LYS D 519 -14.38 43.23 3.83
N LEU D 520 -13.57 42.90 2.82
CA LEU D 520 -12.87 41.61 2.79
C LEU D 520 -11.66 41.67 3.71
N VAL D 521 -11.61 40.77 4.69
CA VAL D 521 -10.51 40.70 5.64
C VAL D 521 -9.98 39.27 5.67
N TYR D 522 -8.79 39.12 6.25
CA TYR D 522 -8.14 37.83 6.43
C TYR D 522 -7.69 37.69 7.88
N ASN D 523 -7.93 36.50 8.45
CA ASN D 523 -7.45 36.19 9.79
C ASN D 523 -7.25 34.68 9.88
N ASP D 524 -6.91 34.21 11.08
CA ASP D 524 -6.64 32.80 11.29
C ASP D 524 -7.90 31.97 11.57
N GLU D 525 -9.07 32.59 11.54
CA GLU D 525 -10.30 31.83 11.69
C GLU D 525 -10.62 31.12 10.39
N PRO D 526 -10.86 29.82 10.40
CA PRO D 526 -11.07 29.09 9.15
C PRO D 526 -12.32 29.57 8.42
N ASN D 527 -12.22 29.60 7.09
CA ASN D 527 -13.38 29.89 6.27
C ASN D 527 -14.33 28.69 6.31
N LEU D 528 -15.63 28.98 6.45
CA LEU D 528 -16.62 27.90 6.61
C LEU D 528 -16.59 26.94 5.44
N ALA D 529 -16.46 27.46 4.21
CA ALA D 529 -16.35 26.59 3.05
C ALA D 529 -15.04 25.80 3.08
N THR D 530 -13.93 26.50 3.32
CA THR D 530 -12.64 25.83 3.40
C THR D 530 -12.63 24.78 4.50
N LYS D 531 -13.17 25.12 5.68
CA LYS D 531 -13.23 24.16 6.78
C LYS D 531 -14.00 22.92 6.39
N THR D 532 -15.19 23.09 5.80
CA THR D 532 -15.99 21.93 5.39
C THR D 532 -15.29 21.14 4.28
N ASP D 533 -14.70 21.84 3.31
CA ASP D 533 -14.06 21.14 2.19
C ASP D 533 -12.67 20.65 2.54
N GLU D 534 -12.13 21.07 3.67
CA GLU D 534 -10.84 20.61 4.16
C GLU D 534 -11.07 19.98 5.53
N SER D 535 -11.87 18.92 5.54
CA SER D 535 -12.22 18.19 6.75
C SER D 535 -12.48 16.75 6.35
N ASP D 536 -12.40 15.86 7.34
CA ASP D 536 -12.49 14.42 7.11
C ASP D 536 -11.31 13.94 6.25
N ASP D 537 -11.04 14.64 5.15
CA ASP D 537 -9.88 14.33 4.32
C ASP D 537 -8.57 14.79 4.93
N LYS D 538 -8.63 15.71 5.90
CA LYS D 538 -7.45 16.25 6.57
C LYS D 538 -6.48 16.90 5.58
N ASP D 539 -7.02 17.60 4.59
CA ASP D 539 -6.20 18.34 3.63
C ASP D 539 -5.80 19.69 4.22
N ALA D 540 -5.06 20.48 3.45
CA ALA D 540 -4.58 21.77 3.93
C ALA D 540 -4.60 22.77 2.79
N SER D 541 -5.52 23.74 2.85
CA SER D 541 -5.58 24.86 1.91
C SER D 541 -4.85 26.04 2.53
N LEU D 542 -3.70 26.39 1.95
CA LEU D 542 -2.84 27.45 2.49
C LEU D 542 -2.55 28.50 1.42
N THR D 543 -3.56 28.82 0.61
CA THR D 543 -3.35 29.69 -0.54
C THR D 543 -2.83 31.07 -0.13
N TYR D 544 -3.38 31.64 0.93
CA TYR D 544 -3.08 33.00 1.33
C TYR D 544 -2.03 33.08 2.43
N SER D 545 -1.43 31.94 2.80
CA SER D 545 -0.27 31.95 3.69
C SER D 545 0.96 31.48 2.93
N LEU D 546 1.14 30.17 2.79
CA LEU D 546 2.27 29.62 2.07
C LEU D 546 2.08 29.60 0.56
N GLY D 547 0.90 29.96 0.06
CA GLY D 547 0.69 30.00 -1.38
C GLY D 547 0.61 28.63 -2.02
N SER D 549 -1.72 24.48 -1.77
CA SER D 549 -2.66 23.56 -1.15
C SER D 549 -2.04 22.17 -1.14
N LEU D 550 -2.37 21.39 -0.11
CA LEU D 550 -1.79 20.06 0.04
C LEU D 550 -2.87 19.05 0.41
N LYS D 551 -2.66 17.82 -0.02
CA LYS D 551 -3.46 16.71 0.49
C LYS D 551 -2.88 16.25 1.83
N ALA D 552 -3.65 15.41 2.53
CA ALA D 552 -3.19 14.87 3.81
C ALA D 552 -1.87 14.12 3.65
N SER D 553 -1.62 13.53 2.48
CA SER D 553 -0.38 12.81 2.24
C SER D 553 0.85 13.73 2.21
N GLY D 554 0.64 15.04 2.06
CA GLY D 554 1.74 15.96 1.85
C GLY D 554 2.00 16.32 0.40
N ASP D 555 1.33 15.65 -0.54
CA ASP D 555 1.46 16.00 -1.95
C ASP D 555 0.86 17.38 -2.20
N ILE D 556 1.62 18.23 -2.88
CA ILE D 556 1.12 19.56 -3.23
C ILE D 556 0.10 19.42 -4.36
N SER D 557 -1.09 19.98 -4.14
CA SER D 557 -2.17 19.90 -5.11
C SER D 557 -2.37 21.19 -5.90
N ASP D 558 -1.79 22.29 -5.46
CA ASP D 558 -1.90 23.57 -6.15
C ASP D 558 -0.84 24.51 -5.60
N VAL D 559 -0.32 25.38 -6.48
CA VAL D 559 0.69 26.37 -6.10
C VAL D 559 0.27 27.71 -6.68
N LEU D 560 0.25 28.73 -5.82
CA LEU D 560 -0.08 30.08 -6.25
C LEU D 560 1.13 30.74 -6.91
N TRP D 561 0.93 31.23 -8.13
CA TRP D 561 1.97 31.94 -8.87
C TRP D 561 2.51 33.11 -8.04
N ASP D 562 3.84 33.20 -7.96
CA ASP D 562 4.59 34.23 -7.24
C ASP D 562 4.41 34.17 -5.74
N GLY D 563 3.85 33.10 -5.20
CA GLY D 563 3.72 32.94 -3.76
C GLY D 563 4.96 32.32 -3.15
N PRO D 564 4.97 32.16 -1.82
CA PRO D 564 6.17 31.62 -1.16
C PRO D 564 6.56 30.23 -1.64
N ALA D 565 5.59 29.33 -1.80
CA ALA D 565 5.90 27.98 -2.30
C ALA D 565 6.43 28.05 -3.72
N PHE D 566 5.81 28.88 -4.57
CA PHE D 566 6.28 29.09 -5.93
C PHE D 566 7.72 29.58 -5.94
N ASN D 567 8.06 30.52 -5.05
CA ASN D 567 9.39 31.10 -5.05
C ASN D 567 10.45 30.14 -4.49
N ALA D 568 10.04 29.04 -3.88
CA ALA D 568 10.98 27.98 -3.53
C ALA D 568 11.11 26.92 -4.62
N GLY D 569 10.54 27.17 -5.80
CA GLY D 569 10.61 26.23 -6.89
C GLY D 569 9.63 25.07 -6.81
N LEU D 570 8.71 25.08 -5.84
CA LEU D 570 7.79 23.97 -5.68
C LEU D 570 6.72 24.00 -6.77
N ILE D 571 6.32 22.80 -7.20
CA ILE D 571 5.23 22.64 -8.15
C ILE D 571 4.29 21.56 -7.65
N THR D 572 3.06 21.59 -8.16
CA THR D 572 2.10 20.52 -7.92
C THR D 572 2.72 19.16 -8.24
N GLY D 573 2.55 18.21 -7.34
CA GLY D 573 3.14 16.90 -7.49
C GLY D 573 4.38 16.68 -6.63
N ASN D 574 5.10 17.76 -6.31
CA ASN D 574 6.10 17.66 -5.26
C ASN D 574 5.41 17.31 -3.94
N THR D 575 6.19 16.78 -3.00
CA THR D 575 5.66 16.33 -1.72
C THR D 575 6.37 17.02 -0.58
N ILE D 576 5.60 17.59 0.34
CA ILE D 576 6.15 18.08 1.60
C ILE D 576 6.30 16.88 2.53
N VAL D 577 7.55 16.47 2.77
CA VAL D 577 7.79 15.27 3.56
C VAL D 577 7.77 15.58 5.04
N ALA D 578 8.40 16.68 5.46
CA ALA D 578 8.47 17.02 6.86
C ALA D 578 8.46 18.53 7.02
N VAL D 579 8.07 18.98 8.22
CA VAL D 579 8.03 20.39 8.57
C VAL D 579 8.82 20.57 9.86
N ASN D 580 9.91 21.33 9.78
CA ASN D 580 10.84 21.49 10.91
C ASN D 580 11.27 20.13 11.45
N GLY D 581 11.48 19.18 10.54
CA GLY D 581 11.96 17.85 10.89
C GLY D 581 10.89 16.86 11.31
N ARG D 582 9.63 17.27 11.40
CA ARG D 582 8.56 16.38 11.82
C ARG D 582 7.74 15.95 10.60
N ALA D 583 7.43 14.65 10.53
CA ALA D 583 6.67 14.10 9.42
C ALA D 583 5.40 14.90 9.18
N PHE D 584 5.10 15.12 7.90
CA PHE D 584 4.04 16.06 7.54
C PHE D 584 2.67 15.58 8.01
N SER D 585 1.89 16.52 8.50
CA SER D 585 0.44 16.39 8.60
C SER D 585 -0.14 17.78 8.43
N SER D 586 -1.44 17.85 8.14
CA SER D 586 -2.09 19.15 8.02
C SER D 586 -1.98 19.94 9.32
N ASP D 587 -2.20 19.28 10.46
CA ASP D 587 -2.05 19.98 11.74
C ASP D 587 -0.62 20.44 11.96
N VAL D 588 0.36 19.64 11.53
CA VAL D 588 1.75 19.97 11.77
C VAL D 588 2.16 21.22 11.00
N ILE D 589 1.80 21.29 9.71
CA ILE D 589 2.22 22.45 8.92
C ILE D 589 1.46 23.69 9.35
N LYS D 590 0.18 23.55 9.75
CA LYS D 590 -0.57 24.70 10.23
C LYS D 590 0.00 25.23 11.54
N ASP D 591 0.35 24.32 12.47
CA ASP D 591 0.94 24.75 13.72
C ASP D 591 2.29 25.43 13.48
N ALA D 592 3.06 24.93 12.52
CA ALA D 592 4.34 25.56 12.22
C ALA D 592 4.15 26.94 11.60
N ILE D 593 3.11 27.12 10.79
CA ILE D 593 2.83 28.43 10.22
C ILE D 593 2.45 29.41 11.32
N THR D 594 1.59 28.98 12.26
CA THR D 594 1.22 29.83 13.38
C THR D 594 2.43 30.14 14.25
N ALA D 595 3.29 29.14 14.49
CA ALA D 595 4.46 29.35 15.33
C ALA D 595 5.44 30.34 14.70
N ALA D 596 5.43 30.46 13.37
CA ALA D 596 6.29 31.40 12.67
C ALA D 596 5.71 32.81 12.58
N LYS D 597 4.48 33.01 13.04
CA LYS D 597 3.83 34.31 12.89
C LYS D 597 4.52 35.35 13.76
N GLY D 598 4.94 36.45 13.15
CA GLY D 598 5.57 37.53 13.88
C GLY D 598 7.01 37.30 14.28
N THR D 599 7.59 36.14 13.98
CA THR D 599 8.98 35.84 14.31
C THR D 599 9.86 36.06 13.07
N THR D 600 11.14 35.77 13.24
CA THR D 600 12.10 35.81 12.13
C THR D 600 12.74 34.45 11.87
N VAL D 601 12.15 33.38 12.40
CA VAL D 601 12.65 32.02 12.21
C VAL D 601 11.88 31.39 11.05
N PRO D 602 12.53 31.06 9.93
CA PRO D 602 11.79 30.53 8.78
C PRO D 602 11.25 29.14 9.04
N ILE D 603 10.21 28.78 8.28
CA ILE D 603 9.66 27.44 8.30
C ILE D 603 10.53 26.52 7.45
N GLU D 604 10.98 25.42 8.03
CA GLU D 604 11.84 24.45 7.36
C GLU D 604 10.99 23.33 6.77
N LEU D 605 11.03 23.18 5.45
CA LEU D 605 10.25 22.16 4.75
C LEU D 605 11.19 21.17 4.08
N LEU D 606 11.06 19.89 4.44
CA LEU D 606 11.72 18.82 3.71
C LEU D 606 10.86 18.43 2.51
N VAL D 607 11.41 18.53 1.31
CA VAL D 607 10.64 18.41 0.08
C VAL D 607 11.18 17.27 -0.77
N LYS D 608 10.27 16.48 -1.34
CA LYS D 608 10.61 15.47 -2.33
C LYS D 608 10.18 15.96 -3.71
N ARG D 609 11.15 16.08 -4.62
CA ARG D 609 10.91 16.46 -6.01
C ARG D 609 11.34 15.28 -6.88
N LEU D 610 10.37 14.59 -7.48
CA LEU D 610 10.63 13.33 -8.16
C LEU D 610 11.35 12.38 -7.21
N ASP D 611 12.59 12.01 -7.51
CA ASP D 611 13.35 11.07 -6.69
C ASP D 611 14.45 11.75 -5.87
N ARG D 612 14.29 13.05 -5.59
CA ARG D 612 15.29 13.81 -4.85
C ARG D 612 14.66 14.51 -3.66
N TYR D 613 15.43 14.62 -2.59
CA TYR D 613 15.00 15.28 -1.36
C TYR D 613 15.86 16.51 -1.11
N ASP D 614 15.21 17.62 -0.76
CA ASP D 614 15.93 18.82 -0.37
C ASP D 614 15.10 19.56 0.67
N THR D 615 15.78 20.42 1.42
CA THR D 615 15.14 21.22 2.46
C THR D 615 15.13 22.69 2.05
N VAL D 616 13.95 23.31 2.11
CA VAL D 616 13.82 24.73 1.81
C VAL D 616 13.35 25.45 3.07
N ARG D 617 13.81 26.68 3.22
CA ARG D 617 13.44 27.53 4.35
C ARG D 617 12.61 28.69 3.82
N ILE D 618 11.36 28.78 4.28
CA ILE D 618 10.43 29.81 3.82
C ILE D 618 10.26 30.82 4.94
N ASP D 619 10.63 32.07 4.66
CA ASP D 619 10.51 33.16 5.63
C ASP D 619 9.12 33.80 5.54
N TYR D 620 8.10 33.01 5.86
CA TYR D 620 6.72 33.50 5.92
C TYR D 620 6.32 33.65 7.38
N HIS D 621 5.88 34.86 7.75
CA HIS D 621 5.58 35.17 9.14
C HIS D 621 4.23 35.86 9.30
N GLY D 622 3.32 35.67 8.35
CA GLY D 622 1.99 36.26 8.44
C GLY D 622 0.95 35.41 9.12
N GLY D 623 1.26 34.15 9.42
CA GLY D 623 0.30 33.27 10.05
C GLY D 623 -0.74 32.76 9.06
N LEU D 624 -1.68 31.98 9.59
CA LEU D 624 -2.77 31.46 8.77
C LEU D 624 -3.72 32.60 8.39
N LEU D 625 -4.13 32.63 7.13
CA LEU D 625 -4.97 33.72 6.62
C LEU D 625 -6.10 33.13 5.79
N TYR D 626 -7.33 33.26 6.29
CA TYR D 626 -8.53 32.82 5.61
C TYR D 626 -9.47 34.00 5.42
N PRO D 627 -10.17 34.06 4.28
CA PRO D 627 -10.96 35.26 3.97
C PRO D 627 -12.31 35.28 4.68
N HIS D 628 -12.70 36.48 5.10
CA HIS D 628 -14.00 36.73 5.70
C HIS D 628 -14.48 38.11 5.27
N LEU D 629 -15.77 38.35 5.47
CA LEU D 629 -16.36 39.67 5.24
C LEU D 629 -16.72 40.29 6.58
N GLU D 630 -16.38 41.55 6.75
CA GLU D 630 -16.71 42.30 7.96
C GLU D 630 -17.46 43.56 7.59
N ARG D 631 -18.39 43.94 8.46
CA ARG D 631 -19.21 45.12 8.19
C ARG D 631 -18.36 46.38 8.24
N ILE D 632 -18.68 47.34 7.38
CA ILE D 632 -18.13 48.68 7.47
C ILE D 632 -19.15 49.55 8.21
N ALA D 633 -18.80 49.94 9.44
CA ALA D 633 -19.74 50.67 10.27
C ALA D 633 -20.08 52.02 9.64
N GLY D 634 -21.31 52.45 9.84
CA GLY D 634 -21.81 53.67 9.25
C GLY D 634 -22.39 53.50 7.86
N LYS D 635 -21.91 52.48 7.10
CA LYS D 635 -22.42 52.36 5.74
C LYS D 635 -23.64 51.46 5.72
N PRO D 636 -24.57 51.68 4.80
CA PRO D 636 -25.75 50.82 4.74
C PRO D 636 -25.39 49.39 4.37
N ASP D 637 -26.11 48.44 4.99
CA ASP D 637 -25.87 47.02 4.75
C ASP D 637 -26.75 46.60 3.58
N ARG D 638 -26.29 46.91 2.38
CA ARG D 638 -26.99 46.48 1.19
C ARG D 638 -26.78 45.00 0.91
N LEU D 639 -25.66 44.44 1.36
CA LEU D 639 -25.37 43.04 1.09
C LEU D 639 -26.39 42.13 1.75
N SER D 640 -26.75 42.41 3.01
CA SER D 640 -27.75 41.59 3.68
C SER D 640 -29.13 41.73 3.02
N GLU D 641 -29.44 42.92 2.51
CA GLU D 641 -30.68 43.09 1.75
C GLU D 641 -30.69 42.20 0.51
N LEU D 642 -29.57 42.15 -0.20
CA LEU D 642 -29.49 41.35 -1.43
C LEU D 642 -29.69 39.88 -1.12
N TYR D 643 -29.09 39.40 -0.03
CA TYR D 643 -29.14 37.98 0.34
C TYR D 643 -30.35 37.61 1.17
N LYS D 644 -31.25 38.56 1.43
CA LYS D 644 -32.44 38.31 2.25
C LYS D 644 -33.56 37.73 1.39
N ALA D 645 -34.31 36.79 1.98
CA ALA D 645 -35.46 36.22 1.28
C ALA D 645 -36.49 37.30 1.00
N ARG D 646 -37.11 37.25 -0.17
CA ARG D 646 -38.13 38.21 -0.55
C ARG D 646 -39.53 37.66 -0.28
#